data_1FMB
# 
_entry.id   1FMB 
# 
_audit_conform.dict_name       mmcif_pdbx.dic 
_audit_conform.dict_version    5.389 
_audit_conform.dict_location   http://mmcif.pdb.org/dictionaries/ascii/mmcif_pdbx.dic 
# 
loop_
_database_2.database_id 
_database_2.database_code 
_database_2.pdbx_database_accession 
_database_2.pdbx_DOI 
PDB   1FMB         pdb_00001fmb 10.2210/pdb1fmb/pdb 
WWPDB D_1000173338 ?            ?                   
# 
loop_
_pdbx_audit_revision_history.ordinal 
_pdbx_audit_revision_history.data_content_type 
_pdbx_audit_revision_history.major_revision 
_pdbx_audit_revision_history.minor_revision 
_pdbx_audit_revision_history.revision_date 
1 'Structure model' 1 0 1996-10-14 
2 'Structure model' 1 1 2008-03-24 
3 'Structure model' 1 2 2011-07-13 
4 'Structure model' 1 3 2021-11-03 
5 'Structure model' 1 4 2024-02-07 
6 'Structure model' 1 5 2024-04-03 
# 
_pdbx_audit_revision_details.ordinal             1 
_pdbx_audit_revision_details.revision_ordinal    1 
_pdbx_audit_revision_details.data_content_type   'Structure model' 
_pdbx_audit_revision_details.provider            repository 
_pdbx_audit_revision_details.type                'Initial release' 
_pdbx_audit_revision_details.description         ? 
_pdbx_audit_revision_details.details             ? 
# 
loop_
_pdbx_audit_revision_group.ordinal 
_pdbx_audit_revision_group.revision_ordinal 
_pdbx_audit_revision_group.data_content_type 
_pdbx_audit_revision_group.group 
1 2 'Structure model' 'Version format compliance' 
2 3 'Structure model' 'Derived calculations'      
3 3 'Structure model' 'Version format compliance' 
4 4 'Structure model' 'Database references'       
5 4 'Structure model' 'Derived calculations'      
6 4 'Structure model' Other                       
7 5 'Structure model' 'Data collection'           
8 6 'Structure model' 'Refinement description'    
# 
loop_
_pdbx_audit_revision_category.ordinal 
_pdbx_audit_revision_category.revision_ordinal 
_pdbx_audit_revision_category.data_content_type 
_pdbx_audit_revision_category.category 
1 4 'Structure model' database_2                    
2 4 'Structure model' pdbx_database_status          
3 4 'Structure model' pdbx_struct_special_symmetry  
4 4 'Structure model' struct_ref_seq_dif            
5 4 'Structure model' struct_site                   
6 5 'Structure model' chem_comp_atom                
7 5 'Structure model' chem_comp_bond                
8 6 'Structure model' pdbx_initial_refinement_model 
# 
loop_
_pdbx_audit_revision_item.ordinal 
_pdbx_audit_revision_item.revision_ordinal 
_pdbx_audit_revision_item.data_content_type 
_pdbx_audit_revision_item.item 
1 4 'Structure model' '_database_2.pdbx_DOI'                
2 4 'Structure model' '_database_2.pdbx_database_accession' 
3 4 'Structure model' '_pdbx_database_status.process_site'  
4 4 'Structure model' '_struct_ref_seq_dif.details'         
5 4 'Structure model' '_struct_site.pdbx_auth_asym_id'      
6 4 'Structure model' '_struct_site.pdbx_auth_comp_id'      
7 4 'Structure model' '_struct_site.pdbx_auth_seq_id'       
# 
_pdbx_database_status.status_code                     REL 
_pdbx_database_status.entry_id                        1FMB 
_pdbx_database_status.recvd_initial_deposition_date   1996-02-27 
_pdbx_database_status.deposit_site                    ? 
_pdbx_database_status.process_site                    BNL 
_pdbx_database_status.SG_entry                        . 
_pdbx_database_status.pdb_format_compatible           Y 
_pdbx_database_status.status_code_mr                  ? 
_pdbx_database_status.status_code_sf                  ? 
_pdbx_database_status.status_code_cs                  ? 
_pdbx_database_status.status_code_nmr_data            ? 
_pdbx_database_status.methods_development_category    ? 
# 
loop_
_audit_author.name 
_audit_author.pdbx_ordinal 
'Wlodawer, A.'  1 
'Gustchina, A.' 2 
'Zdanov, A.'    3 
'Kervinen, J.'  4 
# 
_citation.id                        primary 
_citation.title                     'Structure of equine infectious anemia virus proteinase complexed with an inhibitor.' 
_citation.journal_abbrev            'Protein Sci.' 
_citation.journal_volume            5 
_citation.page_first                1453 
_citation.page_last                 1465 
_citation.year                      1996 
_citation.journal_id_ASTM           PRCIEI 
_citation.country                   US 
_citation.journal_id_ISSN           0961-8368 
_citation.journal_id_CSD            0795 
_citation.book_publisher            ? 
_citation.pdbx_database_id_PubMed   8844837 
_citation.pdbx_database_id_DOI      ? 
# 
loop_
_citation_author.citation_id 
_citation_author.name 
_citation_author.ordinal 
_citation_author.identifier_ORCID 
primary 'Gustchina, A.' 1 ? 
primary 'Kervinen, J.'  2 ? 
primary 'Powell, D.J.'  3 ? 
primary 'Zdanov, A.'    4 ? 
primary 'Kay, J.'       5 ? 
primary 'Wlodawer, A.'  6 ? 
# 
loop_
_entity.id 
_entity.type 
_entity.src_method 
_entity.pdbx_description 
_entity.formula_weight 
_entity.pdbx_number_of_molecules 
_entity.pdbx_ec 
_entity.pdbx_mutation 
_entity.pdbx_fragment 
_entity.details 
1 polymer     man 'EIAV PROTEASE'                                                                              11392.265 1   
3.4.23.16 I54G ? ? 
2 non-polymer syn '[2-(2-METHYL-PROPANE-2-SULFONYLMETHYL)-3-NAPHTHALEN-1-YL-PROPIONYL-VALINYL]-PHENYLALANINOL' 566.751   1   ? ? ? 
? 
3 water       nat water                                                                                        18.015    128 ? ? ? 
? 
# 
_entity_poly.entity_id                      1 
_entity_poly.type                           'polypeptide(L)' 
_entity_poly.nstd_linkage                   no 
_entity_poly.nstd_monomer                   no 
_entity_poly.pdbx_seq_one_letter_code       
;VTYNLEKRPTTIVLINDTPLNVLLDTGADTSVLTTAHYNRLKYRGRKYQGTGIGGVGGNVETFSTPVTIKKKGRHIKTRM
LVADIPVTILGRDILQDLGAKLVL
;
_entity_poly.pdbx_seq_one_letter_code_can   
;VTYNLEKRPTTIVLINDTPLNVLLDTGADTSVLTTAHYNRLKYRGRKYQGTGIGGVGGNVETFSTPVTIKKKGRHIKTRM
LVADIPVTILGRDILQDLGAKLVL
;
_entity_poly.pdbx_strand_id                 A 
_entity_poly.pdbx_target_identifier         ? 
# 
loop_
_pdbx_entity_nonpoly.entity_id 
_pdbx_entity_nonpoly.name 
_pdbx_entity_nonpoly.comp_id 
2 '[2-(2-METHYL-PROPANE-2-SULFONYLMETHYL)-3-NAPHTHALEN-1-YL-PROPIONYL-VALINYL]-PHENYLALANINOL' HYB 
3 water                                                                                        HOH 
# 
loop_
_entity_poly_seq.entity_id 
_entity_poly_seq.num 
_entity_poly_seq.mon_id 
_entity_poly_seq.hetero 
1 1   VAL n 
1 2   THR n 
1 3   TYR n 
1 4   ASN n 
1 5   LEU n 
1 6   GLU n 
1 7   LYS n 
1 8   ARG n 
1 9   PRO n 
1 10  THR n 
1 11  THR n 
1 12  ILE n 
1 13  VAL n 
1 14  LEU n 
1 15  ILE n 
1 16  ASN n 
1 17  ASP n 
1 18  THR n 
1 19  PRO n 
1 20  LEU n 
1 21  ASN n 
1 22  VAL n 
1 23  LEU n 
1 24  LEU n 
1 25  ASP n 
1 26  THR n 
1 27  GLY n 
1 28  ALA n 
1 29  ASP n 
1 30  THR n 
1 31  SER n 
1 32  VAL n 
1 33  LEU n 
1 34  THR n 
1 35  THR n 
1 36  ALA n 
1 37  HIS n 
1 38  TYR n 
1 39  ASN n 
1 40  ARG n 
1 41  LEU n 
1 42  LYS n 
1 43  TYR n 
1 44  ARG n 
1 45  GLY n 
1 46  ARG n 
1 47  LYS n 
1 48  TYR n 
1 49  GLN n 
1 50  GLY n 
1 51  THR n 
1 52  GLY n 
1 53  ILE n 
1 54  GLY n 
1 55  GLY n 
1 56  VAL n 
1 57  GLY n 
1 58  GLY n 
1 59  ASN n 
1 60  VAL n 
1 61  GLU n 
1 62  THR n 
1 63  PHE n 
1 64  SER n 
1 65  THR n 
1 66  PRO n 
1 67  VAL n 
1 68  THR n 
1 69  ILE n 
1 70  LYS n 
1 71  LYS n 
1 72  LYS n 
1 73  GLY n 
1 74  ARG n 
1 75  HIS n 
1 76  ILE n 
1 77  LYS n 
1 78  THR n 
1 79  ARG n 
1 80  MET n 
1 81  LEU n 
1 82  VAL n 
1 83  ALA n 
1 84  ASP n 
1 85  ILE n 
1 86  PRO n 
1 87  VAL n 
1 88  THR n 
1 89  ILE n 
1 90  LEU n 
1 91  GLY n 
1 92  ARG n 
1 93  ASP n 
1 94  ILE n 
1 95  LEU n 
1 96  GLN n 
1 97  ASP n 
1 98  LEU n 
1 99  GLY n 
1 100 ALA n 
1 101 LYS n 
1 102 LEU n 
1 103 VAL n 
1 104 LEU n 
# 
_entity_src_gen.entity_id                          1 
_entity_src_gen.pdbx_src_id                        1 
_entity_src_gen.pdbx_alt_source_flag               sample 
_entity_src_gen.pdbx_seq_type                      ? 
_entity_src_gen.pdbx_beg_seq_num                   ? 
_entity_src_gen.pdbx_end_seq_num                   ? 
_entity_src_gen.gene_src_common_name               ? 
_entity_src_gen.gene_src_genus                     Lentivirus 
_entity_src_gen.pdbx_gene_src_gene                 ? 
_entity_src_gen.gene_src_species                   ? 
_entity_src_gen.gene_src_strain                    ? 
_entity_src_gen.gene_src_tissue                    ? 
_entity_src_gen.gene_src_tissue_fraction           ? 
_entity_src_gen.gene_src_details                   ? 
_entity_src_gen.pdbx_gene_src_fragment             ? 
_entity_src_gen.pdbx_gene_src_scientific_name      'Equine infectious anemia virus' 
_entity_src_gen.pdbx_gene_src_ncbi_taxonomy_id     11665 
_entity_src_gen.pdbx_gene_src_variant              ? 
_entity_src_gen.pdbx_gene_src_cell_line            ? 
_entity_src_gen.pdbx_gene_src_atcc                 ? 
_entity_src_gen.pdbx_gene_src_organ                ? 
_entity_src_gen.pdbx_gene_src_organelle            ? 
_entity_src_gen.pdbx_gene_src_cell                 ? 
_entity_src_gen.pdbx_gene_src_cellular_location    ? 
_entity_src_gen.host_org_common_name               ? 
_entity_src_gen.pdbx_host_org_scientific_name      'Escherichia coli BL21' 
_entity_src_gen.pdbx_host_org_ncbi_taxonomy_id     511693 
_entity_src_gen.host_org_genus                     Escherichia 
_entity_src_gen.pdbx_host_org_gene                 ? 
_entity_src_gen.pdbx_host_org_organ                ? 
_entity_src_gen.host_org_species                   'Escherichia coli' 
_entity_src_gen.pdbx_host_org_tissue               ? 
_entity_src_gen.pdbx_host_org_tissue_fraction      ? 
_entity_src_gen.pdbx_host_org_strain               BL21 
_entity_src_gen.pdbx_host_org_variant              ? 
_entity_src_gen.pdbx_host_org_cell_line            ? 
_entity_src_gen.pdbx_host_org_atcc                 ? 
_entity_src_gen.pdbx_host_org_culture_collection   ? 
_entity_src_gen.pdbx_host_org_cell                 ? 
_entity_src_gen.pdbx_host_org_organelle            ? 
_entity_src_gen.pdbx_host_org_cellular_location    ? 
_entity_src_gen.pdbx_host_org_vector_type          ? 
_entity_src_gen.pdbx_host_org_vector               ? 
_entity_src_gen.host_org_details                   ? 
_entity_src_gen.expression_system_id               ? 
_entity_src_gen.plasmid_name                       PET-226 
_entity_src_gen.plasmid_details                    ? 
_entity_src_gen.pdbx_description                   ? 
# 
loop_
_chem_comp.id 
_chem_comp.type 
_chem_comp.mon_nstd_flag 
_chem_comp.name 
_chem_comp.pdbx_synonyms 
_chem_comp.formula 
_chem_comp.formula_weight 
ALA 'L-peptide linking' y ALANINE                                                                                      ? 
'C3 H7 N O2'      89.093  
ARG 'L-peptide linking' y ARGININE                                                                                     ? 
'C6 H15 N4 O2 1'  175.209 
ASN 'L-peptide linking' y ASPARAGINE                                                                                   ? 
'C4 H8 N2 O3'     132.118 
ASP 'L-peptide linking' y 'ASPARTIC ACID'                                                                              ? 
'C4 H7 N O4'      133.103 
GLN 'L-peptide linking' y GLUTAMINE                                                                                    ? 
'C5 H10 N2 O3'    146.144 
GLU 'L-peptide linking' y 'GLUTAMIC ACID'                                                                              ? 
'C5 H9 N O4'      147.129 
GLY 'peptide linking'   y GLYCINE                                                                                      ? 
'C2 H5 N O2'      75.067  
HIS 'L-peptide linking' y HISTIDINE                                                                                    ? 
'C6 H10 N3 O2 1'  156.162 
HOH non-polymer         . WATER                                                                                        ? 'H2 O' 
18.015  
HYB non-polymer         . '[2-(2-METHYL-PROPANE-2-SULFONYLMETHYL)-3-NAPHTHALEN-1-YL-PROPIONYL-VALINYL]-PHENYLALANINOL' ? 
'C32 H42 N2 O5 S' 566.751 
ILE 'L-peptide linking' y ISOLEUCINE                                                                                   ? 
'C6 H13 N O2'     131.173 
LEU 'L-peptide linking' y LEUCINE                                                                                      ? 
'C6 H13 N O2'     131.173 
LYS 'L-peptide linking' y LYSINE                                                                                       ? 
'C6 H15 N2 O2 1'  147.195 
MET 'L-peptide linking' y METHIONINE                                                                                   ? 
'C5 H11 N O2 S'   149.211 
PHE 'L-peptide linking' y PHENYLALANINE                                                                                ? 
'C9 H11 N O2'     165.189 
PRO 'L-peptide linking' y PROLINE                                                                                      ? 
'C5 H9 N O2'      115.130 
SER 'L-peptide linking' y SERINE                                                                                       ? 
'C3 H7 N O3'      105.093 
THR 'L-peptide linking' y THREONINE                                                                                    ? 
'C4 H9 N O3'      119.119 
TYR 'L-peptide linking' y TYROSINE                                                                                     ? 
'C9 H11 N O3'     181.189 
VAL 'L-peptide linking' y VALINE                                                                                       ? 
'C5 H11 N O2'     117.146 
# 
loop_
_pdbx_poly_seq_scheme.asym_id 
_pdbx_poly_seq_scheme.entity_id 
_pdbx_poly_seq_scheme.seq_id 
_pdbx_poly_seq_scheme.mon_id 
_pdbx_poly_seq_scheme.ndb_seq_num 
_pdbx_poly_seq_scheme.pdb_seq_num 
_pdbx_poly_seq_scheme.auth_seq_num 
_pdbx_poly_seq_scheme.pdb_mon_id 
_pdbx_poly_seq_scheme.auth_mon_id 
_pdbx_poly_seq_scheme.pdb_strand_id 
_pdbx_poly_seq_scheme.pdb_ins_code 
_pdbx_poly_seq_scheme.hetero 
A 1 1   VAL 1   1   1   VAL VAL A . n 
A 1 2   THR 2   2   2   THR THR A . n 
A 1 3   TYR 3   3   3   TYR TYR A . n 
A 1 4   ASN 4   4   4   ASN ASN A . n 
A 1 5   LEU 5   5   5   LEU LEU A . n 
A 1 6   GLU 6   6   6   GLU GLU A . n 
A 1 7   LYS 7   7   7   LYS LYS A . n 
A 1 8   ARG 8   8   8   ARG ARG A . n 
A 1 9   PRO 9   9   9   PRO PRO A . n 
A 1 10  THR 10  10  10  THR THR A . n 
A 1 11  THR 11  11  11  THR THR A . n 
A 1 12  ILE 12  12  12  ILE ILE A . n 
A 1 13  VAL 13  13  13  VAL VAL A . n 
A 1 14  LEU 14  14  14  LEU LEU A . n 
A 1 15  ILE 15  15  15  ILE ILE A . n 
A 1 16  ASN 16  16  16  ASN ASN A . n 
A 1 17  ASP 17  17  17  ASP ASP A . n 
A 1 18  THR 18  18  18  THR THR A . n 
A 1 19  PRO 19  19  19  PRO PRO A . n 
A 1 20  LEU 20  20  20  LEU LEU A . n 
A 1 21  ASN 21  21  21  ASN ASN A . n 
A 1 22  VAL 22  22  22  VAL VAL A . n 
A 1 23  LEU 23  23  23  LEU LEU A . n 
A 1 24  LEU 24  24  24  LEU LEU A . n 
A 1 25  ASP 25  25  25  ASP ASP A . n 
A 1 26  THR 26  26  26  THR THR A . n 
A 1 27  GLY 27  27  27  GLY GLY A . n 
A 1 28  ALA 28  28  28  ALA ALA A . n 
A 1 29  ASP 29  29  29  ASP ASP A . n 
A 1 30  THR 30  30  30  THR THR A . n 
A 1 31  SER 31  31  31  SER SER A . n 
A 1 32  VAL 32  32  32  VAL VAL A . n 
A 1 33  LEU 33  33  33  LEU LEU A . n 
A 1 34  THR 34  34  34  THR THR A . n 
A 1 35  THR 35  35  35  THR THR A . n 
A 1 36  ALA 36  36  36  ALA ALA A . n 
A 1 37  HIS 37  37  37  HIS HIS A . n 
A 1 38  TYR 38  38  38  TYR TYR A . n 
A 1 39  ASN 39  39  39  ASN ASN A . n 
A 1 40  ARG 40  40  40  ARG ARG A . n 
A 1 41  LEU 41  41  41  LEU LEU A . n 
A 1 42  LYS 42  42  42  LYS LYS A . n 
A 1 43  TYR 43  43  43  TYR TYR A . n 
A 1 44  ARG 44  44  44  ARG ARG A . n 
A 1 45  GLY 45  45  45  GLY GLY A . n 
A 1 46  ARG 46  46  46  ARG ARG A . n 
A 1 47  LYS 47  47  47  LYS LYS A . n 
A 1 48  TYR 48  48  48  TYR TYR A . n 
A 1 49  GLN 49  49  49  GLN GLN A . n 
A 1 50  GLY 50  50  50  GLY GLY A . n 
A 1 51  THR 51  51  51  THR THR A . n 
A 1 52  GLY 52  52  52  GLY GLY A . n 
A 1 53  ILE 53  53  53  ILE ILE A . n 
A 1 54  GLY 54  54  54  GLY GLY A . n 
A 1 55  GLY 55  55  55  GLY GLY A . n 
A 1 56  VAL 56  56  56  VAL VAL A . n 
A 1 57  GLY 57  57  57  GLY GLY A . n 
A 1 58  GLY 58  58  58  GLY GLY A . n 
A 1 59  ASN 59  59  59  ASN ASN A . n 
A 1 60  VAL 60  60  60  VAL VAL A . n 
A 1 61  GLU 61  61  61  GLU GLU A . n 
A 1 62  THR 62  62  62  THR THR A . n 
A 1 63  PHE 63  63  63  PHE PHE A . n 
A 1 64  SER 64  64  64  SER SER A . n 
A 1 65  THR 65  65  65  THR THR A . n 
A 1 66  PRO 66  66  66  PRO PRO A . n 
A 1 67  VAL 67  67  67  VAL VAL A . n 
A 1 68  THR 68  68  68  THR THR A . n 
A 1 69  ILE 69  69  69  ILE ILE A . n 
A 1 70  LYS 70  70  70  LYS LYS A . n 
A 1 71  LYS 71  71  71  LYS LYS A . n 
A 1 72  LYS 72  72  72  LYS LYS A . n 
A 1 73  GLY 73  73  73  GLY GLY A . n 
A 1 74  ARG 74  74  74  ARG ARG A . n 
A 1 75  HIS 75  75  75  HIS HIS A . n 
A 1 76  ILE 76  76  76  ILE ILE A . n 
A 1 77  LYS 77  77  77  LYS LYS A . n 
A 1 78  THR 78  78  78  THR THR A . n 
A 1 79  ARG 79  79  79  ARG ARG A . n 
A 1 80  MET 80  80  80  MET MET A . n 
A 1 81  LEU 81  81  81  LEU LEU A . n 
A 1 82  VAL 82  82  82  VAL VAL A . n 
A 1 83  ALA 83  83  83  ALA ALA A . n 
A 1 84  ASP 84  84  84  ASP ASP A . n 
A 1 85  ILE 85  85  85  ILE ILE A . n 
A 1 86  PRO 86  86  86  PRO PRO A . n 
A 1 87  VAL 87  87  87  VAL VAL A . n 
A 1 88  THR 88  88  88  THR THR A . n 
A 1 89  ILE 89  89  89  ILE ILE A . n 
A 1 90  LEU 90  90  90  LEU LEU A . n 
A 1 91  GLY 91  91  91  GLY GLY A . n 
A 1 92  ARG 92  92  92  ARG ARG A . n 
A 1 93  ASP 93  93  93  ASP ASP A . n 
A 1 94  ILE 94  94  94  ILE ILE A . n 
A 1 95  LEU 95  95  95  LEU LEU A . n 
A 1 96  GLN 96  96  96  GLN GLN A . n 
A 1 97  ASP 97  97  97  ASP ASP A . n 
A 1 98  LEU 98  98  98  LEU LEU A . n 
A 1 99  GLY 99  99  99  GLY GLY A . n 
A 1 100 ALA 100 100 100 ALA ALA A . n 
A 1 101 LYS 101 101 101 LYS LYS A . n 
A 1 102 LEU 102 102 102 LEU LEU A . n 
A 1 103 VAL 103 103 103 VAL VAL A . n 
A 1 104 LEU 104 104 104 LEU LEU A . n 
# 
loop_
_pdbx_nonpoly_scheme.asym_id 
_pdbx_nonpoly_scheme.entity_id 
_pdbx_nonpoly_scheme.mon_id 
_pdbx_nonpoly_scheme.ndb_seq_num 
_pdbx_nonpoly_scheme.pdb_seq_num 
_pdbx_nonpoly_scheme.auth_seq_num 
_pdbx_nonpoly_scheme.pdb_mon_id 
_pdbx_nonpoly_scheme.auth_mon_id 
_pdbx_nonpoly_scheme.pdb_strand_id 
_pdbx_nonpoly_scheme.pdb_ins_code 
B 2 HYB 1   201 201 HYB HYB A . 
C 3 HOH 1   301 301 HOH HOH A . 
C 3 HOH 2   302 302 HOH HOH A . 
C 3 HOH 3   303 303 HOH HOH A . 
C 3 HOH 4   304 304 HOH HOH A . 
C 3 HOH 5   305 305 HOH HOH A . 
C 3 HOH 6   306 306 HOH HOH A . 
C 3 HOH 7   307 307 HOH HOH A . 
C 3 HOH 8   308 308 HOH HOH A . 
C 3 HOH 9   309 309 HOH HOH A . 
C 3 HOH 10  310 310 HOH HOH A . 
C 3 HOH 11  311 311 HOH HOH A . 
C 3 HOH 12  312 312 HOH HOH A . 
C 3 HOH 13  313 313 HOH HOH A . 
C 3 HOH 14  314 314 HOH HOH A . 
C 3 HOH 15  315 315 HOH HOH A . 
C 3 HOH 16  316 316 HOH HOH A . 
C 3 HOH 17  317 317 HOH HOH A . 
C 3 HOH 18  318 318 HOH HOH A . 
C 3 HOH 19  319 319 HOH HOH A . 
C 3 HOH 20  320 320 HOH HOH A . 
C 3 HOH 21  321 321 HOH HOH A . 
C 3 HOH 22  322 322 HOH HOH A . 
C 3 HOH 23  323 323 HOH HOH A . 
C 3 HOH 24  324 324 HOH HOH A . 
C 3 HOH 25  325 325 HOH HOH A . 
C 3 HOH 26  326 326 HOH HOH A . 
C 3 HOH 27  327 327 HOH HOH A . 
C 3 HOH 28  328 328 HOH HOH A . 
C 3 HOH 29  329 329 HOH HOH A . 
C 3 HOH 30  330 330 HOH HOH A . 
C 3 HOH 31  331 331 HOH HOH A . 
C 3 HOH 32  332 332 HOH HOH A . 
C 3 HOH 33  333 333 HOH HOH A . 
C 3 HOH 34  334 334 HOH HOH A . 
C 3 HOH 35  335 335 HOH HOH A . 
C 3 HOH 36  336 336 HOH HOH A . 
C 3 HOH 37  337 337 HOH HOH A . 
C 3 HOH 38  338 338 HOH HOH A . 
C 3 HOH 39  339 339 HOH HOH A . 
C 3 HOH 40  340 340 HOH HOH A . 
C 3 HOH 41  341 341 HOH HOH A . 
C 3 HOH 42  342 342 HOH HOH A . 
C 3 HOH 43  343 343 HOH HOH A . 
C 3 HOH 44  344 344 HOH HOH A . 
C 3 HOH 45  345 345 HOH HOH A . 
C 3 HOH 46  346 346 HOH HOH A . 
C 3 HOH 47  347 347 HOH HOH A . 
C 3 HOH 48  348 348 HOH HOH A . 
C 3 HOH 49  349 349 HOH HOH A . 
C 3 HOH 50  350 350 HOH HOH A . 
C 3 HOH 51  351 351 HOH HOH A . 
C 3 HOH 52  352 352 HOH HOH A . 
C 3 HOH 53  353 353 HOH HOH A . 
C 3 HOH 54  354 354 HOH HOH A . 
C 3 HOH 55  355 355 HOH HOH A . 
C 3 HOH 56  356 356 HOH HOH A . 
C 3 HOH 57  357 357 HOH HOH A . 
C 3 HOH 58  358 358 HOH HOH A . 
C 3 HOH 59  359 359 HOH HOH A . 
C 3 HOH 60  360 360 HOH HOH A . 
C 3 HOH 61  361 361 HOH HOH A . 
C 3 HOH 62  362 362 HOH HOH A . 
C 3 HOH 63  363 363 HOH HOH A . 
C 3 HOH 64  364 364 HOH HOH A . 
C 3 HOH 65  365 365 HOH HOH A . 
C 3 HOH 66  366 366 HOH HOH A . 
C 3 HOH 67  367 367 HOH HOH A . 
C 3 HOH 68  368 368 HOH HOH A . 
C 3 HOH 69  369 369 HOH HOH A . 
C 3 HOH 70  370 370 HOH HOH A . 
C 3 HOH 71  371 371 HOH HOH A . 
C 3 HOH 72  372 372 HOH HOH A . 
C 3 HOH 73  373 373 HOH HOH A . 
C 3 HOH 74  374 374 HOH HOH A . 
C 3 HOH 75  375 375 HOH HOH A . 
C 3 HOH 76  376 376 HOH HOH A . 
C 3 HOH 77  377 377 HOH HOH A . 
C 3 HOH 78  378 378 HOH HOH A . 
C 3 HOH 79  379 379 HOH HOH A . 
C 3 HOH 80  380 380 HOH HOH A . 
C 3 HOH 81  381 381 HOH HOH A . 
C 3 HOH 82  382 382 HOH HOH A . 
C 3 HOH 83  383 383 HOH HOH A . 
C 3 HOH 84  384 384 HOH HOH A . 
C 3 HOH 85  385 385 HOH HOH A . 
C 3 HOH 86  386 386 HOH HOH A . 
C 3 HOH 87  387 387 HOH HOH A . 
C 3 HOH 88  388 388 HOH HOH A . 
C 3 HOH 89  389 389 HOH HOH A . 
C 3 HOH 90  390 390 HOH HOH A . 
C 3 HOH 91  391 391 HOH HOH A . 
C 3 HOH 92  392 392 HOH HOH A . 
C 3 HOH 93  393 393 HOH HOH A . 
C 3 HOH 94  394 394 HOH HOH A . 
C 3 HOH 95  395 395 HOH HOH A . 
C 3 HOH 96  396 396 HOH HOH A . 
C 3 HOH 97  397 397 HOH HOH A . 
C 3 HOH 98  398 398 HOH HOH A . 
C 3 HOH 99  399 399 HOH HOH A . 
C 3 HOH 100 400 400 HOH HOH A . 
C 3 HOH 101 401 401 HOH HOH A . 
C 3 HOH 102 402 402 HOH HOH A . 
C 3 HOH 103 403 403 HOH HOH A . 
C 3 HOH 104 404 404 HOH HOH A . 
C 3 HOH 105 405 405 HOH HOH A . 
C 3 HOH 106 406 406 HOH HOH A . 
C 3 HOH 107 407 407 HOH HOH A . 
C 3 HOH 108 408 408 HOH HOH A . 
C 3 HOH 109 409 409 HOH HOH A . 
C 3 HOH 110 410 410 HOH HOH A . 
C 3 HOH 111 411 411 HOH HOH A . 
C 3 HOH 112 412 412 HOH HOH A . 
C 3 HOH 113 413 413 HOH HOH A . 
C 3 HOH 114 414 414 HOH HOH A . 
C 3 HOH 115 415 415 HOH HOH A . 
C 3 HOH 116 416 416 HOH HOH A . 
C 3 HOH 117 417 417 HOH HOH A . 
C 3 HOH 118 418 418 HOH HOH A . 
C 3 HOH 119 419 419 HOH HOH A . 
C 3 HOH 120 420 420 HOH HOH A . 
C 3 HOH 121 421 421 HOH HOH A . 
C 3 HOH 122 422 422 HOH HOH A . 
C 3 HOH 123 423 423 HOH HOH A . 
C 3 HOH 124 424 424 HOH HOH A . 
C 3 HOH 125 425 425 HOH HOH A . 
C 3 HOH 126 426 426 HOH HOH A . 
C 3 HOH 127 427 427 HOH HOH A . 
C 3 HOH 128 428 428 HOH HOH A . 
# 
loop_
_pdbx_unobs_or_zero_occ_atoms.id 
_pdbx_unobs_or_zero_occ_atoms.PDB_model_num 
_pdbx_unobs_or_zero_occ_atoms.polymer_flag 
_pdbx_unobs_or_zero_occ_atoms.occupancy_flag 
_pdbx_unobs_or_zero_occ_atoms.auth_asym_id 
_pdbx_unobs_or_zero_occ_atoms.auth_comp_id 
_pdbx_unobs_or_zero_occ_atoms.auth_seq_id 
_pdbx_unobs_or_zero_occ_atoms.PDB_ins_code 
_pdbx_unobs_or_zero_occ_atoms.auth_atom_id 
_pdbx_unobs_or_zero_occ_atoms.label_alt_id 
_pdbx_unobs_or_zero_occ_atoms.label_asym_id 
_pdbx_unobs_or_zero_occ_atoms.label_comp_id 
_pdbx_unobs_or_zero_occ_atoms.label_seq_id 
_pdbx_unobs_or_zero_occ_atoms.label_atom_id 
1  1 Y 1 A ARG 46 ? CG  ? A ARG 46 CG  
2  1 Y 1 A ARG 46 ? CD  ? A ARG 46 CD  
3  1 Y 1 A ARG 46 ? NE  ? A ARG 46 NE  
4  1 Y 1 A ARG 46 ? CZ  ? A ARG 46 CZ  
5  1 Y 1 A ARG 46 ? NH1 ? A ARG 46 NH1 
6  1 Y 1 A ARG 46 ? NH2 ? A ARG 46 NH2 
7  1 Y 1 A LYS 70 ? CG  ? A LYS 70 CG  
8  1 Y 1 A LYS 70 ? CD  ? A LYS 70 CD  
9  1 Y 1 A LYS 70 ? CE  ? A LYS 70 CE  
10 1 Y 1 A LYS 70 ? NZ  ? A LYS 70 NZ  
# 
loop_
_software.name 
_software.classification 
_software.version 
_software.citation_id 
_software.pdbx_ordinal 
X-PLOR    'model building' . ? 1 
X-PLOR    refinement       . ? 2 
DENZO     'data reduction' . ? 3 
SCALEPACK 'data scaling'   . ? 4 
X-PLOR    phasing          . ? 5 
# 
_cell.entry_id           1FMB 
_cell.length_a           42.930 
_cell.length_b           45.710 
_cell.length_c           56.770 
_cell.angle_alpha        90.00 
_cell.angle_beta         110.50 
_cell.angle_gamma        90.00 
_cell.Z_PDB              4 
_cell.pdbx_unique_axis   ? 
# 
_symmetry.entry_id                         1FMB 
_symmetry.space_group_name_H-M             'C 1 2 1' 
_symmetry.pdbx_full_space_group_name_H-M   ? 
_symmetry.cell_setting                     ? 
_symmetry.Int_Tables_number                5 
# 
_exptl.entry_id          1FMB 
_exptl.method            'X-RAY DIFFRACTION' 
_exptl.crystals_number   1 
# 
_exptl_crystal.id                    1 
_exptl_crystal.density_meas          ? 
_exptl_crystal.density_Matthews      2.29 
_exptl_crystal.density_percent_sol   46.27 
_exptl_crystal.description           ? 
# 
_exptl_crystal_grow.crystal_id      1 
_exptl_crystal_grow.method          ? 
_exptl_crystal_grow.temp            ? 
_exptl_crystal_grow.temp_details    ? 
_exptl_crystal_grow.pH              4.6 
_exptl_crystal_grow.pdbx_pH_range   ? 
_exptl_crystal_grow.pdbx_details    'pH 4.6' 
# 
_diffrn.id                     1 
_diffrn.ambient_temp           273 
_diffrn.ambient_temp_details   ? 
_diffrn.crystal_id             1 
# 
_diffrn_detector.diffrn_id              1 
_diffrn_detector.detector               'IMAGE PLATE' 
_diffrn_detector.type                   MARRESEARCH 
_diffrn_detector.pdbx_collection_date   1995-04-04 
_diffrn_detector.details                ? 
# 
_diffrn_radiation.diffrn_id                        1 
_diffrn_radiation.wavelength_id                    1 
_diffrn_radiation.pdbx_monochromatic_or_laue_m_l   M 
_diffrn_radiation.monochromator                    'GRAPHITE(002)' 
_diffrn_radiation.pdbx_diffrn_protocol             ? 
_diffrn_radiation.pdbx_scattering_type             x-ray 
# 
_diffrn_radiation_wavelength.id           1 
_diffrn_radiation_wavelength.wavelength   1.5418 
_diffrn_radiation_wavelength.wt           1.0 
# 
_diffrn_source.diffrn_id                   1 
_diffrn_source.source                      ? 
_diffrn_source.type                        ? 
_diffrn_source.pdbx_synchrotron_site       ? 
_diffrn_source.pdbx_synchrotron_beamline   ? 
_diffrn_source.pdbx_wavelength             1.5418 
_diffrn_source.pdbx_wavelength_list        ? 
# 
_reflns.entry_id                     1FMB 
_reflns.observed_criterion_sigma_I   1.0 
_reflns.observed_criterion_sigma_F   ? 
_reflns.d_resolution_low             20.0 
_reflns.d_resolution_high            1.80 
_reflns.number_obs                   8443 
_reflns.number_all                   ? 
_reflns.percent_possible_obs         88.5 
_reflns.pdbx_Rmerge_I_obs            0.0670000 
_reflns.pdbx_Rsym_value              ? 
_reflns.pdbx_netI_over_sigmaI        ? 
_reflns.B_iso_Wilson_estimate        ? 
_reflns.pdbx_redundancy              6.1 
_reflns.pdbx_ordinal                 1 
_reflns.pdbx_diffrn_id               1 
# 
_refine.entry_id                                 1FMB 
_refine.ls_number_reflns_obs                     8140 
_refine.ls_number_reflns_all                     ? 
_refine.pdbx_ls_sigma_I                          ? 
_refine.pdbx_ls_sigma_F                          3.0 
_refine.pdbx_data_cutoff_high_absF               ? 
_refine.pdbx_data_cutoff_low_absF                ? 
_refine.pdbx_data_cutoff_high_rms_absF           ? 
_refine.ls_d_res_low                             20.0 
_refine.ls_d_res_high                            1.8 
_refine.ls_percent_reflns_obs                    85. 
_refine.ls_R_factor_obs                          ? 
_refine.ls_R_factor_all                          ? 
_refine.ls_R_factor_R_work                       0.1360000 
_refine.ls_R_factor_R_free                       ? 
_refine.ls_R_factor_R_free_error                 ? 
_refine.ls_R_factor_R_free_error_details         ? 
_refine.ls_percent_reflns_R_free                 ? 
_refine.ls_number_reflns_R_free                  ? 
_refine.ls_number_parameters                     ? 
_refine.ls_number_restraints                     ? 
_refine.occupancy_min                            ? 
_refine.occupancy_max                            ? 
_refine.B_iso_mean                               19.12 
_refine.aniso_B[1][1]                            ? 
_refine.aniso_B[2][2]                            ? 
_refine.aniso_B[3][3]                            ? 
_refine.aniso_B[1][2]                            ? 
_refine.aniso_B[1][3]                            ? 
_refine.aniso_B[2][3]                            ? 
_refine.solvent_model_details                    ? 
_refine.solvent_model_param_ksol                 ? 
_refine.solvent_model_param_bsol                 ? 
_refine.pdbx_ls_cross_valid_method               ? 
_refine.details                                  
;THE TWO ORIENTATIONS OF THE INHIBITOR CREATED IN THE ACTIVE 
ENZYME OVERLAP WITH COMPLETE SUPERPOSITION AT THE PERIPHERY 
AND SOME DEVIATION IN THE CENTER. RESIDUES 56 - 57 HAVE BEEN 
MODELED WITH TWO ORIENTATIONS OF THEIR MAIN CHAINS, SINCE THEY 
FORM ALTERNATE HYDROGEN BONDS, DUE TO THE SAME DISORDER 
PHENOMENON.
;
_refine.pdbx_starting_model                      'HIV-1 PROTEASE' 
_refine.pdbx_method_to_determine_struct          'MOLECULAR REPLACEMENT' 
_refine.pdbx_isotropic_thermal_model             ? 
_refine.pdbx_stereochemistry_target_values       ? 
_refine.pdbx_stereochem_target_val_spec_case     ? 
_refine.pdbx_R_Free_selection_details            ? 
_refine.pdbx_overall_ESU_R                       ? 
_refine.pdbx_overall_ESU_R_Free                  ? 
_refine.overall_SU_ML                            ? 
_refine.overall_SU_B                             ? 
_refine.pdbx_refine_id                           'X-RAY DIFFRACTION' 
_refine.pdbx_diffrn_id                           1 
_refine.pdbx_TLS_residual_ADP_flag               ? 
_refine.correlation_coeff_Fo_to_Fc               ? 
_refine.correlation_coeff_Fo_to_Fc_free          ? 
_refine.pdbx_solvent_vdw_probe_radii             ? 
_refine.pdbx_solvent_ion_probe_radii             ? 
_refine.pdbx_solvent_shrinkage_radii             ? 
_refine.pdbx_overall_phase_error                 ? 
_refine.overall_SU_R_Cruickshank_DPI             ? 
_refine.pdbx_overall_SU_R_free_Cruickshank_DPI   ? 
_refine.pdbx_overall_SU_R_Blow_DPI               ? 
_refine.pdbx_overall_SU_R_free_Blow_DPI          ? 
# 
_refine_hist.pdbx_refine_id                   'X-RAY DIFFRACTION' 
_refine_hist.cycle_id                         LAST 
_refine_hist.pdbx_number_atoms_protein        791 
_refine_hist.pdbx_number_atoms_nucleic_acid   0 
_refine_hist.pdbx_number_atoms_ligand         40 
_refine_hist.number_atoms_solvent             128 
_refine_hist.number_atoms_total               959 
_refine_hist.d_res_high                       1.8 
_refine_hist.d_res_low                        20.0 
# 
loop_
_refine_ls_restr.type 
_refine_ls_restr.dev_ideal 
_refine_ls_restr.dev_ideal_target 
_refine_ls_restr.weight 
_refine_ls_restr.number 
_refine_ls_restr.pdbx_refine_id 
_refine_ls_restr.pdbx_restraint_function 
p_bond_d            0.014 0.017 ? ? 'X-RAY DIFFRACTION' ? 
p_angle_d           0.046 0.044 ? ? 'X-RAY DIFFRACTION' ? 
p_angle_deg         ?     ?     ? ? 'X-RAY DIFFRACTION' ? 
p_planar_d          0.043 0.059 ? ? 'X-RAY DIFFRACTION' ? 
p_hb_or_metal_coord ?     ?     ? ? 'X-RAY DIFFRACTION' ? 
p_mcbond_it         1.916 2.500 ? ? 'X-RAY DIFFRACTION' ? 
p_mcangle_it        2.567 3.500 ? ? 'X-RAY DIFFRACTION' ? 
p_scbond_it         3.720 4.000 ? ? 'X-RAY DIFFRACTION' ? 
p_scangle_it        5.328 7.000 ? ? 'X-RAY DIFFRACTION' ? 
p_plane_restr       0.018 0.022 ? ? 'X-RAY DIFFRACTION' ? 
p_chiral_restr      0.177 0.180 ? ? 'X-RAY DIFFRACTION' ? 
p_singtor_nbd       0.207 0.500 ? ? 'X-RAY DIFFRACTION' ? 
p_multtor_nbd       0.450 0.500 ? ? 'X-RAY DIFFRACTION' ? 
p_xhyhbond_nbd      ?     ?     ? ? 'X-RAY DIFFRACTION' ? 
p_xyhbond_nbd       0.382 0.500 ? ? 'X-RAY DIFFRACTION' ? 
p_planar_tor        3.4   3.5   ? ? 'X-RAY DIFFRACTION' ? 
p_staggered_tor     19.1  14.0  ? ? 'X-RAY DIFFRACTION' ? 
p_orthonormal_tor   ?     ?     ? ? 'X-RAY DIFFRACTION' ? 
p_transverse_tor    32.4  12.0  ? ? 'X-RAY DIFFRACTION' ? 
p_special_tor       ?     ?     ? ? 'X-RAY DIFFRACTION' ? 
# 
_struct.entry_id                  1FMB 
_struct.title                     'EIAV PROTEASE COMPLEXED WITH THE INHIBITOR HBY-793' 
_struct.pdbx_model_details        ? 
_struct.pdbx_CASP_flag            ? 
_struct.pdbx_model_type_details   ? 
# 
_struct_keywords.entry_id        1FMB 
_struct_keywords.pdbx_keywords   'HYDROLASE (ACID PROTEINASE)' 
_struct_keywords.text            
'HYDROLASE (ACID PROTEINASE), RNA-DIRECTED DNA POLYMERASE, ASPARTYL PROTEASE, ENDONUCLEASE, POLYPROTEIN' 
# 
loop_
_struct_asym.id 
_struct_asym.pdbx_blank_PDB_chainid_flag 
_struct_asym.pdbx_modified 
_struct_asym.entity_id 
_struct_asym.details 
A N N 1 ? 
B N N 2 ? 
C N N 3 ? 
# 
_struct_ref.id                         1 
_struct_ref.db_name                    UNP 
_struct_ref.db_code                    POL_EIAVC 
_struct_ref.entity_id                  1 
_struct_ref.pdbx_db_accession          P32542 
_struct_ref.pdbx_align_begin           1 
_struct_ref.pdbx_seq_one_letter_code   
;TAWTFLKAMQKCSKKREARGSREAPETNFPDTTEESAQQICCTRDSSDSKSVPRSERNKKGIQCQGEGSSRGSQPGQFVG
VTYNLEKRPTTIVLINDTPLNVLLDTGADTSVLTTAHYNRLKYRGRKYQGTGIIGVGGNVETFSTPVTIKKKGRHIKTRM
LVADIPVTILGRDILQDLGAKLVLAQLSKEIKFRKIELKEGTMGPKIPQWPLTKEKLEGAKETVQRLLSEGKISEASDNN
PYNSPIFVIKKRSGKWRLLQDLRELNKTVQVGTEISRGLPHPGGLIKCKHMTVLDIGDAYFTIPLDPEFRPYTAFTIPSI
NHQEPDKRYVWKCLPQGFVLSPYIYQKTLQEILQPFRERYPEVQLYQYMDDLFVGSNGSKKQHKELIIELRAILQKGFET
PDDKLQEVPPYSWLGYQLCPENWKVQKMQLDMVKNPTLNDVQKLMGNITWMSSGVPGLTVKHIAATTKGCLELNQKVIWT
EEAQKELEENNEKIKNAQGLQYYNPEEEMLCEVEITKNYEATYVIKQSQGILWAGKKIMKANKGWSTVKNLMLLLQHVAT
ESITRVGKCPTFKVPFTKEQVMWEMQKGWYYSWLPEIVYTHQVVHDDWRMKLVEEPTSGITIYTDGGKQNGEGIAAYVTS
NGRTKQKRLGPVTHQVAERMAIQMALEDTRDKQVNIVTDSYYCWKNITEGLGLEGPQNPWWPIIQNIREKEIVYFAWVPG
HKGIYGNQLADEAAKIKEEIMLAYQGTQIKEKRDEDAGFDLCVPYDIMIPVSDTKIIPTDVKIQVPPNSFGWVTGKSSMA
KQGLLINGGIIDEGYTGEIQVICTNIGKSNIKLIEGQKFAQLIILQHHSNSRQPWDENKISQRGDKGFGSTGVFWVENIQ
EAQDEHENWHTSPKILARNYKIPLTVAKQITQECPHCTKQGSGPAGCVMRSPNHWQADCTHLDNKIILHFVESNSGYIHA
TLLSKENALCTSLAILEWARLFSPKSLHTDNGTNFVAEPVVNLLKFLKIAHTTGIPYHPESQGIVERANRTLKEKIQSHR
DNTQTLEAALQLALITCNKGRESMGGQTPWEVFITNQAQVIHEKLLLQQAQSSKKFCFYKIPGEHDWKGPTRVLWKGDGA
VVVNDEGKGIIAVPLTRTKLLIKPN
;
_struct_ref.pdbx_db_isoform            ? 
# 
_struct_ref_seq.align_id                      1 
_struct_ref_seq.ref_id                        1 
_struct_ref_seq.pdbx_PDB_id_code              1FMB 
_struct_ref_seq.pdbx_strand_id                A 
_struct_ref_seq.seq_align_beg                 1 
_struct_ref_seq.pdbx_seq_align_beg_ins_code   ? 
_struct_ref_seq.seq_align_end                 104 
_struct_ref_seq.pdbx_seq_align_end_ins_code   ? 
_struct_ref_seq.pdbx_db_accession             P32542 
_struct_ref_seq.db_align_beg                  81 
_struct_ref_seq.pdbx_db_align_beg_ins_code    ? 
_struct_ref_seq.db_align_end                  184 
_struct_ref_seq.pdbx_db_align_end_ins_code    ? 
_struct_ref_seq.pdbx_auth_seq_align_beg       1 
_struct_ref_seq.pdbx_auth_seq_align_end       104 
# 
_struct_ref_seq_dif.align_id                     1 
_struct_ref_seq_dif.pdbx_pdb_id_code             1FMB 
_struct_ref_seq_dif.mon_id                       GLY 
_struct_ref_seq_dif.pdbx_pdb_strand_id           A 
_struct_ref_seq_dif.seq_num                      54 
_struct_ref_seq_dif.pdbx_pdb_ins_code            ? 
_struct_ref_seq_dif.pdbx_seq_db_name             UNP 
_struct_ref_seq_dif.pdbx_seq_db_accession_code   P32542 
_struct_ref_seq_dif.db_mon_id                    ILE 
_struct_ref_seq_dif.pdbx_seq_db_seq_num          134 
_struct_ref_seq_dif.details                      'engineered mutation' 
_struct_ref_seq_dif.pdbx_auth_seq_num            54 
_struct_ref_seq_dif.pdbx_ordinal                 1 
# 
_pdbx_struct_assembly.id                   1 
_pdbx_struct_assembly.details              author_and_software_defined_assembly 
_pdbx_struct_assembly.method_details       PISA,PQS 
_pdbx_struct_assembly.oligomeric_details   dimeric 
_pdbx_struct_assembly.oligomeric_count     2 
# 
loop_
_pdbx_struct_assembly_prop.biol_id 
_pdbx_struct_assembly_prop.type 
_pdbx_struct_assembly_prop.value 
_pdbx_struct_assembly_prop.details 
1 'ABSA (A^2)' 5820 ? 
1 MORE         -36  ? 
1 'SSA (A^2)'  9580 ? 
# 
_pdbx_struct_assembly_gen.assembly_id       1 
_pdbx_struct_assembly_gen.oper_expression   1,2 
_pdbx_struct_assembly_gen.asym_id_list      A,B,C 
# 
loop_
_pdbx_struct_oper_list.id 
_pdbx_struct_oper_list.type 
_pdbx_struct_oper_list.name 
_pdbx_struct_oper_list.symmetry_operation 
_pdbx_struct_oper_list.matrix[1][1] 
_pdbx_struct_oper_list.matrix[1][2] 
_pdbx_struct_oper_list.matrix[1][3] 
_pdbx_struct_oper_list.vector[1] 
_pdbx_struct_oper_list.matrix[2][1] 
_pdbx_struct_oper_list.matrix[2][2] 
_pdbx_struct_oper_list.matrix[2][3] 
_pdbx_struct_oper_list.vector[2] 
_pdbx_struct_oper_list.matrix[3][1] 
_pdbx_struct_oper_list.matrix[3][2] 
_pdbx_struct_oper_list.matrix[3][3] 
_pdbx_struct_oper_list.vector[3] 
1 'identity operation'         1_555 x,y,z   1.0000000000  0.0000000000  0.0000000000 0.0000000000 0.0000000000  1.0000000000  0.0000000000  0.0000000000   0.0000000000 0.0000000000  1.0000000000 0.0000000000   
2 'crystal symmetry operation' 2_555 -x,y,-z -0.1568783941 -0.2571102040 0.9535635860 9.4060162529 -0.2571102040 -0.9215941609 -0.2907895212 -16.2726940268 0.9535635860 -0.2907895212 0.0784725550 -12.7042300978 
# 
_struct_biol.id        1 
_struct_biol.details   
;THIS FILE CONTAINS ONLY A MONOMER, WHILE THE ACTIVE ENZYME
IS A DIMER.  IN ORDER TO CREATE A DIMERIC MOLECULE,
CRYSTALLOGRAPHIC COORDINATES NEED TO BE TRANSFORMED TO
(-X), Y, (-Z).
;
# 
loop_
_struct_conf.conf_type_id 
_struct_conf.id 
_struct_conf.pdbx_PDB_helix_id 
_struct_conf.beg_label_comp_id 
_struct_conf.beg_label_asym_id 
_struct_conf.beg_label_seq_id 
_struct_conf.pdbx_beg_PDB_ins_code 
_struct_conf.end_label_comp_id 
_struct_conf.end_label_asym_id 
_struct_conf.end_label_seq_id 
_struct_conf.pdbx_end_PDB_ins_code 
_struct_conf.beg_auth_comp_id 
_struct_conf.beg_auth_asym_id 
_struct_conf.beg_auth_seq_id 
_struct_conf.end_auth_comp_id 
_struct_conf.end_auth_asym_id 
_struct_conf.end_auth_seq_id 
_struct_conf.pdbx_PDB_helix_class 
_struct_conf.details 
_struct_conf.pdbx_PDB_helix_length 
HELX_P HELX_P1 1 THR A 35 ? ARG A 40 ? THR A 35 ARG A 40 1 ? 6 
HELX_P HELX_P2 2 ARG A 92 ? ASP A 97 ? ARG A 92 ASP A 97 1 ? 6 
# 
_struct_conf_type.id          HELX_P 
_struct_conf_type.criteria    ? 
_struct_conf_type.reference   ? 
# 
loop_
_struct_sheet.id 
_struct_sheet.type 
_struct_sheet.number_strands 
_struct_sheet.details 
A ? 2 ? 
B ? 4 ? 
C ? 2 ? 
# 
loop_
_struct_sheet_order.sheet_id 
_struct_sheet_order.range_id_1 
_struct_sheet_order.range_id_2 
_struct_sheet_order.offset 
_struct_sheet_order.sense 
A 1 2 ? anti-parallel 
B 1 2 ? parallel      
B 2 3 ? anti-parallel 
B 3 4 ? anti-parallel 
C 1 2 ? anti-parallel 
# 
loop_
_struct_sheet_range.sheet_id 
_struct_sheet_range.id 
_struct_sheet_range.beg_label_comp_id 
_struct_sheet_range.beg_label_asym_id 
_struct_sheet_range.beg_label_seq_id 
_struct_sheet_range.pdbx_beg_PDB_ins_code 
_struct_sheet_range.end_label_comp_id 
_struct_sheet_range.end_label_asym_id 
_struct_sheet_range.end_label_seq_id 
_struct_sheet_range.pdbx_end_PDB_ins_code 
_struct_sheet_range.beg_auth_comp_id 
_struct_sheet_range.beg_auth_asym_id 
_struct_sheet_range.beg_auth_seq_id 
_struct_sheet_range.end_auth_comp_id 
_struct_sheet_range.end_auth_asym_id 
_struct_sheet_range.end_auth_seq_id 
A 1 THR A 10 ? ILE A 15 ? THR A 10 ILE A 15 
A 2 THR A 18 ? LEU A 23 ? THR A 18 LEU A 23 
B 1 VAL A 32 ? THR A 34 ? VAL A 32 THR A 34 
B 2 ARG A 74 ? ALA A 83 ? ARG A 74 ALA A 83 
B 3 PHE A 63 ? LYS A 71 ? PHE A 63 LYS A 71 
B 4 LYS A 47 ? GLN A 49 ? LYS A 47 GLN A 49 
C 1 ILE A 53 ? GLY A 55 ? ILE A 53 GLY A 55 
C 2 GLY A 58 ? VAL A 60 ? GLY A 58 VAL A 60 
# 
loop_
_pdbx_struct_sheet_hbond.sheet_id 
_pdbx_struct_sheet_hbond.range_id_1 
_pdbx_struct_sheet_hbond.range_id_2 
_pdbx_struct_sheet_hbond.range_1_label_atom_id 
_pdbx_struct_sheet_hbond.range_1_label_comp_id 
_pdbx_struct_sheet_hbond.range_1_label_asym_id 
_pdbx_struct_sheet_hbond.range_1_label_seq_id 
_pdbx_struct_sheet_hbond.range_1_PDB_ins_code 
_pdbx_struct_sheet_hbond.range_1_auth_atom_id 
_pdbx_struct_sheet_hbond.range_1_auth_comp_id 
_pdbx_struct_sheet_hbond.range_1_auth_asym_id 
_pdbx_struct_sheet_hbond.range_1_auth_seq_id 
_pdbx_struct_sheet_hbond.range_2_label_atom_id 
_pdbx_struct_sheet_hbond.range_2_label_comp_id 
_pdbx_struct_sheet_hbond.range_2_label_asym_id 
_pdbx_struct_sheet_hbond.range_2_label_seq_id 
_pdbx_struct_sheet_hbond.range_2_PDB_ins_code 
_pdbx_struct_sheet_hbond.range_2_auth_atom_id 
_pdbx_struct_sheet_hbond.range_2_auth_comp_id 
_pdbx_struct_sheet_hbond.range_2_auth_asym_id 
_pdbx_struct_sheet_hbond.range_2_auth_seq_id 
A 1 2 O THR A 11 ? O THR A 11 N VAL A 22 ? N VAL A 22 
B 1 2 O LEU A 33 ? O LEU A 33 N LEU A 81 ? N LEU A 81 
B 2 3 O ARG A 74 ? O ARG A 74 N LYS A 71 ? N LYS A 71 
B 3 4 O SER A 64 ? O SER A 64 N TYR A 48 ? N TYR A 48 
C 1 2 O ILE A 53 ? O ILE A 53 N VAL A 60 ? N VAL A 60 
# 
_struct_site.id                   AC1 
_struct_site.pdbx_evidence_code   Software 
_struct_site.pdbx_auth_asym_id    A 
_struct_site.pdbx_auth_comp_id    HYB 
_struct_site.pdbx_auth_seq_id     201 
_struct_site.pdbx_auth_ins_code   ? 
_struct_site.pdbx_num_residues    32 
_struct_site.details              'BINDING SITE FOR RESIDUE HYB A 201' 
# 
loop_
_struct_site_gen.id 
_struct_site_gen.site_id 
_struct_site_gen.pdbx_num_res 
_struct_site_gen.label_comp_id 
_struct_site_gen.label_asym_id 
_struct_site_gen.label_seq_id 
_struct_site_gen.pdbx_auth_ins_code 
_struct_site_gen.auth_comp_id 
_struct_site_gen.auth_asym_id 
_struct_site_gen.auth_seq_id 
_struct_site_gen.label_atom_id 
_struct_site_gen.label_alt_id 
_struct_site_gen.symmetry 
_struct_site_gen.details 
1  AC1 32 VAL A 1  ? VAL A 1   . ? 3_555 ? 
2  AC1 32 VAL A 1  ? VAL A 1   . ? 4_455 ? 
3  AC1 32 THR A 2  ? THR A 2   . ? 3_555 ? 
4  AC1 32 THR A 2  ? THR A 2   . ? 4_455 ? 
5  AC1 32 ARG A 8  ? ARG A 8   . ? 2_555 ? 
6  AC1 32 ARG A 8  ? ARG A 8   . ? 1_555 ? 
7  AC1 32 ASP A 25 ? ASP A 25  . ? 2_555 ? 
8  AC1 32 ASP A 25 ? ASP A 25  . ? 1_555 ? 
9  AC1 32 GLY A 27 ? GLY A 27  . ? 1_555 ? 
10 AC1 32 GLY A 27 ? GLY A 27  . ? 2_555 ? 
11 AC1 32 ALA A 28 ? ALA A 28  . ? 1_555 ? 
12 AC1 32 ALA A 28 ? ALA A 28  . ? 2_555 ? 
13 AC1 32 ASP A 29 ? ASP A 29  . ? 2_555 ? 
14 AC1 32 ASP A 29 ? ASP A 29  . ? 1_555 ? 
15 AC1 32 GLY A 52 ? GLY A 52  . ? 1_555 ? 
16 AC1 32 GLY A 52 ? GLY A 52  . ? 2_555 ? 
17 AC1 32 ILE A 53 ? ILE A 53  . ? 2_555 ? 
18 AC1 32 ILE A 53 ? ILE A 53  . ? 1_555 ? 
19 AC1 32 GLY A 54 ? GLY A 54  . ? 2_555 ? 
20 AC1 32 GLY A 54 ? GLY A 54  . ? 1_555 ? 
21 AC1 32 GLY A 55 ? GLY A 55  . ? 2_555 ? 
22 AC1 32 GLY A 55 ? GLY A 55  . ? 1_555 ? 
23 AC1 32 VAL A 56 ? VAL A 56  . ? 2_555 ? 
24 AC1 32 VAL A 56 ? VAL A 56  . ? 1_555 ? 
25 AC1 32 PRO A 86 ? PRO A 86  . ? 1_555 ? 
26 AC1 32 PRO A 86 ? PRO A 86  . ? 2_555 ? 
27 AC1 32 ILE A 89 ? ILE A 89  . ? 2_555 ? 
28 AC1 32 ILE A 89 ? ILE A 89  . ? 1_555 ? 
29 AC1 32 HOH C .  ? HOH A 301 . ? 2_555 ? 
30 AC1 32 HOH C .  ? HOH A 301 . ? 1_555 ? 
31 AC1 32 HOH C .  ? HOH A 325 . ? 2_555 ? 
32 AC1 32 HOH C .  ? HOH A 325 . ? 1_555 ? 
# 
loop_
_pdbx_validate_close_contact.id 
_pdbx_validate_close_contact.PDB_model_num 
_pdbx_validate_close_contact.auth_atom_id_1 
_pdbx_validate_close_contact.auth_asym_id_1 
_pdbx_validate_close_contact.auth_comp_id_1 
_pdbx_validate_close_contact.auth_seq_id_1 
_pdbx_validate_close_contact.PDB_ins_code_1 
_pdbx_validate_close_contact.label_alt_id_1 
_pdbx_validate_close_contact.auth_atom_id_2 
_pdbx_validate_close_contact.auth_asym_id_2 
_pdbx_validate_close_contact.auth_comp_id_2 
_pdbx_validate_close_contact.auth_seq_id_2 
_pdbx_validate_close_contact.PDB_ins_code_2 
_pdbx_validate_close_contact.label_alt_id_2 
_pdbx_validate_close_contact.dist 
1 1 N   A VAL 1   ? ? O A HOH 371 ? ? 1.95 
2 1 O   A HOH 380 ? ? O A HOH 418 ? ? 2.11 
3 1 CB  A ASN 21  ? ? O A HOH 381 ? ? 2.14 
4 1 OE1 A GLN 96  ? ? O A HOH 388 ? ? 2.15 
5 1 O   A HOH 314 ? ? O A HOH 336 ? ? 2.16 
# 
_pdbx_validate_symm_contact.id                1 
_pdbx_validate_symm_contact.PDB_model_num     1 
_pdbx_validate_symm_contact.auth_atom_id_1    O 
_pdbx_validate_symm_contact.auth_asym_id_1    A 
_pdbx_validate_symm_contact.auth_comp_id_1    HOH 
_pdbx_validate_symm_contact.auth_seq_id_1     312 
_pdbx_validate_symm_contact.PDB_ins_code_1    ? 
_pdbx_validate_symm_contact.label_alt_id_1    ? 
_pdbx_validate_symm_contact.site_symmetry_1   1_555 
_pdbx_validate_symm_contact.auth_atom_id_2    O 
_pdbx_validate_symm_contact.auth_asym_id_2    A 
_pdbx_validate_symm_contact.auth_comp_id_2    HOH 
_pdbx_validate_symm_contact.auth_seq_id_2     326 
_pdbx_validate_symm_contact.PDB_ins_code_2    ? 
_pdbx_validate_symm_contact.label_alt_id_2    ? 
_pdbx_validate_symm_contact.site_symmetry_2   3_555 
_pdbx_validate_symm_contact.dist              2.03 
# 
loop_
_pdbx_validate_rmsd_angle.id 
_pdbx_validate_rmsd_angle.PDB_model_num 
_pdbx_validate_rmsd_angle.auth_atom_id_1 
_pdbx_validate_rmsd_angle.auth_asym_id_1 
_pdbx_validate_rmsd_angle.auth_comp_id_1 
_pdbx_validate_rmsd_angle.auth_seq_id_1 
_pdbx_validate_rmsd_angle.PDB_ins_code_1 
_pdbx_validate_rmsd_angle.label_alt_id_1 
_pdbx_validate_rmsd_angle.auth_atom_id_2 
_pdbx_validate_rmsd_angle.auth_asym_id_2 
_pdbx_validate_rmsd_angle.auth_comp_id_2 
_pdbx_validate_rmsd_angle.auth_seq_id_2 
_pdbx_validate_rmsd_angle.PDB_ins_code_2 
_pdbx_validate_rmsd_angle.label_alt_id_2 
_pdbx_validate_rmsd_angle.auth_atom_id_3 
_pdbx_validate_rmsd_angle.auth_asym_id_3 
_pdbx_validate_rmsd_angle.auth_comp_id_3 
_pdbx_validate_rmsd_angle.auth_seq_id_3 
_pdbx_validate_rmsd_angle.PDB_ins_code_3 
_pdbx_validate_rmsd_angle.label_alt_id_3 
_pdbx_validate_rmsd_angle.angle_value 
_pdbx_validate_rmsd_angle.angle_target_value 
_pdbx_validate_rmsd_angle.angle_deviation 
_pdbx_validate_rmsd_angle.angle_standard_deviation 
_pdbx_validate_rmsd_angle.linker_flag 
1  1 OE1 A GLU 6  ? ? CD A GLU 6  ? ? OE2 A GLU 6  ? ? 131.72 123.30 8.42   1.20 N 
2  1 NE  A ARG 8  ? ? CZ A ARG 8  ? ? NH1 A ARG 8  ? ? 116.42 120.30 -3.88  0.50 N 
3  1 CB  A ASP 17 ? ? CA A ASP 17 ? ? C   A ASP 17 ? ? 97.47  110.40 -12.93 2.00 N 
4  1 CB  A TYR 43 ? ? CG A TYR 43 ? ? CD1 A TYR 43 ? ? 116.45 121.00 -4.55  0.60 N 
5  1 NE  A ARG 44 ? ? CZ A ARG 44 ? ? NH1 A ARG 44 ? ? 115.88 120.30 -4.42  0.50 N 
6  1 N   A LYS 47 ? ? CA A LYS 47 ? ? CB  A LYS 47 ? ? 97.52  110.60 -13.08 1.80 N 
7  1 CA  A LYS 47 ? ? CB A LYS 47 ? ? CG  A LYS 47 ? ? 133.67 113.40 20.27  2.20 N 
8  1 CB  A TYR 48 ? ? CG A TYR 48 ? ? CD1 A TYR 48 ? ? 117.26 121.00 -3.74  0.60 N 
9  1 C   A THR 51 ? ? N  A GLY 52 ? ? CA  A GLY 52 ? ? 135.60 122.30 13.30  2.10 Y 
10 1 NE  A ARG 74 ? ? CZ A ARG 74 ? ? NH1 A ARG 74 ? ? 117.08 120.30 -3.22  0.50 N 
11 1 NE  A ARG 79 ? ? CZ A ARG 79 ? ? NH1 A ARG 79 ? ? 123.72 120.30 3.42   0.50 N 
12 1 NE  A ARG 92 ? ? CZ A ARG 92 ? ? NH2 A ARG 92 ? ? 123.31 120.30 3.01   0.50 N 
13 1 CB  A ASP 93 ? ? CG A ASP 93 ? ? OD1 A ASP 93 ? ? 123.81 118.30 5.51   0.90 N 
# 
loop_
_pdbx_struct_special_symmetry.id 
_pdbx_struct_special_symmetry.PDB_model_num 
_pdbx_struct_special_symmetry.auth_asym_id 
_pdbx_struct_special_symmetry.auth_comp_id 
_pdbx_struct_special_symmetry.auth_seq_id 
_pdbx_struct_special_symmetry.PDB_ins_code 
_pdbx_struct_special_symmetry.label_asym_id 
_pdbx_struct_special_symmetry.label_comp_id 
_pdbx_struct_special_symmetry.label_seq_id 
1 1 A HYB 201 ? B HYB . 
2 1 A HOH 301 ? C HOH . 
# 
loop_
_chem_comp_atom.comp_id 
_chem_comp_atom.atom_id 
_chem_comp_atom.type_symbol 
_chem_comp_atom.pdbx_aromatic_flag 
_chem_comp_atom.pdbx_stereo_config 
_chem_comp_atom.pdbx_ordinal 
ALA N    N N N 1   
ALA CA   C N S 2   
ALA C    C N N 3   
ALA O    O N N 4   
ALA CB   C N N 5   
ALA OXT  O N N 6   
ALA H    H N N 7   
ALA H2   H N N 8   
ALA HA   H N N 9   
ALA HB1  H N N 10  
ALA HB2  H N N 11  
ALA HB3  H N N 12  
ALA HXT  H N N 13  
ARG N    N N N 14  
ARG CA   C N S 15  
ARG C    C N N 16  
ARG O    O N N 17  
ARG CB   C N N 18  
ARG CG   C N N 19  
ARG CD   C N N 20  
ARG NE   N N N 21  
ARG CZ   C N N 22  
ARG NH1  N N N 23  
ARG NH2  N N N 24  
ARG OXT  O N N 25  
ARG H    H N N 26  
ARG H2   H N N 27  
ARG HA   H N N 28  
ARG HB2  H N N 29  
ARG HB3  H N N 30  
ARG HG2  H N N 31  
ARG HG3  H N N 32  
ARG HD2  H N N 33  
ARG HD3  H N N 34  
ARG HE   H N N 35  
ARG HH11 H N N 36  
ARG HH12 H N N 37  
ARG HH21 H N N 38  
ARG HH22 H N N 39  
ARG HXT  H N N 40  
ASN N    N N N 41  
ASN CA   C N S 42  
ASN C    C N N 43  
ASN O    O N N 44  
ASN CB   C N N 45  
ASN CG   C N N 46  
ASN OD1  O N N 47  
ASN ND2  N N N 48  
ASN OXT  O N N 49  
ASN H    H N N 50  
ASN H2   H N N 51  
ASN HA   H N N 52  
ASN HB2  H N N 53  
ASN HB3  H N N 54  
ASN HD21 H N N 55  
ASN HD22 H N N 56  
ASN HXT  H N N 57  
ASP N    N N N 58  
ASP CA   C N S 59  
ASP C    C N N 60  
ASP O    O N N 61  
ASP CB   C N N 62  
ASP CG   C N N 63  
ASP OD1  O N N 64  
ASP OD2  O N N 65  
ASP OXT  O N N 66  
ASP H    H N N 67  
ASP H2   H N N 68  
ASP HA   H N N 69  
ASP HB2  H N N 70  
ASP HB3  H N N 71  
ASP HD2  H N N 72  
ASP HXT  H N N 73  
GLN N    N N N 74  
GLN CA   C N S 75  
GLN C    C N N 76  
GLN O    O N N 77  
GLN CB   C N N 78  
GLN CG   C N N 79  
GLN CD   C N N 80  
GLN OE1  O N N 81  
GLN NE2  N N N 82  
GLN OXT  O N N 83  
GLN H    H N N 84  
GLN H2   H N N 85  
GLN HA   H N N 86  
GLN HB2  H N N 87  
GLN HB3  H N N 88  
GLN HG2  H N N 89  
GLN HG3  H N N 90  
GLN HE21 H N N 91  
GLN HE22 H N N 92  
GLN HXT  H N N 93  
GLU N    N N N 94  
GLU CA   C N S 95  
GLU C    C N N 96  
GLU O    O N N 97  
GLU CB   C N N 98  
GLU CG   C N N 99  
GLU CD   C N N 100 
GLU OE1  O N N 101 
GLU OE2  O N N 102 
GLU OXT  O N N 103 
GLU H    H N N 104 
GLU H2   H N N 105 
GLU HA   H N N 106 
GLU HB2  H N N 107 
GLU HB3  H N N 108 
GLU HG2  H N N 109 
GLU HG3  H N N 110 
GLU HE2  H N N 111 
GLU HXT  H N N 112 
GLY N    N N N 113 
GLY CA   C N N 114 
GLY C    C N N 115 
GLY O    O N N 116 
GLY OXT  O N N 117 
GLY H    H N N 118 
GLY H2   H N N 119 
GLY HA2  H N N 120 
GLY HA3  H N N 121 
GLY HXT  H N N 122 
HIS N    N N N 123 
HIS CA   C N S 124 
HIS C    C N N 125 
HIS O    O N N 126 
HIS CB   C N N 127 
HIS CG   C Y N 128 
HIS ND1  N Y N 129 
HIS CD2  C Y N 130 
HIS CE1  C Y N 131 
HIS NE2  N Y N 132 
HIS OXT  O N N 133 
HIS H    H N N 134 
HIS H2   H N N 135 
HIS HA   H N N 136 
HIS HB2  H N N 137 
HIS HB3  H N N 138 
HIS HD1  H N N 139 
HIS HD2  H N N 140 
HIS HE1  H N N 141 
HIS HE2  H N N 142 
HIS HXT  H N N 143 
HOH O    O N N 144 
HOH H1   H N N 145 
HOH H2   H N N 146 
HYB S1   S N N 147 
HYB O2   O N N 148 
HYB O3   O N N 149 
HYB C4   C Y N 150 
HYB C5   C Y N 151 
HYB C6   C Y N 152 
HYB C7   C Y N 153 
HYB C8   C Y N 154 
HYB C9   C Y N 155 
HYB C10  C Y N 156 
HYB C11  C Y N 157 
HYB C12  C Y N 158 
HYB C13  C Y N 159 
HYB O14  O N N 160 
HYB C15  C N N 161 
HYB N16  N N N 162 
HYB C17  C N S 163 
HYB C18  C N N 164 
HYB C19  C Y N 165 
HYB C20  C Y N 166 
HYB C21  C Y N 167 
HYB C22  C Y N 168 
HYB C23  C Y N 169 
HYB C24  C Y N 170 
HYB N25  N N N 171 
HYB C26  C N S 172 
HYB C27  C N N 173 
HYB O28  O N N 174 
HYB C29  C N N 175 
HYB C30  C N N 176 
HYB C31  C N N 177 
HYB C32  C N N 178 
HYB O33  O N N 179 
HYB C34  C N S 180 
HYB C35  C N N 181 
HYB C36  C N N 182 
HYB C37  C N N 183 
HYB C38  C N N 184 
HYB C39  C N N 185 
HYB C40  C N N 186 
HYB H4   H N N 187 
HYB H5   H N N 188 
HYB H6   H N N 189 
HYB H10  H N N 190 
HYB H11  H N N 191 
HYB H12  H N N 192 
HYB H13  H N N 193 
HYB HO4  H N N 194 
HYB H151 H N N 195 
HYB H152 H N N 196 
HYB HN6  H N N 197 
HYB H17  H N N 198 
HYB H181 H N N 199 
HYB H182 H N N 200 
HYB H20  H N N 201 
HYB H21  H N N 202 
HYB H22  H N N 203 
HYB H23  H N N 204 
HYB H24  H N N 205 
HYB HN5  H N N 206 
HYB H26  H N N 207 
HYB H29  H N N 208 
HYB H301 H N N 209 
HYB H302 H N N 210 
HYB H303 H N N 211 
HYB H311 H N N 212 
HYB H312 H N N 213 
HYB H313 H N N 214 
HYB H34  H N N 215 
HYB H351 H N N 216 
HYB H352 H N N 217 
HYB H361 H N N 218 
HYB H362 H N N 219 
HYB H371 H N N 220 
HYB H372 H N N 221 
HYB H373 H N N 222 
HYB H391 H N N 223 
HYB H392 H N N 224 
HYB H393 H N N 225 
HYB H401 H N N 226 
HYB H402 H N N 227 
HYB H403 H N N 228 
ILE N    N N N 229 
ILE CA   C N S 230 
ILE C    C N N 231 
ILE O    O N N 232 
ILE CB   C N S 233 
ILE CG1  C N N 234 
ILE CG2  C N N 235 
ILE CD1  C N N 236 
ILE OXT  O N N 237 
ILE H    H N N 238 
ILE H2   H N N 239 
ILE HA   H N N 240 
ILE HB   H N N 241 
ILE HG12 H N N 242 
ILE HG13 H N N 243 
ILE HG21 H N N 244 
ILE HG22 H N N 245 
ILE HG23 H N N 246 
ILE HD11 H N N 247 
ILE HD12 H N N 248 
ILE HD13 H N N 249 
ILE HXT  H N N 250 
LEU N    N N N 251 
LEU CA   C N S 252 
LEU C    C N N 253 
LEU O    O N N 254 
LEU CB   C N N 255 
LEU CG   C N N 256 
LEU CD1  C N N 257 
LEU CD2  C N N 258 
LEU OXT  O N N 259 
LEU H    H N N 260 
LEU H2   H N N 261 
LEU HA   H N N 262 
LEU HB2  H N N 263 
LEU HB3  H N N 264 
LEU HG   H N N 265 
LEU HD11 H N N 266 
LEU HD12 H N N 267 
LEU HD13 H N N 268 
LEU HD21 H N N 269 
LEU HD22 H N N 270 
LEU HD23 H N N 271 
LEU HXT  H N N 272 
LYS N    N N N 273 
LYS CA   C N S 274 
LYS C    C N N 275 
LYS O    O N N 276 
LYS CB   C N N 277 
LYS CG   C N N 278 
LYS CD   C N N 279 
LYS CE   C N N 280 
LYS NZ   N N N 281 
LYS OXT  O N N 282 
LYS H    H N N 283 
LYS H2   H N N 284 
LYS HA   H N N 285 
LYS HB2  H N N 286 
LYS HB3  H N N 287 
LYS HG2  H N N 288 
LYS HG3  H N N 289 
LYS HD2  H N N 290 
LYS HD3  H N N 291 
LYS HE2  H N N 292 
LYS HE3  H N N 293 
LYS HZ1  H N N 294 
LYS HZ2  H N N 295 
LYS HZ3  H N N 296 
LYS HXT  H N N 297 
MET N    N N N 298 
MET CA   C N S 299 
MET C    C N N 300 
MET O    O N N 301 
MET CB   C N N 302 
MET CG   C N N 303 
MET SD   S N N 304 
MET CE   C N N 305 
MET OXT  O N N 306 
MET H    H N N 307 
MET H2   H N N 308 
MET HA   H N N 309 
MET HB2  H N N 310 
MET HB3  H N N 311 
MET HG2  H N N 312 
MET HG3  H N N 313 
MET HE1  H N N 314 
MET HE2  H N N 315 
MET HE3  H N N 316 
MET HXT  H N N 317 
PHE N    N N N 318 
PHE CA   C N S 319 
PHE C    C N N 320 
PHE O    O N N 321 
PHE CB   C N N 322 
PHE CG   C Y N 323 
PHE CD1  C Y N 324 
PHE CD2  C Y N 325 
PHE CE1  C Y N 326 
PHE CE2  C Y N 327 
PHE CZ   C Y N 328 
PHE OXT  O N N 329 
PHE H    H N N 330 
PHE H2   H N N 331 
PHE HA   H N N 332 
PHE HB2  H N N 333 
PHE HB3  H N N 334 
PHE HD1  H N N 335 
PHE HD2  H N N 336 
PHE HE1  H N N 337 
PHE HE2  H N N 338 
PHE HZ   H N N 339 
PHE HXT  H N N 340 
PRO N    N N N 341 
PRO CA   C N S 342 
PRO C    C N N 343 
PRO O    O N N 344 
PRO CB   C N N 345 
PRO CG   C N N 346 
PRO CD   C N N 347 
PRO OXT  O N N 348 
PRO H    H N N 349 
PRO HA   H N N 350 
PRO HB2  H N N 351 
PRO HB3  H N N 352 
PRO HG2  H N N 353 
PRO HG3  H N N 354 
PRO HD2  H N N 355 
PRO HD3  H N N 356 
PRO HXT  H N N 357 
SER N    N N N 358 
SER CA   C N S 359 
SER C    C N N 360 
SER O    O N N 361 
SER CB   C N N 362 
SER OG   O N N 363 
SER OXT  O N N 364 
SER H    H N N 365 
SER H2   H N N 366 
SER HA   H N N 367 
SER HB2  H N N 368 
SER HB3  H N N 369 
SER HG   H N N 370 
SER HXT  H N N 371 
THR N    N N N 372 
THR CA   C N S 373 
THR C    C N N 374 
THR O    O N N 375 
THR CB   C N R 376 
THR OG1  O N N 377 
THR CG2  C N N 378 
THR OXT  O N N 379 
THR H    H N N 380 
THR H2   H N N 381 
THR HA   H N N 382 
THR HB   H N N 383 
THR HG1  H N N 384 
THR HG21 H N N 385 
THR HG22 H N N 386 
THR HG23 H N N 387 
THR HXT  H N N 388 
TYR N    N N N 389 
TYR CA   C N S 390 
TYR C    C N N 391 
TYR O    O N N 392 
TYR CB   C N N 393 
TYR CG   C Y N 394 
TYR CD1  C Y N 395 
TYR CD2  C Y N 396 
TYR CE1  C Y N 397 
TYR CE2  C Y N 398 
TYR CZ   C Y N 399 
TYR OH   O N N 400 
TYR OXT  O N N 401 
TYR H    H N N 402 
TYR H2   H N N 403 
TYR HA   H N N 404 
TYR HB2  H N N 405 
TYR HB3  H N N 406 
TYR HD1  H N N 407 
TYR HD2  H N N 408 
TYR HE1  H N N 409 
TYR HE2  H N N 410 
TYR HH   H N N 411 
TYR HXT  H N N 412 
VAL N    N N N 413 
VAL CA   C N S 414 
VAL C    C N N 415 
VAL O    O N N 416 
VAL CB   C N N 417 
VAL CG1  C N N 418 
VAL CG2  C N N 419 
VAL OXT  O N N 420 
VAL H    H N N 421 
VAL H2   H N N 422 
VAL HA   H N N 423 
VAL HB   H N N 424 
VAL HG11 H N N 425 
VAL HG12 H N N 426 
VAL HG13 H N N 427 
VAL HG21 H N N 428 
VAL HG22 H N N 429 
VAL HG23 H N N 430 
VAL HXT  H N N 431 
# 
loop_
_chem_comp_bond.comp_id 
_chem_comp_bond.atom_id_1 
_chem_comp_bond.atom_id_2 
_chem_comp_bond.value_order 
_chem_comp_bond.pdbx_aromatic_flag 
_chem_comp_bond.pdbx_stereo_config 
_chem_comp_bond.pdbx_ordinal 
ALA N   CA   sing N N 1   
ALA N   H    sing N N 2   
ALA N   H2   sing N N 3   
ALA CA  C    sing N N 4   
ALA CA  CB   sing N N 5   
ALA CA  HA   sing N N 6   
ALA C   O    doub N N 7   
ALA C   OXT  sing N N 8   
ALA CB  HB1  sing N N 9   
ALA CB  HB2  sing N N 10  
ALA CB  HB3  sing N N 11  
ALA OXT HXT  sing N N 12  
ARG N   CA   sing N N 13  
ARG N   H    sing N N 14  
ARG N   H2   sing N N 15  
ARG CA  C    sing N N 16  
ARG CA  CB   sing N N 17  
ARG CA  HA   sing N N 18  
ARG C   O    doub N N 19  
ARG C   OXT  sing N N 20  
ARG CB  CG   sing N N 21  
ARG CB  HB2  sing N N 22  
ARG CB  HB3  sing N N 23  
ARG CG  CD   sing N N 24  
ARG CG  HG2  sing N N 25  
ARG CG  HG3  sing N N 26  
ARG CD  NE   sing N N 27  
ARG CD  HD2  sing N N 28  
ARG CD  HD3  sing N N 29  
ARG NE  CZ   sing N N 30  
ARG NE  HE   sing N N 31  
ARG CZ  NH1  sing N N 32  
ARG CZ  NH2  doub N N 33  
ARG NH1 HH11 sing N N 34  
ARG NH1 HH12 sing N N 35  
ARG NH2 HH21 sing N N 36  
ARG NH2 HH22 sing N N 37  
ARG OXT HXT  sing N N 38  
ASN N   CA   sing N N 39  
ASN N   H    sing N N 40  
ASN N   H2   sing N N 41  
ASN CA  C    sing N N 42  
ASN CA  CB   sing N N 43  
ASN CA  HA   sing N N 44  
ASN C   O    doub N N 45  
ASN C   OXT  sing N N 46  
ASN CB  CG   sing N N 47  
ASN CB  HB2  sing N N 48  
ASN CB  HB3  sing N N 49  
ASN CG  OD1  doub N N 50  
ASN CG  ND2  sing N N 51  
ASN ND2 HD21 sing N N 52  
ASN ND2 HD22 sing N N 53  
ASN OXT HXT  sing N N 54  
ASP N   CA   sing N N 55  
ASP N   H    sing N N 56  
ASP N   H2   sing N N 57  
ASP CA  C    sing N N 58  
ASP CA  CB   sing N N 59  
ASP CA  HA   sing N N 60  
ASP C   O    doub N N 61  
ASP C   OXT  sing N N 62  
ASP CB  CG   sing N N 63  
ASP CB  HB2  sing N N 64  
ASP CB  HB3  sing N N 65  
ASP CG  OD1  doub N N 66  
ASP CG  OD2  sing N N 67  
ASP OD2 HD2  sing N N 68  
ASP OXT HXT  sing N N 69  
GLN N   CA   sing N N 70  
GLN N   H    sing N N 71  
GLN N   H2   sing N N 72  
GLN CA  C    sing N N 73  
GLN CA  CB   sing N N 74  
GLN CA  HA   sing N N 75  
GLN C   O    doub N N 76  
GLN C   OXT  sing N N 77  
GLN CB  CG   sing N N 78  
GLN CB  HB2  sing N N 79  
GLN CB  HB3  sing N N 80  
GLN CG  CD   sing N N 81  
GLN CG  HG2  sing N N 82  
GLN CG  HG3  sing N N 83  
GLN CD  OE1  doub N N 84  
GLN CD  NE2  sing N N 85  
GLN NE2 HE21 sing N N 86  
GLN NE2 HE22 sing N N 87  
GLN OXT HXT  sing N N 88  
GLU N   CA   sing N N 89  
GLU N   H    sing N N 90  
GLU N   H2   sing N N 91  
GLU CA  C    sing N N 92  
GLU CA  CB   sing N N 93  
GLU CA  HA   sing N N 94  
GLU C   O    doub N N 95  
GLU C   OXT  sing N N 96  
GLU CB  CG   sing N N 97  
GLU CB  HB2  sing N N 98  
GLU CB  HB3  sing N N 99  
GLU CG  CD   sing N N 100 
GLU CG  HG2  sing N N 101 
GLU CG  HG3  sing N N 102 
GLU CD  OE1  doub N N 103 
GLU CD  OE2  sing N N 104 
GLU OE2 HE2  sing N N 105 
GLU OXT HXT  sing N N 106 
GLY N   CA   sing N N 107 
GLY N   H    sing N N 108 
GLY N   H2   sing N N 109 
GLY CA  C    sing N N 110 
GLY CA  HA2  sing N N 111 
GLY CA  HA3  sing N N 112 
GLY C   O    doub N N 113 
GLY C   OXT  sing N N 114 
GLY OXT HXT  sing N N 115 
HIS N   CA   sing N N 116 
HIS N   H    sing N N 117 
HIS N   H2   sing N N 118 
HIS CA  C    sing N N 119 
HIS CA  CB   sing N N 120 
HIS CA  HA   sing N N 121 
HIS C   O    doub N N 122 
HIS C   OXT  sing N N 123 
HIS CB  CG   sing N N 124 
HIS CB  HB2  sing N N 125 
HIS CB  HB3  sing N N 126 
HIS CG  ND1  sing Y N 127 
HIS CG  CD2  doub Y N 128 
HIS ND1 CE1  doub Y N 129 
HIS ND1 HD1  sing N N 130 
HIS CD2 NE2  sing Y N 131 
HIS CD2 HD2  sing N N 132 
HIS CE1 NE2  sing Y N 133 
HIS CE1 HE1  sing N N 134 
HIS NE2 HE2  sing N N 135 
HIS OXT HXT  sing N N 136 
HOH O   H1   sing N N 137 
HOH O   H2   sing N N 138 
HYB S1  O2   doub N N 139 
HYB S1  O3   doub N N 140 
HYB S1  C36  sing N N 141 
HYB S1  C38  sing N N 142 
HYB C4  C5   doub Y N 143 
HYB C4  C9   sing Y N 144 
HYB C4  H4   sing N N 145 
HYB C5  C6   sing Y N 146 
HYB C5  H5   sing N N 147 
HYB C6  C7   doub Y N 148 
HYB C6  H6   sing N N 149 
HYB C7  C8   sing Y N 150 
HYB C7  C35  sing N N 151 
HYB C8  C9   doub Y N 152 
HYB C8  C13  sing Y N 153 
HYB C9  C10  sing Y N 154 
HYB C10 C11  doub Y N 155 
HYB C10 H10  sing N N 156 
HYB C11 C12  sing Y N 157 
HYB C11 H11  sing N N 158 
HYB C12 C13  doub Y N 159 
HYB C12 H12  sing N N 160 
HYB C13 H13  sing N N 161 
HYB O14 C15  sing N N 162 
HYB O14 HO4  sing N N 163 
HYB C15 C17  sing N N 164 
HYB C15 H151 sing N N 165 
HYB C15 H152 sing N N 166 
HYB N16 C17  sing N N 167 
HYB N16 C27  sing N N 168 
HYB N16 HN6  sing N N 169 
HYB C17 C18  sing N N 170 
HYB C17 H17  sing N N 171 
HYB C18 C19  sing N N 172 
HYB C18 H181 sing N N 173 
HYB C18 H182 sing N N 174 
HYB C19 C20  doub Y N 175 
HYB C19 C24  sing Y N 176 
HYB C20 C21  sing Y N 177 
HYB C20 H20  sing N N 178 
HYB C21 C22  doub Y N 179 
HYB C21 H21  sing N N 180 
HYB C22 C23  sing Y N 181 
HYB C22 H22  sing N N 182 
HYB C23 C24  doub Y N 183 
HYB C23 H23  sing N N 184 
HYB C24 H24  sing N N 185 
HYB N25 C26  sing N N 186 
HYB N25 C32  sing N N 187 
HYB N25 HN5  sing N N 188 
HYB C26 C27  sing N N 189 
HYB C26 C29  sing N N 190 
HYB C26 H26  sing N N 191 
HYB C27 O28  doub N N 192 
HYB C29 C30  sing N N 193 
HYB C29 C31  sing N N 194 
HYB C29 H29  sing N N 195 
HYB C30 H301 sing N N 196 
HYB C30 H302 sing N N 197 
HYB C30 H303 sing N N 198 
HYB C31 H311 sing N N 199 
HYB C31 H312 sing N N 200 
HYB C31 H313 sing N N 201 
HYB C32 O33  doub N N 202 
HYB C32 C34  sing N N 203 
HYB C34 C35  sing N N 204 
HYB C34 C36  sing N N 205 
HYB C34 H34  sing N N 206 
HYB C35 H351 sing N N 207 
HYB C35 H352 sing N N 208 
HYB C36 H361 sing N N 209 
HYB C36 H362 sing N N 210 
HYB C37 C38  sing N N 211 
HYB C37 H371 sing N N 212 
HYB C37 H372 sing N N 213 
HYB C37 H373 sing N N 214 
HYB C38 C39  sing N N 215 
HYB C38 C40  sing N N 216 
HYB C39 H391 sing N N 217 
HYB C39 H392 sing N N 218 
HYB C39 H393 sing N N 219 
HYB C40 H401 sing N N 220 
HYB C40 H402 sing N N 221 
HYB C40 H403 sing N N 222 
ILE N   CA   sing N N 223 
ILE N   H    sing N N 224 
ILE N   H2   sing N N 225 
ILE CA  C    sing N N 226 
ILE CA  CB   sing N N 227 
ILE CA  HA   sing N N 228 
ILE C   O    doub N N 229 
ILE C   OXT  sing N N 230 
ILE CB  CG1  sing N N 231 
ILE CB  CG2  sing N N 232 
ILE CB  HB   sing N N 233 
ILE CG1 CD1  sing N N 234 
ILE CG1 HG12 sing N N 235 
ILE CG1 HG13 sing N N 236 
ILE CG2 HG21 sing N N 237 
ILE CG2 HG22 sing N N 238 
ILE CG2 HG23 sing N N 239 
ILE CD1 HD11 sing N N 240 
ILE CD1 HD12 sing N N 241 
ILE CD1 HD13 sing N N 242 
ILE OXT HXT  sing N N 243 
LEU N   CA   sing N N 244 
LEU N   H    sing N N 245 
LEU N   H2   sing N N 246 
LEU CA  C    sing N N 247 
LEU CA  CB   sing N N 248 
LEU CA  HA   sing N N 249 
LEU C   O    doub N N 250 
LEU C   OXT  sing N N 251 
LEU CB  CG   sing N N 252 
LEU CB  HB2  sing N N 253 
LEU CB  HB3  sing N N 254 
LEU CG  CD1  sing N N 255 
LEU CG  CD2  sing N N 256 
LEU CG  HG   sing N N 257 
LEU CD1 HD11 sing N N 258 
LEU CD1 HD12 sing N N 259 
LEU CD1 HD13 sing N N 260 
LEU CD2 HD21 sing N N 261 
LEU CD2 HD22 sing N N 262 
LEU CD2 HD23 sing N N 263 
LEU OXT HXT  sing N N 264 
LYS N   CA   sing N N 265 
LYS N   H    sing N N 266 
LYS N   H2   sing N N 267 
LYS CA  C    sing N N 268 
LYS CA  CB   sing N N 269 
LYS CA  HA   sing N N 270 
LYS C   O    doub N N 271 
LYS C   OXT  sing N N 272 
LYS CB  CG   sing N N 273 
LYS CB  HB2  sing N N 274 
LYS CB  HB3  sing N N 275 
LYS CG  CD   sing N N 276 
LYS CG  HG2  sing N N 277 
LYS CG  HG3  sing N N 278 
LYS CD  CE   sing N N 279 
LYS CD  HD2  sing N N 280 
LYS CD  HD3  sing N N 281 
LYS CE  NZ   sing N N 282 
LYS CE  HE2  sing N N 283 
LYS CE  HE3  sing N N 284 
LYS NZ  HZ1  sing N N 285 
LYS NZ  HZ2  sing N N 286 
LYS NZ  HZ3  sing N N 287 
LYS OXT HXT  sing N N 288 
MET N   CA   sing N N 289 
MET N   H    sing N N 290 
MET N   H2   sing N N 291 
MET CA  C    sing N N 292 
MET CA  CB   sing N N 293 
MET CA  HA   sing N N 294 
MET C   O    doub N N 295 
MET C   OXT  sing N N 296 
MET CB  CG   sing N N 297 
MET CB  HB2  sing N N 298 
MET CB  HB3  sing N N 299 
MET CG  SD   sing N N 300 
MET CG  HG2  sing N N 301 
MET CG  HG3  sing N N 302 
MET SD  CE   sing N N 303 
MET CE  HE1  sing N N 304 
MET CE  HE2  sing N N 305 
MET CE  HE3  sing N N 306 
MET OXT HXT  sing N N 307 
PHE N   CA   sing N N 308 
PHE N   H    sing N N 309 
PHE N   H2   sing N N 310 
PHE CA  C    sing N N 311 
PHE CA  CB   sing N N 312 
PHE CA  HA   sing N N 313 
PHE C   O    doub N N 314 
PHE C   OXT  sing N N 315 
PHE CB  CG   sing N N 316 
PHE CB  HB2  sing N N 317 
PHE CB  HB3  sing N N 318 
PHE CG  CD1  doub Y N 319 
PHE CG  CD2  sing Y N 320 
PHE CD1 CE1  sing Y N 321 
PHE CD1 HD1  sing N N 322 
PHE CD2 CE2  doub Y N 323 
PHE CD2 HD2  sing N N 324 
PHE CE1 CZ   doub Y N 325 
PHE CE1 HE1  sing N N 326 
PHE CE2 CZ   sing Y N 327 
PHE CE2 HE2  sing N N 328 
PHE CZ  HZ   sing N N 329 
PHE OXT HXT  sing N N 330 
PRO N   CA   sing N N 331 
PRO N   CD   sing N N 332 
PRO N   H    sing N N 333 
PRO CA  C    sing N N 334 
PRO CA  CB   sing N N 335 
PRO CA  HA   sing N N 336 
PRO C   O    doub N N 337 
PRO C   OXT  sing N N 338 
PRO CB  CG   sing N N 339 
PRO CB  HB2  sing N N 340 
PRO CB  HB3  sing N N 341 
PRO CG  CD   sing N N 342 
PRO CG  HG2  sing N N 343 
PRO CG  HG3  sing N N 344 
PRO CD  HD2  sing N N 345 
PRO CD  HD3  sing N N 346 
PRO OXT HXT  sing N N 347 
SER N   CA   sing N N 348 
SER N   H    sing N N 349 
SER N   H2   sing N N 350 
SER CA  C    sing N N 351 
SER CA  CB   sing N N 352 
SER CA  HA   sing N N 353 
SER C   O    doub N N 354 
SER C   OXT  sing N N 355 
SER CB  OG   sing N N 356 
SER CB  HB2  sing N N 357 
SER CB  HB3  sing N N 358 
SER OG  HG   sing N N 359 
SER OXT HXT  sing N N 360 
THR N   CA   sing N N 361 
THR N   H    sing N N 362 
THR N   H2   sing N N 363 
THR CA  C    sing N N 364 
THR CA  CB   sing N N 365 
THR CA  HA   sing N N 366 
THR C   O    doub N N 367 
THR C   OXT  sing N N 368 
THR CB  OG1  sing N N 369 
THR CB  CG2  sing N N 370 
THR CB  HB   sing N N 371 
THR OG1 HG1  sing N N 372 
THR CG2 HG21 sing N N 373 
THR CG2 HG22 sing N N 374 
THR CG2 HG23 sing N N 375 
THR OXT HXT  sing N N 376 
TYR N   CA   sing N N 377 
TYR N   H    sing N N 378 
TYR N   H2   sing N N 379 
TYR CA  C    sing N N 380 
TYR CA  CB   sing N N 381 
TYR CA  HA   sing N N 382 
TYR C   O    doub N N 383 
TYR C   OXT  sing N N 384 
TYR CB  CG   sing N N 385 
TYR CB  HB2  sing N N 386 
TYR CB  HB3  sing N N 387 
TYR CG  CD1  doub Y N 388 
TYR CG  CD2  sing Y N 389 
TYR CD1 CE1  sing Y N 390 
TYR CD1 HD1  sing N N 391 
TYR CD2 CE2  doub Y N 392 
TYR CD2 HD2  sing N N 393 
TYR CE1 CZ   doub Y N 394 
TYR CE1 HE1  sing N N 395 
TYR CE2 CZ   sing Y N 396 
TYR CE2 HE2  sing N N 397 
TYR CZ  OH   sing N N 398 
TYR OH  HH   sing N N 399 
TYR OXT HXT  sing N N 400 
VAL N   CA   sing N N 401 
VAL N   H    sing N N 402 
VAL N   H2   sing N N 403 
VAL CA  C    sing N N 404 
VAL CA  CB   sing N N 405 
VAL CA  HA   sing N N 406 
VAL C   O    doub N N 407 
VAL C   OXT  sing N N 408 
VAL CB  CG1  sing N N 409 
VAL CB  CG2  sing N N 410 
VAL CB  HB   sing N N 411 
VAL CG1 HG11 sing N N 412 
VAL CG1 HG12 sing N N 413 
VAL CG1 HG13 sing N N 414 
VAL CG2 HG21 sing N N 415 
VAL CG2 HG22 sing N N 416 
VAL CG2 HG23 sing N N 417 
VAL OXT HXT  sing N N 418 
# 
_pdbx_initial_refinement_model.accession_code   ? 
_pdbx_initial_refinement_model.id               1 
_pdbx_initial_refinement_model.entity_id_list   ? 
_pdbx_initial_refinement_model.type             'in silico model' 
_pdbx_initial_refinement_model.source_name      Other 
_pdbx_initial_refinement_model.details          'homology-modeled structure derived from HIV-1 PR' 
# 
_atom_sites.entry_id                    1FMB 
_atom_sites.fract_transf_matrix[1][1]   0.01580383 
_atom_sites.fract_transf_matrix[1][2]   0.01670403 
_atom_sites.fract_transf_matrix[1][3]   -0.00946950 
_atom_sites.fract_transf_matrix[2][1]   -0.01420424 
_atom_sites.fract_transf_matrix[2][2]   0.00433159 
_atom_sites.fract_transf_matrix[2][3]   -0.01606487 
_atom_sites.fract_transf_matrix[3][1]   -0.00317517 
_atom_sites.fract_transf_matrix[3][2]   0.01699881 
_atom_sites.fract_transf_matrix[3][3]   0.00739083 
_atom_sites.fract_transf_vector[1]      0.001433 
_atom_sites.fract_transf_vector[2]      0.327446 
_atom_sites.fract_transf_vector[3]      0.200188 
# 
loop_
_atom_type.symbol 
C 
N 
O 
S 
# 
loop_
_atom_site.group_PDB 
_atom_site.id 
_atom_site.type_symbol 
_atom_site.label_atom_id 
_atom_site.label_alt_id 
_atom_site.label_comp_id 
_atom_site.label_asym_id 
_atom_site.label_entity_id 
_atom_site.label_seq_id 
_atom_site.pdbx_PDB_ins_code 
_atom_site.Cartn_x 
_atom_site.Cartn_y 
_atom_site.Cartn_z 
_atom_site.occupancy 
_atom_site.B_iso_or_equiv 
_atom_site.pdbx_formal_charge 
_atom_site.auth_seq_id 
_atom_site.auth_comp_id 
_atom_site.auth_asym_id 
_atom_site.auth_atom_id 
_atom_site.pdbx_PDB_model_num 
ATOM   1    N N   . VAL A 1 1   ? 9.603   -9.965  12.396  1.00 20.32 ? 1   VAL A N   1 
ATOM   2    C CA  . VAL A 1 1   ? 9.068   -11.315 12.064  1.00 19.47 ? 1   VAL A CA  1 
ATOM   3    C C   . VAL A 1 1   ? 9.521   -11.644 10.639  1.00 16.19 ? 1   VAL A C   1 
ATOM   4    O O   . VAL A 1 1   ? 9.894   -10.784 9.858   1.00 21.04 ? 1   VAL A O   1 
ATOM   5    C CB  . VAL A 1 1   ? 7.573   -11.659 12.189  1.00 28.10 ? 1   VAL A CB  1 
ATOM   6    C CG1 . VAL A 1 1   ? 6.983   -11.392 13.576  1.00 27.34 ? 1   VAL A CG1 1 
ATOM   7    C CG2 . VAL A 1 1   ? 6.788   -10.826 11.176  1.00 25.98 ? 1   VAL A CG2 1 
ATOM   8    N N   . THR A 1 2   ? 9.484   -12.928 10.392  1.00 16.34 ? 2   THR A N   1 
ATOM   9    C CA  . THR A 1 2   ? 9.942   -13.520 9.145   1.00 14.31 ? 2   THR A CA  1 
ATOM   10   C C   . THR A 1 2   ? 8.810   -14.183 8.401   1.00 16.05 ? 2   THR A C   1 
ATOM   11   O O   . THR A 1 2   ? 8.085   -14.950 8.988   1.00 17.09 ? 2   THR A O   1 
ATOM   12   C CB  . THR A 1 2   ? 10.993  -14.588 9.485   1.00 23.54 ? 2   THR A CB  1 
ATOM   13   O OG1 . THR A 1 2   ? 12.127  -13.877 10.066  1.00 27.16 ? 2   THR A OG1 1 
ATOM   14   C CG2 . THR A 1 2   ? 11.514  -15.236 8.216   1.00 25.56 ? 2   THR A CG2 1 
ATOM   15   N N   . TYR A 1 3   ? 8.695   -13.902 7.101   1.00 10.71 ? 3   TYR A N   1 
ATOM   16   C CA  . TYR A 1 3   ? 7.675   -14.526 6.267   1.00 14.71 ? 3   TYR A CA  1 
ATOM   17   C C   . TYR A 1 3   ? 8.458   -15.438 5.332   1.00 14.90 ? 3   TYR A C   1 
ATOM   18   O O   . TYR A 1 3   ? 9.306   -14.954 4.577   1.00 13.68 ? 3   TYR A O   1 
ATOM   19   C CB  . TYR A 1 3   ? 7.025   -13.465 5.373   1.00 11.38 ? 3   TYR A CB  1 
ATOM   20   C CG  . TYR A 1 3   ? 6.251   -12.478 6.220   1.00 16.09 ? 3   TYR A CG  1 
ATOM   21   C CD1 . TYR A 1 3   ? 6.877   -11.355 6.710   1.00 15.61 ? 3   TYR A CD1 1 
ATOM   22   C CD2 . TYR A 1 3   ? 4.886   -12.718 6.416   1.00 14.55 ? 3   TYR A CD2 1 
ATOM   23   C CE1 . TYR A 1 3   ? 6.142   -10.483 7.485   1.00 20.54 ? 3   TYR A CE1 1 
ATOM   24   C CE2 . TYR A 1 3   ? 4.134   -11.832 7.178   1.00 16.82 ? 3   TYR A CE2 1 
ATOM   25   C CZ  . TYR A 1 3   ? 4.797   -10.752 7.720   1.00 17.60 ? 3   TYR A CZ  1 
ATOM   26   O OH  . TYR A 1 3   ? 4.127   -9.835  8.487   1.00 21.71 ? 3   TYR A OH  1 
ATOM   27   N N   . ASN A 1 4   ? 8.166   -16.696 5.374   1.00 12.85 ? 4   ASN A N   1 
ATOM   28   C CA  . ASN A 1 4   ? 8.803   -17.771 4.623   1.00 12.50 ? 4   ASN A CA  1 
ATOM   29   C C   . ASN A 1 4   ? 8.135   -18.043 3.273   1.00 8.85  ? 4   ASN A C   1 
ATOM   30   O O   . ASN A 1 4   ? 8.528   -18.973 2.548   1.00 13.24 ? 4   ASN A O   1 
ATOM   31   C CB  . ASN A 1 4   ? 8.891   -19.075 5.418   1.00 14.03 ? 4   ASN A CB  1 
ATOM   32   C CG  . ASN A 1 4   ? 7.588   -19.805 5.765   1.00 20.10 ? 4   ASN A CG  1 
ATOM   33   O OD1 . ASN A 1 4   ? 6.461   -19.489 5.337   1.00 18.81 ? 4   ASN A OD1 1 
ATOM   34   N ND2 . ASN A 1 4   ? 7.660   -20.880 6.560   1.00 15.27 ? 4   ASN A ND2 1 
ATOM   35   N N   . LEU A 1 5   ? 7.094   -17.228 3.005   1.00 9.01  ? 5   LEU A N   1 
ATOM   36   C CA  . LEU A 1 5   ? 6.407   -17.273 1.710   1.00 8.40  ? 5   LEU A CA  1 
ATOM   37   C C   . LEU A 1 5   ? 5.603   -18.476 1.341   1.00 10.08 ? 5   LEU A C   1 
ATOM   38   O O   . LEU A 1 5   ? 5.078   -18.576 0.225   1.00 9.80  ? 5   LEU A O   1 
ATOM   39   C CB  . LEU A 1 5   ? 7.362   -16.795 0.572   1.00 10.74 ? 5   LEU A CB  1 
ATOM   40   C CG  . LEU A 1 5   ? 8.208   -15.570 0.893   1.00 14.61 ? 5   LEU A CG  1 
ATOM   41   C CD1 . LEU A 1 5   ? 9.338   -15.302 -0.117  1.00 12.84 ? 5   LEU A CD1 1 
ATOM   42   C CD2 . LEU A 1 5   ? 7.342   -14.344 1.060   1.00 10.96 ? 5   LEU A CD2 1 
ATOM   43   N N   . GLU A 1 6   ? 5.282   -19.344 2.328   1.00 9.67  ? 6   GLU A N   1 
ATOM   44   C CA  . GLU A 1 6   ? 4.326   -20.430 2.151   1.00 11.66 ? 6   GLU A CA  1 
ATOM   45   C C   . GLU A 1 6   ? 2.920   -19.823 1.944   1.00 11.08 ? 6   GLU A C   1 
ATOM   46   O O   . GLU A 1 6   ? 2.103   -20.438 1.259   1.00 15.20 ? 6   GLU A O   1 
ATOM   47   C CB  . GLU A 1 6   ? 4.158   -21.236 3.434   1.00 11.18 ? 6   GLU A CB  1 
ATOM   48   C CG  . GLU A 1 6   ? 5.363   -22.196 3.464   1.00 17.93 ? 6   GLU A CG  1 
ATOM   49   C CD  . GLU A 1 6   ? 5.458   -22.668 4.928   1.00 30.15 ? 6   GLU A CD  1 
ATOM   50   O OE1 . GLU A 1 6   ? 4.697   -22.064 5.730   1.00 28.53 ? 6   GLU A OE1 1 
ATOM   51   O OE2 . GLU A 1 6   ? 6.292   -23.564 5.101   1.00 23.51 ? 6   GLU A OE2 1 
ATOM   52   N N   . LYS A 1 7   ? 2.701   -18.664 2.536   1.00 11.15 ? 7   LYS A N   1 
ATOM   53   C CA  . LYS A 1 7   ? 1.404   -17.977 2.353   1.00 9.81  ? 7   LYS A CA  1 
ATOM   54   C C   . LYS A 1 7   ? 1.671   -16.560 1.897   1.00 9.65  ? 7   LYS A C   1 
ATOM   55   O O   . LYS A 1 7   ? 2.839   -16.070 1.888   1.00 10.16 ? 7   LYS A O   1 
ATOM   56   C CB  . LYS A 1 7   ? 0.571   -18.094 3.627   1.00 22.67 ? 7   LYS A CB  1 
ATOM   57   C CG  . LYS A 1 7   ? 0.063   -19.555 3.677   1.00 28.71 ? 7   LYS A CG  1 
ATOM   58   C CD  . LYS A 1 7   ? -1.132  -19.596 4.612   1.00 40.56 ? 7   LYS A CD  1 
ATOM   59   C CE  . LYS A 1 7   ? -1.925  -20.881 4.427   1.00 43.84 ? 7   LYS A CE  1 
ATOM   60   N NZ  . LYS A 1 7   ? -2.767  -21.108 5.653   1.00 52.59 ? 7   LYS A NZ  1 
ATOM   61   N N   . ARG A 1 8   ? 0.638   -15.831 1.382   1.00 9.16  ? 8   ARG A N   1 
ATOM   62   C CA  . ARG A 1 8   ? 1.013   -14.457 0.955   1.00 7.08  ? 8   ARG A CA  1 
ATOM   63   C C   . ARG A 1 8   ? 1.429   -13.710 2.234   1.00 10.18 ? 8   ARG A C   1 
ATOM   64   O O   . ARG A 1 8   ? 0.738   -13.901 3.262   1.00 10.39 ? 8   ARG A O   1 
ATOM   65   C CB  . ARG A 1 8   ? -0.273  -13.799 0.423   1.00 9.37  ? 8   ARG A CB  1 
ATOM   66   C CG  . ARG A 1 8   ? -0.835  -14.534 -0.799  1.00 9.23  ? 8   ARG A CG  1 
ATOM   67   C CD  . ARG A 1 8   ? -1.957  -13.746 -1.480  1.00 12.93 ? 8   ARG A CD  1 
ATOM   68   N NE  . ARG A 1 8   ? -2.507  -14.480 -2.605  1.00 12.91 ? 8   ARG A NE  1 
ATOM   69   C CZ  . ARG A 1 8   ? -3.717  -14.979 -2.772  1.00 22.80 ? 8   ARG A CZ  1 
ATOM   70   N NH1 . ARG A 1 8   ? -4.568  -14.852 -1.733  1.00 20.86 ? 8   ARG A NH1 1 
ATOM   71   N NH2 . ARG A 1 8   ? -4.035  -15.558 -3.916  1.00 15.39 ? 8   ARG A NH2 1 
ATOM   72   N N   . PRO A 1 9   ? 2.427   -12.875 2.161   1.00 10.24 ? 9   PRO A N   1 
ATOM   73   C CA  . PRO A 1 9   ? 2.924   -12.139 3.337   1.00 8.90  ? 9   PRO A CA  1 
ATOM   74   C C   . PRO A 1 9   ? 2.026   -10.916 3.569   1.00 9.13  ? 9   PRO A C   1 
ATOM   75   O O   . PRO A 1 9   ? 2.086   -9.831  2.967   1.00 11.60 ? 9   PRO A O   1 
ATOM   76   C CB  . PRO A 1 9   ? 4.351   -11.781 2.888   1.00 9.42  ? 9   PRO A CB  1 
ATOM   77   C CG  . PRO A 1 9   ? 4.310   -11.741 1.402   1.00 9.38  ? 9   PRO A CG  1 
ATOM   78   C CD  . PRO A 1 9   ? 3.246   -12.697 0.926   1.00 9.86  ? 9   PRO A CD  1 
ATOM   79   N N   . THR A 1 10  ? 1.103   -11.114 4.526   1.00 10.27 ? 10  THR A N   1 
ATOM   80   C CA  . THR A 1 10  ? 0.165   -10.061 4.891   1.00 11.02 ? 10  THR A CA  1 
ATOM   81   C C   . THR A 1 10  ? 0.358   -9.635  6.358   1.00 12.29 ? 10  THR A C   1 
ATOM   82   O O   . THR A 1 10  ? 0.783   -10.470 7.156   1.00 12.06 ? 10  THR A O   1 
ATOM   83   C CB  . THR A 1 10  ? -1.318  -10.425 4.715   1.00 14.20 ? 10  THR A CB  1 
ATOM   84   O OG1 . THR A 1 10  ? -1.697  -11.631 5.419   1.00 12.34 ? 10  THR A OG1 1 
ATOM   85   C CG2 . THR A 1 10  ? -1.625  -10.712 3.243   1.00 15.63 ? 10  THR A CG2 1 
ATOM   86   N N   . THR A 1 11  ? -0.011  -8.364  6.591   1.00 10.19 ? 11  THR A N   1 
ATOM   87   C CA  . THR A 1 11  ? 0.088   -7.904  7.989   1.00 12.21 ? 11  THR A CA  1 
ATOM   88   C C   . THR A 1 11  ? -0.967  -6.829  8.190   1.00 13.59 ? 11  THR A C   1 
ATOM   89   O O   . THR A 1 11  ? -1.519  -6.321  7.205   1.00 15.23 ? 11  THR A O   1 
ATOM   90   C CB  . THR A 1 11  ? 1.461   -7.348  8.375   1.00 14.16 ? 11  THR A CB  1 
ATOM   91   O OG1 . THR A 1 11  ? 1.555   -7.368  9.801   1.00 15.05 ? 11  THR A OG1 1 
ATOM   92   C CG2 . THR A 1 11  ? 1.718   -5.937  7.875   1.00 11.76 ? 11  THR A CG2 1 
ATOM   93   N N   . ILE A 1 12  ? -1.285  -6.558  9.458   1.00 10.47 ? 12  ILE A N   1 
ATOM   94   C CA  . ILE A 1 12  ? -2.233  -5.495  9.769   1.00 8.76  ? 12  ILE A CA  1 
ATOM   95   C C   . ILE A 1 12  ? -1.444  -4.231  10.054  1.00 10.20 ? 12  ILE A C   1 
ATOM   96   O O   . ILE A 1 12  ? -0.474  -4.195  10.851  1.00 9.75  ? 12  ILE A O   1 
ATOM   97   C CB  . ILE A 1 12  ? -3.082  -5.898  11.028  1.00 13.75 ? 12  ILE A CB  1 
ATOM   98   C CG1 . ILE A 1 12  ? -3.894  -7.095  10.521  1.00 15.29 ? 12  ILE A CG1 1 
ATOM   99   C CG2 . ILE A 1 12  ? -3.865  -4.670  11.445  1.00 13.13 ? 12  ILE A CG2 1 
ATOM   100  C CD1 . ILE A 1 12  ? -4.805  -7.903  11.386  1.00 22.11 ? 12  ILE A CD1 1 
ATOM   101  N N   . VAL A 1 13  ? -1.805  -3.133  9.423   1.00 8.69  ? 13  VAL A N   1 
ATOM   102  C CA  . VAL A 1 13  ? -1.166  -1.829  9.649   1.00 11.64 ? 13  VAL A CA  1 
ATOM   103  C C   . VAL A 1 13  ? -2.271  -0.810  9.961   1.00 12.40 ? 13  VAL A C   1 
ATOM   104  O O   . VAL A 1 13  ? -3.450  -0.962  9.567   1.00 13.68 ? 13  VAL A O   1 
ATOM   105  C CB  . VAL A 1 13  ? -0.314  -1.186  8.539   1.00 13.62 ? 13  VAL A CB  1 
ATOM   106  C CG1 . VAL A 1 13  ? 0.918   -2.036  8.200   1.00 16.92 ? 13  VAL A CG1 1 
ATOM   107  C CG2 . VAL A 1 13  ? -1.050  -0.905  7.239   1.00 9.80  ? 13  VAL A CG2 1 
ATOM   108  N N   . LEU A 1 14  ? -1.960  0.297   10.649  1.00 12.11 ? 14  LEU A N   1 
ATOM   109  C CA  . LEU A 1 14  ? -3.043  1.290   10.822  1.00 13.98 ? 14  LEU A CA  1 
ATOM   110  C C   . LEU A 1 14  ? -2.800  2.362   9.749   1.00 9.94  ? 14  LEU A C   1 
ATOM   111  O O   . LEU A 1 14  ? -1.707  2.863   9.691   1.00 10.27 ? 14  LEU A O   1 
ATOM   112  C CB  . LEU A 1 14  ? -3.028  2.031   12.196  1.00 18.49 ? 14  LEU A CB  1 
ATOM   113  C CG  . LEU A 1 14  ? -3.436  1.069   13.350  1.00 18.42 ? 14  LEU A CG  1 
ATOM   114  C CD1 . LEU A 1 14  ? -3.083  1.628   14.722  1.00 22.44 ? 14  LEU A CD1 1 
ATOM   115  C CD2 . LEU A 1 14  ? -4.927  0.785   13.309  1.00 18.50 ? 14  LEU A CD2 1 
ATOM   116  N N   . ILE A 1 15  ? -3.783  2.645   8.862   1.00 11.74 ? 15  ILE A N   1 
ATOM   117  C CA  . ILE A 1 15  ? -3.594  3.722   7.916   1.00 10.95 ? 15  ILE A CA  1 
ATOM   118  C C   . ILE A 1 15  ? -4.638  4.758   8.338   1.00 11.54 ? 15  ILE A C   1 
ATOM   119  O O   . ILE A 1 15  ? -5.847  4.412   8.408   1.00 10.97 ? 15  ILE A O   1 
ATOM   120  C CB  . ILE A 1 15  ? -3.845  3.212   6.482   1.00 13.59 ? 15  ILE A CB  1 
ATOM   121  C CG1 . ILE A 1 15  ? -2.789  2.132   6.261   1.00 13.47 ? 15  ILE A CG1 1 
ATOM   122  C CG2 . ILE A 1 15  ? -3.756  4.432   5.542   1.00 14.00 ? 15  ILE A CG2 1 
ATOM   123  C CD1 . ILE A 1 15  ? -2.757  1.296   4.984   1.00 19.62 ? 15  ILE A CD1 1 
ATOM   124  N N   . ASN A 1 16  ? -4.277  5.971   8.625   1.00 12.80 ? 16  ASN A N   1 
ATOM   125  C CA  . ASN A 1 16  ? -5.218  7.021   9.062   1.00 16.30 ? 16  ASN A CA  1 
ATOM   126  C C   . ASN A 1 16  ? -6.150  6.424   10.126  1.00 16.52 ? 16  ASN A C   1 
ATOM   127  O O   . ASN A 1 16  ? -7.380  6.447   10.068  1.00 14.68 ? 16  ASN A O   1 
ATOM   128  C CB  . ASN A 1 16  ? -6.076  7.597   7.928   1.00 12.32 ? 16  ASN A CB  1 
ATOM   129  C CG  . ASN A 1 16  ? -5.243  8.434   6.964   1.00 10.23 ? 16  ASN A CG  1 
ATOM   130  O OD1 . ASN A 1 16  ? -4.021  8.523   7.170   1.00 15.89 ? 16  ASN A OD1 1 
ATOM   131  N ND2 . ASN A 1 16  ? -5.845  9.075   5.960   1.00 11.66 ? 16  ASN A ND2 1 
ATOM   132  N N   . ASP A 1 17  ? -5.545  5.809   11.131  1.00 17.65 ? 17  ASP A N   1 
ATOM   133  C CA  . ASP A 1 17  ? -6.247  5.200   12.253  1.00 20.34 ? 17  ASP A CA  1 
ATOM   134  C C   . ASP A 1 17  ? -7.198  4.050   12.012  1.00 18.65 ? 17  ASP A C   1 
ATOM   135  O O   . ASP A 1 17  ? -8.090  3.765   12.804  1.00 19.35 ? 17  ASP A O   1 
ATOM   136  C CB  . ASP A 1 17  ? -7.284  6.204   12.818  1.00 25.78 ? 17  ASP A CB  1 
ATOM   137  C CG  . ASP A 1 17  ? -6.594  7.023   13.883  1.00 34.46 ? 17  ASP A CG  1 
ATOM   138  O OD1 . ASP A 1 17  ? -5.358  7.126   13.782  1.00 35.75 ? 17  ASP A OD1 1 
ATOM   139  O OD2 . ASP A 1 17  ? -7.350  7.500   14.758  1.00 47.45 ? 17  ASP A OD2 1 
ATOM   140  N N   . THR A 1 18  ? -7.077  3.363   10.909  1.00 13.83 ? 18  THR A N   1 
ATOM   141  C CA  . THR A 1 18  ? -7.982  2.289   10.550  1.00 13.09 ? 18  THR A CA  1 
ATOM   142  C C   . THR A 1 18  ? -7.133  1.055   10.306  1.00 15.66 ? 18  THR A C   1 
ATOM   143  O O   . THR A 1 18  ? -6.229  1.150   9.469   1.00 14.18 ? 18  THR A O   1 
ATOM   144  C CB  . THR A 1 18  ? -8.503  2.704   9.148   1.00 13.73 ? 18  THR A CB  1 
ATOM   145  O OG1 . THR A 1 18  ? -8.977  4.084   9.227   1.00 17.17 ? 18  THR A OG1 1 
ATOM   146  C CG2 . THR A 1 18  ? -9.596  1.822   8.652   1.00 14.96 ? 18  THR A CG2 1 
ATOM   147  N N   . PRO A 1 19  ? -7.396  -0.006  11.028  1.00 16.96 ? 19  PRO A N   1 
ATOM   148  C CA  . PRO A 1 19  ? -6.650  -1.268  10.865  1.00 14.69 ? 19  PRO A CA  1 
ATOM   149  C C   . PRO A 1 19  ? -6.990  -1.893  9.512   1.00 13.55 ? 19  PRO A C   1 
ATOM   150  O O   . PRO A 1 19  ? -8.180  -2.098  9.159   1.00 13.89 ? 19  PRO A O   1 
ATOM   151  C CB  . PRO A 1 19  ? -6.977  -2.048  12.133  1.00 16.29 ? 19  PRO A CB  1 
ATOM   152  C CG  . PRO A 1 19  ? -8.341  -1.538  12.521  1.00 19.89 ? 19  PRO A CG  1 
ATOM   153  C CD  . PRO A 1 19  ? -8.432  -0.104  12.054  1.00 18.58 ? 19  PRO A CD  1 
ATOM   154  N N   . LEU A 1 20  ? -5.929  -2.135  8.690   1.00 11.45 ? 20  LEU A N   1 
ATOM   155  C CA  . LEU A 1 20  ? -6.221  -2.750  7.365   1.00 9.55  ? 20  LEU A CA  1 
ATOM   156  C C   . LEU A 1 20  ? -5.234  -3.896  7.135   1.00 12.10 ? 20  LEU A C   1 
ATOM   157  O O   . LEU A 1 20  ? -4.078  -3.707  7.497   1.00 14.14 ? 20  LEU A O   1 
ATOM   158  C CB  . LEU A 1 20  ? -5.888  -1.739  6.237   1.00 11.59 ? 20  LEU A CB  1 
ATOM   159  C CG  . LEU A 1 20  ? -6.871  -0.549  6.093   1.00 15.87 ? 20  LEU A CG  1 
ATOM   160  C CD1 . LEU A 1 20  ? -6.487  0.385   4.942   1.00 16.16 ? 20  LEU A CD1 1 
ATOM   161  C CD2 . LEU A 1 20  ? -8.240  -1.105  5.791   1.00 14.97 ? 20  LEU A CD2 1 
ATOM   162  N N   . ASN A 1 21  ? -5.620  -4.978  6.473   1.00 12.47 ? 21  ASN A N   1 
ATOM   163  C CA  . ASN A 1 21  ? -4.744  -6.113  6.159   1.00 15.57 ? 21  ASN A CA  1 
ATOM   164  C C   . ASN A 1 21  ? -4.130  -5.730  4.792   1.00 13.82 ? 21  ASN A C   1 
ATOM   165  O O   . ASN A 1 21  ? -4.912  -5.336  3.921   1.00 17.09 ? 21  ASN A O   1 
ATOM   166  C CB  . ASN A 1 21  ? -5.443  -7.442  5.924   1.00 27.04 ? 21  ASN A CB  1 
ATOM   167  C CG  . ASN A 1 21  ? -4.560  -8.663  6.188   1.00 41.42 ? 21  ASN A CG  1 
ATOM   168  O OD1 . ASN A 1 21  ? -4.074  -8.991  7.293   1.00 41.71 ? 21  ASN A OD1 1 
ATOM   169  N ND2 . ASN A 1 21  ? -4.364  -9.407  5.091   1.00 48.36 ? 21  ASN A ND2 1 
ATOM   170  N N   . VAL A 1 22  ? -2.816  -5.749  4.743   1.00 11.32 ? 22  VAL A N   1 
ATOM   171  C CA  . VAL A 1 22  ? -2.099  -5.313  3.535   1.00 8.25  ? 22  VAL A CA  1 
ATOM   172  C C   . VAL A 1 22  ? -1.116  -6.348  3.017   1.00 11.67 ? 22  VAL A C   1 
ATOM   173  O O   . VAL A 1 22  ? -0.655  -7.107  3.858   1.00 9.75  ? 22  VAL A O   1 
ATOM   174  C CB  . VAL A 1 22  ? -1.304  -4.018  3.782   1.00 10.93 ? 22  VAL A CB  1 
ATOM   175  C CG1 . VAL A 1 22  ? -2.265  -2.940  4.304   1.00 8.57  ? 22  VAL A CG1 1 
ATOM   176  C CG2 . VAL A 1 22  ? -0.184  -4.045  4.771   1.00 11.20 ? 22  VAL A CG2 1 
ATOM   177  N N   . LEU A 1 23  ? -0.796  -6.372  1.732   1.00 9.00  ? 23  LEU A N   1 
ATOM   178  C CA  . LEU A 1 23  ? 0.116   -7.353  1.173   1.00 7.80  ? 23  LEU A CA  1 
ATOM   179  C C   . LEU A 1 23  ? 1.484   -6.693  1.187   1.00 9.25  ? 23  LEU A C   1 
ATOM   180  O O   . LEU A 1 23  ? 1.561   -5.520  0.744   1.00 9.04  ? 23  LEU A O   1 
ATOM   181  C CB  . LEU A 1 23  ? -0.330  -7.666  -0.259  1.00 9.04  ? 23  LEU A CB  1 
ATOM   182  C CG  . LEU A 1 23  ? 0.657   -8.524  -1.070  1.00 11.07 ? 23  LEU A CG  1 
ATOM   183  C CD1 . LEU A 1 23  ? 0.785   -9.911  -0.475  1.00 11.91 ? 23  LEU A CD1 1 
ATOM   184  C CD2 . LEU A 1 23  ? 0.189   -8.675  -2.517  1.00 12.18 ? 23  LEU A CD2 1 
ATOM   185  N N   . LEU A 1 24  ? 2.561   -7.328  1.622   1.00 7.36  ? 24  LEU A N   1 
ATOM   186  C CA  . LEU A 1 24  ? 3.927   -6.781  1.625   1.00 6.52  ? 24  LEU A CA  1 
ATOM   187  C C   . LEU A 1 24  ? 4.543   -7.271  0.291   1.00 8.82  ? 24  LEU A C   1 
ATOM   188  O O   . LEU A 1 24  ? 4.773   -8.472  0.068   1.00 9.86  ? 24  LEU A O   1 
ATOM   189  C CB  . LEU A 1 24  ? 4.727   -7.395  2.777   1.00 11.46 ? 24  LEU A CB  1 
ATOM   190  C CG  . LEU A 1 24  ? 3.943   -7.159  4.108   1.00 13.77 ? 24  LEU A CG  1 
ATOM   191  C CD1 . LEU A 1 24  ? 4.700   -7.805  5.267   1.00 10.62 ? 24  LEU A CD1 1 
ATOM   192  C CD2 . LEU A 1 24  ? 3.804   -5.683  4.275   1.00 7.38  ? 24  LEU A CD2 1 
ATOM   193  N N   . ASP A 1 25  ? 4.707   -6.326  -0.596  1.00 5.86  ? 25  ASP A N   1 
ATOM   194  C CA  . ASP A 1 25  ? 5.067   -6.649  -1.978  1.00 4.80  ? 25  ASP A CA  1 
ATOM   195  C C   . ASP A 1 25  ? 6.351   -6.066  -2.536  1.00 8.52  ? 25  ASP A C   1 
ATOM   196  O O   . ASP A 1 25  ? 6.445   -4.890  -2.912  1.00 10.00 ? 25  ASP A O   1 
ATOM   197  C CB  . ASP A 1 25  ? 3.848   -6.188  -2.820  1.00 3.40  ? 25  ASP A CB  1 
ATOM   198  C CG  . ASP A 1 25  ? 3.868   -6.594  -4.296  1.00 12.91 ? 25  ASP A CG  1 
ATOM   199  O OD1 . ASP A 1 25  ? 4.846   -7.285  -4.679  1.00 8.15  ? 25  ASP A OD1 1 
ATOM   200  O OD2 . ASP A 1 25  ? 2.956   -6.083  -4.958  1.00 14.57 ? 25  ASP A OD2 1 
ATOM   201  N N   . THR A 1 26  ? 7.353   -6.958  -2.586  1.00 7.24  ? 26  THR A N   1 
ATOM   202  C CA  . THR A 1 26  ? 8.665   -6.486  -3.136  1.00 7.98  ? 26  THR A CA  1 
ATOM   203  C C   . THR A 1 26  ? 8.601   -6.208  -4.643  1.00 6.46  ? 26  THR A C   1 
ATOM   204  O O   . THR A 1 26  ? 9.575   -5.581  -5.109  1.00 10.35 ? 26  THR A O   1 
ATOM   205  C CB  . THR A 1 26  ? 9.811   -7.474  -2.888  1.00 7.09  ? 26  THR A CB  1 
ATOM   206  O OG1 . THR A 1 26  ? 9.463   -8.743  -3.484  1.00 6.74  ? 26  THR A OG1 1 
ATOM   207  C CG2 . THR A 1 26  ? 9.929   -7.765  -1.391  1.00 7.81  ? 26  THR A CG2 1 
ATOM   208  N N   . GLY A 1 27  ? 7.625   -6.690  -5.390  1.00 5.38  ? 27  GLY A N   1 
ATOM   209  C CA  . GLY A 1 27  ? 7.503   -6.402  -6.805  1.00 4.78  ? 27  GLY A CA  1 
ATOM   210  C C   . GLY A 1 27  ? 6.714   -5.145  -7.081  1.00 7.49  ? 27  GLY A C   1 
ATOM   211  O O   . GLY A 1 27  ? 6.425   -4.882  -8.237  1.00 13.66 ? 27  GLY A O   1 
ATOM   212  N N   . ALA A 1 28  ? 6.323   -4.303  -6.122  1.00 7.42  ? 28  ALA A N   1 
ATOM   213  C CA  . ALA A 1 28  ? 5.554   -3.088  -6.337  1.00 8.21  ? 28  ALA A CA  1 
ATOM   214  C C   . ALA A 1 28  ? 6.485   -1.925  -6.035  1.00 9.20  ? 28  ALA A C   1 
ATOM   215  O O   . ALA A 1 28  ? 7.118   -1.904  -4.956  1.00 9.49  ? 28  ALA A O   1 
ATOM   216  C CB  . ALA A 1 28  ? 4.296   -3.069  -5.438  1.00 8.02  ? 28  ALA A CB  1 
ATOM   217  N N   . ASP A 1 29  ? 6.688   -1.042  -7.039  1.00 7.94  ? 29  ASP A N   1 
ATOM   218  C CA  . ASP A 1 29  ? 7.573   0.099   -6.776  1.00 11.75 ? 29  ASP A CA  1 
ATOM   219  C C   . ASP A 1 29  ? 7.016   1.101   -5.779  1.00 13.78 ? 29  ASP A C   1 
ATOM   220  O O   . ASP A 1 29  ? 7.781   1.764   -5.083  1.00 15.02 ? 29  ASP A O   1 
ATOM   221  C CB  . ASP A 1 29  ? 7.838   0.940   -8.020  1.00 10.73 ? 29  ASP A CB  1 
ATOM   222  C CG  . ASP A 1 29  ? 8.620   0.207   -9.095  1.00 12.55 ? 29  ASP A CG  1 
ATOM   223  O OD1 . ASP A 1 29  ? 9.258   -0.850  -8.870  1.00 12.31 ? 29  ASP A OD1 1 
ATOM   224  O OD2 . ASP A 1 29  ? 8.663   0.806   -10.208 1.00 14.31 ? 29  ASP A OD2 1 
ATOM   225  N N   . THR A 1 30  ? 5.686   1.075   -5.726  1.00 11.25 ? 30  THR A N   1 
ATOM   226  C CA  . THR A 1 30  ? 5.016   2.041   -4.883  1.00 11.95 ? 30  THR A CA  1 
ATOM   227  C C   . THR A 1 30  ? 3.801   1.389   -4.271  1.00 10.45 ? 30  THR A C   1 
ATOM   228  O O   . THR A 1 30  ? 3.371   0.275   -4.579  1.00 12.26 ? 30  THR A O   1 
ATOM   229  C CB  . THR A 1 30  ? 4.681   3.236   -5.839  1.00 18.67 ? 30  THR A CB  1 
ATOM   230  O OG1 . THR A 1 30  ? 4.218   4.295   -4.993  1.00 24.09 ? 30  THR A OG1 1 
ATOM   231  C CG2 . THR A 1 30  ? 3.596   2.849   -6.824  1.00 21.16 ? 30  THR A CG2 1 
ATOM   232  N N   . SER A 1 31  ? 3.296   2.019   -3.239  1.00 10.23 ? 31  SER A N   1 
ATOM   233  C CA  . SER A 1 31  ? 2.167   1.451   -2.443  1.00 7.21  ? 31  SER A CA  1 
ATOM   234  C C   . SER A 1 31  ? 0.809   1.947   -2.965  1.00 10.36 ? 31  SER A C   1 
ATOM   235  O O   . SER A 1 31  ? 0.695   3.117   -3.320  1.00 13.06 ? 31  SER A O   1 
ATOM   236  C CB  . SER A 1 31  ? 2.419   1.949   -1.058  1.00 6.65  ? 31  SER A CB  1 
ATOM   237  O OG  . SER A 1 31  ? 3.585   1.367   -0.476  1.00 9.91  ? 31  SER A OG  1 
ATOM   238  N N   . VAL A 1 32  ? -0.196  1.090   -2.916  1.00 7.62  ? 32  VAL A N   1 
ATOM   239  C CA  . VAL A 1 32  ? -1.515  1.421   -3.437  1.00 8.54  ? 32  VAL A CA  1 
ATOM   240  C C   . VAL A 1 32  ? -2.627  0.944   -2.513  1.00 9.34  ? 32  VAL A C   1 
ATOM   241  O O   . VAL A 1 32  ? -2.714  -0.184  -2.057  1.00 9.46  ? 32  VAL A O   1 
ATOM   242  C CB  . VAL A 1 32  ? -1.691  0.638   -4.772  1.00 10.23 ? 32  VAL A CB  1 
ATOM   243  C CG1 . VAL A 1 32  ? -2.986  1.118   -5.482  1.00 9.18  ? 32  VAL A CG1 1 
ATOM   244  C CG2 . VAL A 1 32  ? -0.520  0.980   -5.708  1.00 16.75 ? 32  VAL A CG2 1 
ATOM   245  N N   . LEU A 1 33  ? -3.513  1.865   -2.221  1.00 11.38 ? 33  LEU A N   1 
ATOM   246  C CA  . LEU A 1 33  ? -4.700  1.535   -1.390  1.00 9.20  ? 33  LEU A CA  1 
ATOM   247  C C   . LEU A 1 33  ? -5.815  1.262   -2.416  1.00 13.57 ? 33  LEU A C   1 
ATOM   248  O O   . LEU A 1 33  ? -6.007  1.998   -3.419  1.00 11.09 ? 33  LEU A O   1 
ATOM   249  C CB  . LEU A 1 33  ? -4.875  2.875   -0.712  1.00 16.70 ? 33  LEU A CB  1 
ATOM   250  C CG  . LEU A 1 33  ? -5.790  3.173   0.444   1.00 26.40 ? 33  LEU A CG  1 
ATOM   251  C CD1 . LEU A 1 33  ? -5.461  2.189   1.577   1.00 23.70 ? 33  LEU A CD1 1 
ATOM   252  C CD2 . LEU A 1 33  ? -5.576  4.636   0.820   1.00 19.54 ? 33  LEU A CD2 1 
ATOM   253  N N   . THR A 1 34  ? -6.583  0.225   -2.075  1.00 10.08 ? 34  THR A N   1 
ATOM   254  C CA  . THR A 1 34  ? -7.753  -0.061  -2.938  1.00 11.06 ? 34  THR A CA  1 
ATOM   255  C C   . THR A 1 34  ? -8.774  1.043   -2.664  1.00 13.03 ? 34  THR A C   1 
ATOM   256  O O   . THR A 1 34  ? -8.844  1.696   -1.615  1.00 9.79  ? 34  THR A O   1 
ATOM   257  C CB  . THR A 1 34  ? -8.394  -1.422  -2.688  1.00 10.53 ? 34  THR A CB  1 
ATOM   258  O OG1 . THR A 1 34  ? -9.043  -1.475  -1.375  1.00 15.54 ? 34  THR A OG1 1 
ATOM   259  C CG2 . THR A 1 34  ? -7.475  -2.618  -2.679  1.00 11.01 ? 34  THR A CG2 1 
ATOM   260  N N   . THR A 1 35  ? -9.615  1.387   -3.635  1.00 9.22  ? 35  THR A N   1 
ATOM   261  C CA  . THR A 1 35  ? -10.639 2.411   -3.416  1.00 10.22 ? 35  THR A CA  1 
ATOM   262  C C   . THR A 1 35  ? -11.627 2.052   -2.277  1.00 10.41 ? 35  THR A C   1 
ATOM   263  O O   . THR A 1 35  ? -12.060 3.013   -1.603  1.00 13.92 ? 35  THR A O   1 
ATOM   264  C CB  . THR A 1 35  ? -11.458 2.476   -4.720  1.00 14.71 ? 35  THR A CB  1 
ATOM   265  O OG1 . THR A 1 35  ? -10.552 2.757   -5.803  1.00 14.35 ? 35  THR A OG1 1 
ATOM   266  C CG2 . THR A 1 35  ? -12.544 3.537   -4.590  1.00 20.38 ? 35  THR A CG2 1 
ATOM   267  N N   . ALA A 1 36  ? -11.964 0.791   -2.089  1.00 13.02 ? 36  ALA A N   1 
ATOM   268  C CA  . ALA A 1 36  ? -12.882 0.285   -1.070  1.00 15.74 ? 36  ALA A CA  1 
ATOM   269  C C   . ALA A 1 36  ? -12.219 0.598   0.278   1.00 17.41 ? 36  ALA A C   1 
ATOM   270  O O   . ALA A 1 36  ? -12.928 1.088   1.152   1.00 13.41 ? 36  ALA A O   1 
ATOM   271  C CB  . ALA A 1 36  ? -13.145 -1.207  -1.101  1.00 16.73 ? 36  ALA A CB  1 
ATOM   272  N N   . HIS A 1 37  ? -10.894 0.416   0.421   1.00 14.98 ? 37  HIS A N   1 
ATOM   273  C CA  . HIS A 1 37  ? -10.220 0.761   1.670   1.00 13.60 ? 37  HIS A CA  1 
ATOM   274  C C   . HIS A 1 37  ? -10.189 2.270   1.910   1.00 14.81 ? 37  HIS A C   1 
ATOM   275  O O   . HIS A 1 37  ? -10.411 2.692   3.051   1.00 15.30 ? 37  HIS A O   1 
ATOM   276  C CB  . HIS A 1 37  ? -8.799  0.185   1.721   1.00 6.51  ? 37  HIS A CB  1 
ATOM   277  C CG  . HIS A 1 37  ? -8.819  -1.265  2.070   1.00 11.01 ? 37  HIS A CG  1 
ATOM   278  N ND1 . HIS A 1 37  ? -7.688  -2.063  2.051   1.00 16.61 ? 37  HIS A ND1 1 
ATOM   279  C CD2 . HIS A 1 37  ? -9.848  -2.114  2.328   1.00 11.64 ? 37  HIS A CD2 1 
ATOM   280  C CE1 . HIS A 1 37  ? -7.991  -3.286  2.425   1.00 25.04 ? 37  HIS A CE1 1 
ATOM   281  N NE2 . HIS A 1 37  ? -9.310  -3.363  2.598   1.00 17.59 ? 37  HIS A NE2 1 
ATOM   282  N N   . TYR A 1 38  ? -9.967  3.102   0.891   1.00 11.83 ? 38  TYR A N   1 
ATOM   283  C CA  . TYR A 1 38  ? -9.912  4.558   0.969   1.00 12.13 ? 38  TYR A CA  1 
ATOM   284  C C   . TYR A 1 38  ? -11.265 5.050   1.486   1.00 11.77 ? 38  TYR A C   1 
ATOM   285  O O   . TYR A 1 38  ? -11.372 5.887   2.402   1.00 12.56 ? 38  TYR A O   1 
ATOM   286  C CB  . TYR A 1 38  ? -9.485  5.113   -0.395  1.00 13.07 ? 38  TYR A CB  1 
ATOM   287  C CG  . TYR A 1 38  ? -9.685  6.608   -0.452  1.00 12.66 ? 38  TYR A CG  1 
ATOM   288  C CD1 . TYR A 1 38  ? -8.688  7.449   0.010   1.00 15.48 ? 38  TYR A CD1 1 
ATOM   289  C CD2 . TYR A 1 38  ? -10.858 7.134   -1.009  1.00 16.66 ? 38  TYR A CD2 1 
ATOM   290  C CE1 . TYR A 1 38  ? -8.904  8.819   0.010   1.00 17.00 ? 38  TYR A CE1 1 
ATOM   291  C CE2 . TYR A 1 38  ? -11.054 8.502   -1.019  1.00 16.90 ? 38  TYR A CE2 1 
ATOM   292  C CZ  . TYR A 1 38  ? -10.071 9.326   -0.535  1.00 19.76 ? 38  TYR A CZ  1 
ATOM   293  O OH  . TYR A 1 38  ? -10.202 10.697  -0.512  1.00 26.38 ? 38  TYR A OH  1 
ATOM   294  N N   . ASN A 1 39  ? -12.344 4.453   1.002   1.00 13.76 ? 39  ASN A N   1 
ATOM   295  C CA  . ASN A 1 39  ? -13.702 4.814   1.420   1.00 17.76 ? 39  ASN A CA  1 
ATOM   296  C C   . ASN A 1 39  ? -14.048 4.424   2.840   1.00 20.92 ? 39  ASN A C   1 
ATOM   297  O O   . ASN A 1 39  ? -15.003 4.927   3.424   1.00 23.47 ? 39  ASN A O   1 
ATOM   298  C CB  . ASN A 1 39  ? -14.744 4.158   0.515   1.00 15.84 ? 39  ASN A CB  1 
ATOM   299  C CG  . ASN A 1 39  ? -14.692 4.774   -0.875  1.00 20.31 ? 39  ASN A CG  1 
ATOM   300  O OD1 . ASN A 1 39  ? -15.130 4.129   -1.832  1.00 29.70 ? 39  ASN A OD1 1 
ATOM   301  N ND2 . ASN A 1 39  ? -14.209 5.977   -1.076  1.00 19.44 ? 39  ASN A ND2 1 
ATOM   302  N N   . ARG A 1 40  ? -13.302 3.512   3.434   1.00 17.09 ? 40  ARG A N   1 
ATOM   303  C CA  . ARG A 1 40  ? -13.513 3.048   4.792   1.00 18.21 ? 40  ARG A CA  1 
ATOM   304  C C   . ARG A 1 40  ? -12.580 3.726   5.790   1.00 17.36 ? 40  ARG A C   1 
ATOM   305  O O   . ARG A 1 40  ? -12.741 3.471   6.984   1.00 17.35 ? 40  ARG A O   1 
ATOM   306  C CB  . ARG A 1 40  ? -13.131 1.554   4.862   1.00 25.76 ? 40  ARG A CB  1 
ATOM   307  C CG  . ARG A 1 40  ? -14.222 0.515   4.718   1.00 36.87 ? 40  ARG A CG  1 
ATOM   308  C CD  . ARG A 1 40  ? -13.618 -0.865  4.453   1.00 38.84 ? 40  ARG A CD  1 
ATOM   309  N NE  . ARG A 1 40  ? -12.808 -1.414  5.533   1.00 36.12 ? 40  ARG A NE  1 
ATOM   310  C CZ  . ARG A 1 40  ? -12.318 -2.649  5.556   1.00 42.43 ? 40  ARG A CZ  1 
ATOM   311  N NH1 . ARG A 1 40  ? -12.557 -3.540  4.590   1.00 44.54 ? 40  ARG A NH1 1 
ATOM   312  N NH2 . ARG A 1 40  ? -11.590 -3.083  6.572   1.00 42.89 ? 40  ARG A NH2 1 
ATOM   313  N N   . LEU A 1 41  ? -11.602 4.541   5.361   1.00 15.18 ? 41  LEU A N   1 
ATOM   314  C CA  . LEU A 1 41  ? -10.701 5.173   6.303   1.00 15.89 ? 41  LEU A CA  1 
ATOM   315  C C   . LEU A 1 41  ? -11.478 6.080   7.250   1.00 16.49 ? 41  LEU A C   1 
ATOM   316  O O   . LEU A 1 41  ? -12.405 6.783   6.840   1.00 16.60 ? 41  LEU A O   1 
ATOM   317  C CB  . LEU A 1 41  ? -9.638  5.981   5.543   1.00 15.23 ? 41  LEU A CB  1 
ATOM   318  C CG  . LEU A 1 41  ? -8.686  5.194   4.632   1.00 15.95 ? 41  LEU A CG  1 
ATOM   319  C CD1 . LEU A 1 41  ? -7.700  6.182   4.035   1.00 14.92 ? 41  LEU A CD1 1 
ATOM   320  C CD2 . LEU A 1 41  ? -7.865  4.073   5.300   1.00 13.04 ? 41  LEU A CD2 1 
ATOM   321  N N   . LYS A 1 42  ? -11.071 6.158   8.506   1.00 17.73 ? 42  LYS A N   1 
ATOM   322  C CA  . LYS A 1 42  ? -11.753 7.025   9.506   1.00 18.60 ? 42  LYS A CA  1 
ATOM   323  C C   . LYS A 1 42  ? -11.520 8.467   9.118   1.00 16.41 ? 42  LYS A C   1 
ATOM   324  O O   . LYS A 1 42  ? -12.446 9.278   9.263   1.00 16.91 ? 42  LYS A O   1 
ATOM   325  C CB  . LYS A 1 42  ? -11.141 6.689   10.893  1.00 18.38 ? 42  LYS A CB  1 
ATOM   326  C CG  . LYS A 1 42  ? -11.393 5.189   11.051  1.00 35.27 ? 42  LYS A CG  1 
ATOM   327  C CD  . LYS A 1 42  ? -11.447 4.573   12.431  1.00 42.36 ? 42  LYS A CD  1 
ATOM   328  C CE  . LYS A 1 42  ? -12.027 5.485   13.506  1.00 45.24 ? 42  LYS A CE  1 
ATOM   329  N NZ  . LYS A 1 42  ? -11.246 6.754   13.650  1.00 50.76 ? 42  LYS A NZ  1 
ATOM   330  N N   . TYR A 1 43  ? -10.353 8.795   8.546   1.00 12.08 ? 43  TYR A N   1 
ATOM   331  C CA  . TYR A 1 43  ? -10.082 10.150  8.129   1.00 14.29 ? 43  TYR A CA  1 
ATOM   332  C C   . TYR A 1 43  ? -9.452  10.073  6.728   1.00 14.79 ? 43  TYR A C   1 
ATOM   333  O O   . TYR A 1 43  ? -8.728  9.095   6.616   1.00 15.61 ? 43  TYR A O   1 
ATOM   334  C CB  . TYR A 1 43  ? -9.014  10.845  8.989   1.00 17.12 ? 43  TYR A CB  1 
ATOM   335  C CG  . TYR A 1 43  ? -9.368  10.856  10.452  1.00 22.17 ? 43  TYR A CG  1 
ATOM   336  C CD1 . TYR A 1 43  ? -10.403 11.732  10.842  1.00 29.56 ? 43  TYR A CD1 1 
ATOM   337  C CD2 . TYR A 1 43  ? -8.738  10.086  11.409  1.00 27.03 ? 43  TYR A CD2 1 
ATOM   338  C CE1 . TYR A 1 43  ? -10.820 11.851  12.156  1.00 30.60 ? 43  TYR A CE1 1 
ATOM   339  C CE2 . TYR A 1 43  ? -9.149  10.210  12.736  1.00 36.95 ? 43  TYR A CE2 1 
ATOM   340  C CZ  . TYR A 1 43  ? -10.170 11.075  13.097  1.00 37.87 ? 43  TYR A CZ  1 
ATOM   341  O OH  . TYR A 1 43  ? -10.543 11.156  14.418  1.00 44.34 ? 43  TYR A OH  1 
ATOM   342  N N   . ARG A 1 44  ? -9.724  11.035  5.890   1.00 13.75 ? 44  ARG A N   1 
ATOM   343  C CA  . ARG A 1 44  ? -9.126  11.057  4.547   1.00 16.70 ? 44  ARG A CA  1 
ATOM   344  C C   . ARG A 1 44  ? -8.633  12.467  4.256   1.00 15.80 ? 44  ARG A C   1 
ATOM   345  O O   . ARG A 1 44  ? -9.316  13.417  4.646   1.00 16.21 ? 44  ARG A O   1 
ATOM   346  C CB  . ARG A 1 44  ? -10.230 10.791  3.498   1.00 19.39 ? 44  ARG A CB  1 
ATOM   347  C CG  . ARG A 1 44  ? -10.410 9.328   3.191   1.00 30.28 ? 44  ARG A CG  1 
ATOM   348  C CD  . ARG A 1 44  ? -11.693 9.113   2.381   1.00 32.69 ? 44  ARG A CD  1 
ATOM   349  N NE  . ARG A 1 44  ? -12.797 9.631   3.184   1.00 35.36 ? 44  ARG A NE  1 
ATOM   350  C CZ  . ARG A 1 44  ? -13.284 8.894   4.182   1.00 42.22 ? 44  ARG A CZ  1 
ATOM   351  N NH1 . ARG A 1 44  ? -12.954 7.599   4.167   1.00 42.02 ? 44  ARG A NH1 1 
ATOM   352  N NH2 . ARG A 1 44  ? -14.115 9.480   5.043   1.00 43.42 ? 44  ARG A NH2 1 
ATOM   353  N N   . GLY A 1 45  ? -7.507  12.635  3.566   1.00 16.26 ? 45  GLY A N   1 
ATOM   354  C CA  . GLY A 1 45  ? -7.007  13.959  3.196   1.00 17.22 ? 45  GLY A CA  1 
ATOM   355  C C   . GLY A 1 45  ? -7.495  14.139  1.722   1.00 17.75 ? 45  GLY A C   1 
ATOM   356  O O   . GLY A 1 45  ? -8.253  13.306  1.248   1.00 19.74 ? 45  GLY A O   1 
ATOM   357  N N   . ARG A 1 46  ? -6.991  15.162  1.084   1.00 21.04 ? 46  ARG A N   1 
ATOM   358  C CA  . ARG A 1 46  ? -7.368  15.466  -0.279  1.00 28.43 ? 46  ARG A CA  1 
ATOM   359  C C   . ARG A 1 46  ? -6.907  14.360  -1.219  1.00 29.55 ? 46  ARG A C   1 
ATOM   360  O O   . ARG A 1 46  ? -6.166  13.423  -0.922  1.00 27.76 ? 46  ARG A O   1 
ATOM   361  C CB  . ARG A 1 46  ? -6.889  16.852  -0.643  1.00 26.66 ? 46  ARG A CB  1 
ATOM   362  N N   . LYS A 1 47  ? -7.457  14.455  -2.420  1.00 30.87 ? 47  LYS A N   1 
ATOM   363  C CA  . LYS A 1 47  ? -7.172  13.497  -3.504  1.00 30.71 ? 47  LYS A CA  1 
ATOM   364  C C   . LYS A 1 47  ? -6.442  14.306  -4.568  1.00 32.12 ? 47  LYS A C   1 
ATOM   365  O O   . LYS A 1 47  ? -6.904  15.378  -5.006  1.00 34.98 ? 47  LYS A O   1 
ATOM   366  C CB  . LYS A 1 47  ? -8.590  13.072  -3.768  1.00 37.95 ? 47  LYS A CB  1 
ATOM   367  C CG  . LYS A 1 47  ? -9.205  11.841  -4.333  1.00 48.30 ? 47  LYS A CG  1 
ATOM   368  C CD  . LYS A 1 47  ? -10.719 11.959  -4.425  1.00 54.53 ? 47  LYS A CD  1 
ATOM   369  C CE  . LYS A 1 47  ? -11.353 10.878  -5.285  1.00 60.77 ? 47  LYS A CE  1 
ATOM   370  N NZ  . LYS A 1 47  ? -11.340 11.160  -6.751  1.00 61.52 ? 47  LYS A NZ  1 
ATOM   371  N N   . TYR A 1 48  ? -5.255  13.941  -5.004  1.00 26.20 ? 48  TYR A N   1 
ATOM   372  C CA  . TYR A 1 48  ? -4.452  14.598  -6.026  1.00 26.52 ? 48  TYR A CA  1 
ATOM   373  C C   . TYR A 1 48  ? -4.467  13.670  -7.247  1.00 26.33 ? 48  TYR A C   1 
ATOM   374  O O   . TYR A 1 48  ? -4.274  12.477  -7.070  1.00 20.36 ? 48  TYR A O   1 
ATOM   375  C CB  . TYR A 1 48  ? -2.996  14.762  -5.618  1.00 28.68 ? 48  TYR A CB  1 
ATOM   376  C CG  . TYR A 1 48  ? -3.002  15.579  -4.336  1.00 40.93 ? 48  TYR A CG  1 
ATOM   377  C CD1 . TYR A 1 48  ? -3.158  16.962  -4.459  1.00 47.62 ? 48  TYR A CD1 1 
ATOM   378  C CD2 . TYR A 1 48  ? -2.890  15.016  -3.075  1.00 44.16 ? 48  TYR A CD2 1 
ATOM   379  C CE1 . TYR A 1 48  ? -3.173  17.766  -3.329  1.00 54.39 ? 48  TYR A CE1 1 
ATOM   380  C CE2 . TYR A 1 48  ? -2.904  15.821  -1.946  1.00 49.90 ? 48  TYR A CE2 1 
ATOM   381  C CZ  . TYR A 1 48  ? -3.050  17.190  -2.072  1.00 55.97 ? 48  TYR A CZ  1 
ATOM   382  O OH  . TYR A 1 48  ? -3.071  18.026  -0.966  1.00 57.06 ? 48  TYR A OH  1 
ATOM   383  N N   . GLN A 1 49  ? -4.759  14.213  -8.421  1.00 26.10 ? 49  GLN A N   1 
ATOM   384  C CA  . GLN A 1 49  ? -4.859  13.384  -9.623  1.00 25.04 ? 49  GLN A CA  1 
ATOM   385  C C   . GLN A 1 49  ? -3.504  12.740  -9.877  1.00 19.77 ? 49  GLN A C   1 
ATOM   386  O O   . GLN A 1 49  ? -2.486  13.394  -9.639  1.00 21.21 ? 49  GLN A O   1 
ATOM   387  C CB  . GLN A 1 49  ? -5.309  14.252  -10.805 1.00 37.49 ? 49  GLN A CB  1 
ATOM   388  C CG  . GLN A 1 49  ? -5.453  13.583  -12.149 1.00 48.68 ? 49  GLN A CG  1 
ATOM   389  C CD  . GLN A 1 49  ? -6.701  12.797  -12.467 1.00 55.61 ? 49  GLN A CD  1 
ATOM   390  O OE1 . GLN A 1 49  ? -7.636  13.301  -13.112 1.00 59.44 ? 49  GLN A OE1 1 
ATOM   391  N NE2 . GLN A 1 49  ? -6.704  11.538  -12.026 1.00 57.60 ? 49  GLN A NE2 1 
ATOM   392  N N   . GLY A 1 50  ? -3.464  11.501  -10.355 1.00 18.75 ? 50  GLY A N   1 
ATOM   393  C CA  . GLY A 1 50  ? -2.164  10.846  -10.584 1.00 17.52 ? 50  GLY A CA  1 
ATOM   394  C C   . GLY A 1 50  ? -2.108  10.377  -12.035 1.00 19.43 ? 50  GLY A C   1 
ATOM   395  O O   . GLY A 1 50  ? -3.039  10.674  -12.783 1.00 20.62 ? 50  GLY A O   1 
ATOM   396  N N   . THR A 1 51  ? -1.045  9.702   -12.430 1.00 17.21 ? 51  THR A N   1 
ATOM   397  C CA  . THR A 1 51  ? -0.858  9.233   -13.815 1.00 21.09 ? 51  THR A CA  1 
ATOM   398  C C   . THR A 1 51  ? -0.659  7.716   -13.981 1.00 22.02 ? 51  THR A C   1 
ATOM   399  O O   . THR A 1 51  ? 0.078   7.243   -14.851 1.00 25.19 ? 51  THR A O   1 
ATOM   400  C CB  . THR A 1 51  ? 0.485   9.695   -14.398 1.00 22.32 ? 51  THR A CB  1 
ATOM   401  O OG1 . THR A 1 51  ? 1.530   9.288   -13.479 1.00 23.69 ? 51  THR A OG1 1 
ATOM   402  C CG2 . THR A 1 51  ? 0.434   11.212  -14.597 1.00 22.49 ? 51  THR A CG2 1 
ATOM   403  N N   . GLY A 1 52  ? -1.321  6.921   -13.214 1.00 14.99 ? 52  GLY A N   1 
ATOM   404  C CA  . GLY A 1 52  ? -1.513  5.526   -13.133 1.00 13.07 ? 52  GLY A CA  1 
ATOM   405  C C   . GLY A 1 52  ? -0.416  4.576   -12.766 1.00 10.93 ? 52  GLY A C   1 
ATOM   406  O O   . GLY A 1 52  ? 0.696   5.012   -12.486 1.00 13.04 ? 52  GLY A O   1 
ATOM   407  N N   . ILE A 1 53  ? -0.829  3.312   -12.697 1.00 11.12 ? 53  ILE A N   1 
ATOM   408  C CA  . ILE A 1 53  ? 0.185   2.285   -12.422 1.00 11.21 ? 53  ILE A CA  1 
ATOM   409  C C   . ILE A 1 53  ? 0.023   1.237   -13.541 1.00 12.73 ? 53  ILE A C   1 
ATOM   410  O O   . ILE A 1 53  ? -1.049  1.071   -14.151 1.00 12.29 ? 53  ILE A O   1 
ATOM   411  C CB  . ILE A 1 53  ? -0.067  1.633   -11.034 1.00 10.42 ? 53  ILE A CB  1 
ATOM   412  C CG1 . ILE A 1 53  ? -1.502  1.186   -11.028 1.00 10.54 ? 53  ILE A CG1 1 
ATOM   413  C CG2 . ILE A 1 53  ? 0.441   2.644   -10.015 1.00 13.19 ? 53  ILE A CG2 1 
ATOM   414  C CD1 . ILE A 1 53  ? -1.875  0.580   -9.686  1.00 18.07 ? 53  ILE A CD1 1 
ATOM   415  N N   . GLY A 1 54  ? 1.096   0.465   -13.785 1.00 12.42 ? 54  GLY A N   1 
ATOM   416  C CA  . GLY A 1 54  ? 1.075   -0.577  -14.814 1.00 11.80 ? 54  GLY A CA  1 
ATOM   417  C C   . GLY A 1 54  ? 1.334   -1.884  -14.096 1.00 10.12 ? 54  GLY A C   1 
ATOM   418  O O   . GLY A 1 54  ? 2.130   -1.926  -13.158 1.00 15.17 ? 54  GLY A O   1 
ATOM   419  N N   . GLY A 1 55  ? 0.659   -2.929  -14.577 1.00 11.16 ? 55  GLY A N   1 
ATOM   420  C CA  . GLY A 1 55  ? 0.840   -4.250  -14.020 1.00 15.19 ? 55  GLY A CA  1 
ATOM   421  C C   . GLY A 1 55  ? 0.511   -5.227  -15.151 1.00 19.35 ? 55  GLY A C   1 
ATOM   422  O O   . GLY A 1 55  ? 0.495   -4.935  -16.367 1.00 18.04 ? 55  GLY A O   1 
ATOM   423  N N   A VAL A 1 56  ? 0.312   -6.448  -14.675 0.50 17.96 ? 56  VAL A N   1 
ATOM   424  N N   B VAL A 1 56  ? 0.124   -6.407  -14.644 0.50 17.59 ? 56  VAL A N   1 
ATOM   425  C CA  A VAL A 1 56  ? 0.031   -7.548  -15.579 0.50 20.27 ? 56  VAL A CA  1 
ATOM   426  C CA  B VAL A 1 56  ? -0.294  -7.507  -15.526 0.50 20.22 ? 56  VAL A CA  1 
ATOM   427  C C   A VAL A 1 56  ? -0.872  -7.268  -16.767 0.50 19.42 ? 56  VAL A C   1 
ATOM   428  C C   B VAL A 1 56  ? -1.629  -7.058  -16.085 0.50 20.07 ? 56  VAL A C   1 
ATOM   429  O O   A VAL A 1 56  ? -0.413  -7.456  -17.904 0.50 21.63 ? 56  VAL A O   1 
ATOM   430  O O   B VAL A 1 56  ? -2.459  -6.637  -15.263 0.50 19.50 ? 56  VAL A O   1 
ATOM   431  C CB  A VAL A 1 56  ? -0.538  -8.667  -14.662 0.50 22.69 ? 56  VAL A CB  1 
ATOM   432  C CB  B VAL A 1 56  ? -0.316  -8.822  -14.723 0.50 19.64 ? 56  VAL A CB  1 
ATOM   433  C CG1 A VAL A 1 56  ? -1.608  -9.525  -15.310 0.50 25.18 ? 56  VAL A CG1 1 
ATOM   434  C CG1 B VAL A 1 56  ? -1.057  -9.927  -15.464 0.50 24.73 ? 56  VAL A CG1 1 
ATOM   435  C CG2 A VAL A 1 56  ? 0.679   -9.482  -14.254 0.50 18.94 ? 56  VAL A CG2 1 
ATOM   436  C CG2 B VAL A 1 56  ? 1.124   -9.254  -14.487 0.50 14.17 ? 56  VAL A CG2 1 
ATOM   437  N N   A GLY A 1 57  ? -2.129  -6.883  -16.589 0.50 23.35 ? 57  GLY A N   1 
ATOM   438  N N   B GLY A 1 57  ? -1.939  -7.040  -17.383 0.50 21.24 ? 57  GLY A N   1 
ATOM   439  C CA  A GLY A 1 57  ? -3.018  -6.646  -17.714 0.50 25.96 ? 57  GLY A CA  1 
ATOM   440  C CA  B GLY A 1 57  ? -3.312  -6.552  -17.665 0.50 23.67 ? 57  GLY A CA  1 
ATOM   441  C C   A GLY A 1 57  ? -3.090  -5.217  -18.233 0.50 27.09 ? 57  GLY A C   1 
ATOM   442  C C   B GLY A 1 57  ? -3.280  -5.158  -18.284 0.50 25.45 ? 57  GLY A C   1 
ATOM   443  O O   A GLY A 1 57  ? -4.099  -4.895  -18.886 0.50 29.87 ? 57  GLY A O   1 
ATOM   444  O O   B GLY A 1 57  ? -4.137  -4.832  -19.117 0.50 27.52 ? 57  GLY A O   1 
ATOM   445  N N   A GLY A 1 58  ? -2.111  -4.342  -18.005 0.50 23.86 ? 58  GLY A N   1 
ATOM   446  N N   B GLY A 1 58  ? -2.311  -4.323  -17.918 0.50 22.40 ? 58  GLY A N   1 
ATOM   447  C CA  A GLY A 1 58  ? -2.268  -2.990  -18.535 0.50 22.03 ? 58  GLY A CA  1 
ATOM   448  C CA  B GLY A 1 58  ? -2.268  -2.995  -18.521 0.50 21.34 ? 58  GLY A CA  1 
ATOM   449  C C   A GLY A 1 58  ? -2.111  -1.915  -17.452 0.50 18.25 ? 58  GLY A C   1 
ATOM   450  C C   B GLY A 1 58  ? -2.119  -1.912  -17.442 0.50 17.80 ? 58  GLY A C   1 
ATOM   451  O O   A GLY A 1 58  ? -1.583  -2.156  -16.371 0.50 16.31 ? 58  GLY A O   1 
ATOM   452  O O   B GLY A 1 58  ? -1.605  -2.159  -16.356 0.50 16.02 ? 58  GLY A O   1 
ATOM   453  N N   . ASN A 1 59  ? -2.547  -0.706  -17.792 1.00 13.96 ? 59  ASN A N   1 
ATOM   454  C CA  . ASN A 1 59  ? -2.456  0.449   -16.935 1.00 14.92 ? 59  ASN A CA  1 
ATOM   455  C C   . ASN A 1 59  ? -3.815  0.758   -16.336 1.00 16.15 ? 59  ASN A C   1 
ATOM   456  O O   . ASN A 1 59  ? -4.801  0.498   -17.034 1.00 15.36 ? 59  ASN A O   1 
ATOM   457  C CB  . ASN A 1 59  ? -2.032  1.700   -17.727 1.00 16.62 ? 59  ASN A CB  1 
ATOM   458  C CG  . ASN A 1 59  ? -0.749  1.516   -18.523 1.00 21.81 ? 59  ASN A CG  1 
ATOM   459  O OD1 . ASN A 1 59  ? 0.253   1.153   -17.929 1.00 23.14 ? 59  ASN A OD1 1 
ATOM   460  N ND2 . ASN A 1 59  ? -0.807  1.676   -19.834 1.00 27.97 ? 59  ASN A ND2 1 
ATOM   461  N N   . VAL A 1 60  ? -3.759  1.291   -15.101 1.00 12.75 ? 60  VAL A N   1 
ATOM   462  C CA  . VAL A 1 60  ? -5.002  1.635   -14.401 1.00 12.95 ? 60  VAL A CA  1 
ATOM   463  C C   . VAL A 1 60  ? -4.803  3.025   -13.807 1.00 12.91 ? 60  VAL A C   1 
ATOM   464  O O   . VAL A 1 60  ? -3.731  3.380   -13.327 1.00 13.40 ? 60  VAL A O   1 
ATOM   465  C CB  . VAL A 1 60  ? -5.130  0.501   -13.365 1.00 23.20 ? 60  VAL A CB  1 
ATOM   466  C CG1 . VAL A 1 60  ? -5.741  1.006   -12.086 1.00 26.04 ? 60  VAL A CG1 1 
ATOM   467  C CG2 . VAL A 1 60  ? -5.894  -0.653  -14.011 1.00 22.96 ? 60  VAL A CG2 1 
ATOM   468  N N   . GLU A 1 61  ? -5.846  3.862   -13.860 1.00 12.74 ? 61  GLU A N   1 
ATOM   469  C CA  . GLU A 1 61  ? -5.778  5.224   -13.366 1.00 12.04 ? 61  GLU A CA  1 
ATOM   470  C C   . GLU A 1 61  ? -5.644  5.282   -11.848 1.00 9.21  ? 61  GLU A C   1 
ATOM   471  O O   . GLU A 1 61  ? -6.105  4.402   -11.172 1.00 11.71 ? 61  GLU A O   1 
ATOM   472  C CB  . GLU A 1 61  ? -7.064  6.027   -13.706 1.00 13.18 ? 61  GLU A CB  1 
ATOM   473  C CG  . GLU A 1 61  ? -6.925  6.495   -15.163 1.00 28.12 ? 61  GLU A CG  1 
ATOM   474  C CD  . GLU A 1 61  ? -8.185  7.098   -15.768 1.00 40.03 ? 61  GLU A CD  1 
ATOM   475  O OE1 . GLU A 1 61  ? -8.929  7.828   -15.056 1.00 35.62 ? 61  GLU A OE1 1 
ATOM   476  O OE2 . GLU A 1 61  ? -8.372  6.830   -16.988 1.00 45.87 ? 61  GLU A OE2 1 
ATOM   477  N N   . THR A 1 62  ? -4.952  6.292   -11.369 1.00 11.05 ? 62  THR A N   1 
ATOM   478  C CA  . THR A 1 62  ? -4.830  6.409   -9.924  1.00 12.35 ? 62  THR A CA  1 
ATOM   479  C C   . THR A 1 62  ? -5.026  7.851   -9.451  1.00 13.93 ? 62  THR A C   1 
ATOM   480  O O   . THR A 1 62  ? -4.963  8.745   -10.315 1.00 12.96 ? 62  THR A O   1 
ATOM   481  C CB  . THR A 1 62  ? -3.351  6.143   -9.566  1.00 10.46 ? 62  THR A CB  1 
ATOM   482  O OG1 . THR A 1 62  ? -2.407  6.925   -10.323 1.00 15.77 ? 62  THR A OG1 1 
ATOM   483  C CG2 . THR A 1 62  ? -3.120  4.656   -9.712  1.00 15.52 ? 62  THR A CG2 1 
ATOM   484  N N   . PHE A 1 63  ? -5.238  7.996   -8.147  1.00 11.25 ? 63  PHE A N   1 
ATOM   485  C CA  . PHE A 1 63  ? -5.177  9.352   -7.595  1.00 13.33 ? 63  PHE A CA  1 
ATOM   486  C C   . PHE A 1 63  ? -4.248  9.175   -6.370  1.00 14.93 ? 63  PHE A C   1 
ATOM   487  O O   . PHE A 1 63  ? -4.099  8.013   -5.983  1.00 15.24 ? 63  PHE A O   1 
ATOM   488  C CB  . PHE A 1 63  ? -6.404  10.037  -7.129  1.00 16.48 ? 63  PHE A CB  1 
ATOM   489  C CG  . PHE A 1 63  ? -7.327  9.414   -6.171  1.00 18.19 ? 63  PHE A CG  1 
ATOM   490  C CD1 . PHE A 1 63  ? -7.165  9.601   -4.806  1.00 20.01 ? 63  PHE A CD1 1 
ATOM   491  C CD2 . PHE A 1 63  ? -8.387  8.685   -6.673  1.00 24.95 ? 63  PHE A CD2 1 
ATOM   492  C CE1 . PHE A 1 63  ? -8.106  9.046   -3.951  1.00 25.07 ? 63  PHE A CE1 1 
ATOM   493  C CE2 . PHE A 1 63  ? -9.311  8.103   -5.809  1.00 23.18 ? 63  PHE A CE2 1 
ATOM   494  C CZ  . PHE A 1 63  ? -9.156  8.295   -4.447  1.00 27.61 ? 63  PHE A CZ  1 
ATOM   495  N N   . SER A 1 64  ? -3.611  10.196  -5.871  1.00 10.03 ? 64  SER A N   1 
ATOM   496  C CA  . SER A 1 64  ? -2.760  10.033  -4.683  1.00 12.39 ? 64  SER A CA  1 
ATOM   497  C C   . SER A 1 64  ? -3.491  10.721  -3.511  1.00 13.93 ? 64  SER A C   1 
ATOM   498  O O   . SER A 1 64  ? -4.284  11.656  -3.688  1.00 14.62 ? 64  SER A O   1 
ATOM   499  C CB  . SER A 1 64  ? -1.332  10.455  -4.855  1.00 18.96 ? 64  SER A CB  1 
ATOM   500  O OG  . SER A 1 64  ? -1.180  11.817  -5.023  1.00 27.25 ? 64  SER A OG  1 
ATOM   501  N N   . THR A 1 65  ? -3.130  10.307  -2.295  1.00 12.63 ? 65  THR A N   1 
ATOM   502  C CA  . THR A 1 65  ? -3.784  10.882  -1.087  1.00 12.53 ? 65  THR A CA  1 
ATOM   503  C C   . THR A 1 65  ? -2.841  10.808  0.089   1.00 10.66 ? 65  THR A C   1 
ATOM   504  O O   . THR A 1 65  ? -2.083  9.838   0.190   1.00 13.67 ? 65  THR A O   1 
ATOM   505  C CB  . THR A 1 65  ? -5.098  10.131  -0.837  1.00 13.03 ? 65  THR A CB  1 
ATOM   506  O OG1 . THR A 1 65  ? -5.926  10.851  0.098   1.00 14.78 ? 65  THR A OG1 1 
ATOM   507  C CG2 . THR A 1 65  ? -4.993  8.690   -0.300  1.00 10.34 ? 65  THR A CG2 1 
ATOM   508  N N   . PRO A 1 66  ? -2.802  11.774  0.996   1.00 12.79 ? 66  PRO A N   1 
ATOM   509  C CA  . PRO A 1 66  ? -1.893  11.806  2.140   1.00 12.82 ? 66  PRO A CA  1 
ATOM   510  C C   . PRO A 1 66  ? -2.386  10.861  3.216   1.00 11.32 ? 66  PRO A C   1 
ATOM   511  O O   . PRO A 1 66  ? -3.593  10.685  3.495   1.00 12.49 ? 66  PRO A O   1 
ATOM   512  C CB  . PRO A 1 66  ? -1.809  13.293  2.590   1.00 14.20 ? 66  PRO A CB  1 
ATOM   513  C CG  . PRO A 1 66  ? -2.995  13.951  1.955   1.00 18.16 ? 66  PRO A CG  1 
ATOM   514  C CD  . PRO A 1 66  ? -3.620  12.995  0.973   1.00 13.16 ? 66  PRO A CD  1 
ATOM   515  N N   . VAL A 1 67  ? -1.429  10.094  3.782   1.00 11.67 ? 67  VAL A N   1 
ATOM   516  C CA  . VAL A 1 67  ? -1.794  9.133   4.793   1.00 11.45 ? 67  VAL A CA  1 
ATOM   517  C C   . VAL A 1 67  ? -0.707  9.127   5.885   1.00 12.49 ? 67  VAL A C   1 
ATOM   518  O O   . VAL A 1 67  ? 0.385   9.625   5.738   1.00 13.34 ? 67  VAL A O   1 
ATOM   519  C CB  . VAL A 1 67  ? -1.936  7.644   4.344   1.00 13.17 ? 67  VAL A CB  1 
ATOM   520  C CG1 . VAL A 1 67  ? -3.033  7.365   3.299   1.00 12.69 ? 67  VAL A CG1 1 
ATOM   521  C CG2 . VAL A 1 67  ? -0.604  7.092   3.812   1.00 12.32 ? 67  VAL A CG2 1 
ATOM   522  N N   . THR A 1 68  ? -1.085  8.679   7.059   1.00 12.80 ? 68  THR A N   1 
ATOM   523  C CA  . THR A 1 68  ? -0.234  8.426   8.201   1.00 14.00 ? 68  THR A CA  1 
ATOM   524  C C   . THR A 1 68  ? -0.357  6.903   8.440   1.00 11.57 ? 68  THR A C   1 
ATOM   525  O O   . THR A 1 68  ? -1.408  6.268   8.656   1.00 13.09 ? 68  THR A O   1 
ATOM   526  C CB  . THR A 1 68  ? -0.716  9.095   9.503   1.00 16.42 ? 68  THR A CB  1 
ATOM   527  O OG1 . THR A 1 68  ? -0.481  10.476  9.211   1.00 18.85 ? 68  THR A OG1 1 
ATOM   528  C CG2 . THR A 1 68  ? 0.311   8.698   10.554  1.00 17.73 ? 68  THR A CG2 1 
ATOM   529  N N   . ILE A 1 69  ? 0.806   6.236   8.427   1.00 12.20 ? 69  ILE A N   1 
ATOM   530  C CA  . ILE A 1 69  ? 0.818   4.791   8.649   1.00 14.60 ? 69  ILE A CA  1 
ATOM   531  C C   . ILE A 1 69  ? 1.523   4.506   9.984   1.00 13.37 ? 69  ILE A C   1 
ATOM   532  O O   . ILE A 1 69  ? 2.559   5.109   10.172  1.00 12.00 ? 69  ILE A O   1 
ATOM   533  C CB  . ILE A 1 69  ? 1.578   4.026   7.545   1.00 21.86 ? 69  ILE A CB  1 
ATOM   534  C CG1 . ILE A 1 69  ? 0.776   4.205   6.238   1.00 22.04 ? 69  ILE A CG1 1 
ATOM   535  C CG2 . ILE A 1 69  ? 1.742   2.538   7.809   1.00 20.77 ? 69  ILE A CG2 1 
ATOM   536  C CD1 . ILE A 1 69  ? 1.494   3.633   5.045   1.00 21.77 ? 69  ILE A CD1 1 
ATOM   537  N N   . LYS A 1 70  ? 0.927   3.652   10.796  1.00 13.99 ? 70  LYS A N   1 
ATOM   538  C CA  . LYS A 1 70  ? 1.556   3.306   12.062  1.00 18.26 ? 70  LYS A CA  1 
ATOM   539  C C   . LYS A 1 70  ? 1.728   1.785   12.097  1.00 15.97 ? 70  LYS A C   1 
ATOM   540  O O   . LYS A 1 70  ? 0.890   0.925   11.834  1.00 16.31 ? 70  LYS A O   1 
ATOM   541  C CB  . LYS A 1 70  ? 0.778   3.974   13.189  1.00 19.75 ? 70  LYS A CB  1 
ATOM   542  N N   . LYS A 1 71  ? 2.974   1.358   12.367  1.00 19.46 ? 71  LYS A N   1 
ATOM   543  C CA  . LYS A 1 71  ? 3.361   -0.062  12.443  1.00 18.63 ? 71  LYS A CA  1 
ATOM   544  C C   . LYS A 1 71  ? 4.777   -0.133  13.040  1.00 23.31 ? 71  LYS A C   1 
ATOM   545  O O   . LYS A 1 71  ? 5.597   0.742   12.762  1.00 19.58 ? 71  LYS A O   1 
ATOM   546  C CB  . LYS A 1 71  ? 3.480   -0.701  11.050  1.00 17.16 ? 71  LYS A CB  1 
ATOM   547  C CG  . LYS A 1 71  ? 3.798   -2.173  10.979  1.00 18.21 ? 71  LYS A CG  1 
ATOM   548  C CD  . LYS A 1 71  ? 2.717   -3.076  11.534  1.00 12.63 ? 71  LYS A CD  1 
ATOM   549  C CE  . LYS A 1 71  ? 3.047   -4.563  11.440  1.00 19.26 ? 71  LYS A CE  1 
ATOM   550  N NZ  . LYS A 1 71  ? 1.910   -5.339  12.024  1.00 12.99 ? 71  LYS A NZ  1 
ATOM   551  N N   . LYS A 1 72  ? 5.039   -1.244  13.724  1.00 26.12 ? 72  LYS A N   1 
ATOM   552  C CA  . LYS A 1 72  ? 6.385   -1.439  14.294  1.00 29.93 ? 72  LYS A CA  1 
ATOM   553  C C   . LYS A 1 72  ? 6.769   -0.182  15.080  1.00 30.78 ? 72  LYS A C   1 
ATOM   554  O O   . LYS A 1 72  ? 7.898   0.307   15.012  1.00 34.32 ? 72  LYS A O   1 
ATOM   555  C CB  . LYS A 1 72  ? 7.349   -1.532  13.115  1.00 30.59 ? 72  LYS A CB  1 
ATOM   556  C CG  . LYS A 1 72  ? 7.893   -2.839  12.626  1.00 36.64 ? 72  LYS A CG  1 
ATOM   557  C CD  . LYS A 1 72  ? 9.032   -2.482  11.665  1.00 41.66 ? 72  LYS A CD  1 
ATOM   558  C CE  . LYS A 1 72  ? 10.296  -3.239  12.085  1.00 46.38 ? 72  LYS A CE  1 
ATOM   559  N NZ  . LYS A 1 72  ? 11.389  -3.242  11.070  1.00 38.85 ? 72  LYS A NZ  1 
ATOM   560  N N   . GLY A 1 73  ? 5.830   0.423   15.798  1.00 33.70 ? 73  GLY A N   1 
ATOM   561  C CA  . GLY A 1 73  ? 6.088   1.644   16.536  1.00 35.12 ? 73  GLY A CA  1 
ATOM   562  C C   . GLY A 1 73  ? 6.579   2.794   15.669  1.00 35.88 ? 73  GLY A C   1 
ATOM   563  O O   . GLY A 1 73  ? 7.131   3.723   16.264  1.00 39.87 ? 73  GLY A O   1 
ATOM   564  N N   . ARG A 1 74  ? 6.468   2.773   14.340  1.00 33.13 ? 74  ARG A N   1 
ATOM   565  C CA  . ARG A 1 74  ? 6.902   3.870   13.501  1.00 30.32 ? 74  ARG A CA  1 
ATOM   566  C C   . ARG A 1 74  ? 5.669   4.691   13.122  1.00 29.48 ? 74  ARG A C   1 
ATOM   567  O O   . ARG A 1 74  ? 4.515   4.269   13.210  1.00 28.06 ? 74  ARG A O   1 
ATOM   568  C CB  . ARG A 1 74  ? 7.598   3.455   12.212  1.00 36.70 ? 74  ARG A CB  1 
ATOM   569  C CG  . ARG A 1 74  ? 9.009   2.923   12.483  1.00 45.31 ? 74  ARG A CG  1 
ATOM   570  C CD  . ARG A 1 74  ? 9.274   1.745   11.556  1.00 50.44 ? 74  ARG A CD  1 
ATOM   571  N NE  . ARG A 1 74  ? 10.611  1.915   10.982  1.00 56.77 ? 74  ARG A NE  1 
ATOM   572  C CZ  . ARG A 1 74  ? 11.634  1.194   11.415  1.00 58.61 ? 74  ARG A CZ  1 
ATOM   573  N NH1 . ARG A 1 74  ? 11.357  0.173   12.208  1.00 61.51 ? 74  ARG A NH1 1 
ATOM   574  N NH2 . ARG A 1 74  ? 12.853  1.478   10.987  1.00 65.42 ? 74  ARG A NH2 1 
ATOM   575  N N   . HIS A 1 75  ? 5.939   5.921   12.723  1.00 28.68 ? 75  HIS A N   1 
ATOM   576  C CA  . HIS A 1 75  ? 4.841   6.821   12.335  1.00 31.23 ? 75  HIS A CA  1 
ATOM   577  C C   . HIS A 1 75  ? 5.224   7.351   10.962  1.00 29.81 ? 75  HIS A C   1 
ATOM   578  O O   . HIS A 1 75  ? 6.113   8.215   10.958  1.00 31.10 ? 75  HIS A O   1 
ATOM   579  C CB  . HIS A 1 75  ? 4.854   7.969   13.348  1.00 44.00 ? 75  HIS A CB  1 
ATOM   580  C CG  . HIS A 1 75  ? 3.533   8.655   13.339  1.00 53.82 ? 75  HIS A CG  1 
ATOM   581  N ND1 . HIS A 1 75  ? 2.543   8.283   14.225  1.00 60.96 ? 75  HIS A ND1 1 
ATOM   582  C CD2 . HIS A 1 75  ? 3.050   9.661   12.575  1.00 60.87 ? 75  HIS A CD2 1 
ATOM   583  C CE1 . HIS A 1 75  ? 1.482   9.050   14.000  1.00 65.36 ? 75  HIS A CE1 1 
ATOM   584  N NE2 . HIS A 1 75  ? 1.764   9.894   13.015  1.00 65.97 ? 75  HIS A NE2 1 
ATOM   585  N N   . ILE A 1 76  ? 4.683   6.823   9.868   1.00 23.80 ? 76  ILE A N   1 
ATOM   586  C CA  . ILE A 1 76  ? 5.135   7.325   8.571   1.00 20.75 ? 76  ILE A CA  1 
ATOM   587  C C   . ILE A 1 76  ? 4.069   8.213   7.940   1.00 20.56 ? 76  ILE A C   1 
ATOM   588  O O   . ILE A 1 76  ? 2.906   7.828   7.923   1.00 19.14 ? 76  ILE A O   1 
ATOM   589  C CB  . ILE A 1 76  ? 5.436   6.097   7.709   1.00 21.76 ? 76  ILE A CB  1 
ATOM   590  C CG1 . ILE A 1 76  ? 6.769   5.507   8.195   1.00 24.79 ? 76  ILE A CG1 1 
ATOM   591  C CG2 . ILE A 1 76  ? 5.538   6.409   6.234   1.00 22.97 ? 76  ILE A CG2 1 
ATOM   592  C CD1 . ILE A 1 76  ? 6.657   4.001   8.227   1.00 29.75 ? 76  ILE A CD1 1 
ATOM   593  N N   . LYS A 1 77  ? 4.507   9.370   7.481   1.00 17.33 ? 77  LYS A N   1 
ATOM   594  C CA  . LYS A 1 77  ? 3.551   10.315  6.890   1.00 21.14 ? 77  LYS A CA  1 
ATOM   595  C C   . LYS A 1 77  ? 3.965   10.340  5.420   1.00 22.22 ? 77  LYS A C   1 
ATOM   596  O O   . LYS A 1 77  ? 5.115   10.690  5.091   1.00 26.45 ? 77  LYS A O   1 
ATOM   597  C CB  . LYS A 1 77  ? 3.812   11.702  7.440   1.00 25.74 ? 77  LYS A CB  1 
ATOM   598  C CG  . LYS A 1 77  ? 2.750   12.493  8.135   1.00 35.11 ? 77  LYS A CG  1 
ATOM   599  C CD  . LYS A 1 77  ? 2.974   12.206  9.624   1.00 46.52 ? 77  LYS A CD  1 
ATOM   600  C CE  . LYS A 1 77  ? 2.236   13.179  10.531  1.00 56.42 ? 77  LYS A CE  1 
ATOM   601  N NZ  . LYS A 1 77  ? 0.746   13.143  10.389  1.00 59.62 ? 77  LYS A NZ  1 
ATOM   602  N N   . THR A 1 78  ? 3.088   9.897   4.537   1.00 17.29 ? 78  THR A N   1 
ATOM   603  C CA  . THR A 1 78  ? 3.479   9.897   3.134   1.00 16.28 ? 78  THR A CA  1 
ATOM   604  C C   . THR A 1 78  ? 2.248   9.959   2.247   1.00 20.22 ? 78  THR A C   1 
ATOM   605  O O   . THR A 1 78  ? 1.175   10.298  2.755   1.00 18.84 ? 78  THR A O   1 
ATOM   606  C CB  . THR A 1 78  ? 4.300   8.611   2.908   1.00 24.80 ? 78  THR A CB  1 
ATOM   607  O OG1 . THR A 1 78  ? 4.828   8.676   1.579   1.00 24.55 ? 78  THR A OG1 1 
ATOM   608  C CG2 . THR A 1 78  ? 3.464   7.367   3.147   1.00 22.00 ? 78  THR A CG2 1 
ATOM   609  N N   . ARG A 1 79  ? 2.386   9.761   0.941   1.00 16.69 ? 79  ARG A N   1 
ATOM   610  C CA  . ARG A 1 79  ? 1.272   9.753   0.043   1.00 19.61 ? 79  ARG A CA  1 
ATOM   611  C C   . ARG A 1 79  ? 1.137   8.311   -0.464  1.00 21.96 ? 79  ARG A C   1 
ATOM   612  O O   . ARG A 1 79  ? 2.161   7.618   -0.608  1.00 24.87 ? 79  ARG A O   1 
ATOM   613  C CB  . ARG A 1 79  ? 1.397   10.656  -1.167  1.00 26.22 ? 79  ARG A CB  1 
ATOM   614  C CG  . ARG A 1 79  ? 0.962   12.064  -0.770  1.00 38.03 ? 79  ARG A CG  1 
ATOM   615  C CD  . ARG A 1 79  ? 0.052   12.610  -1.850  1.00 47.50 ? 79  ARG A CD  1 
ATOM   616  N NE  . ARG A 1 79  ? 0.277   14.033  -2.051  1.00 56.08 ? 79  ARG A NE  1 
ATOM   617  C CZ  . ARG A 1 79  ? 0.424   14.528  -3.285  1.00 63.18 ? 79  ARG A CZ  1 
ATOM   618  N NH1 . ARG A 1 79  ? 0.401   13.783  -4.386  1.00 62.13 ? 79  ARG A NH1 1 
ATOM   619  N NH2 . ARG A 1 79  ? 0.628   15.838  -3.404  1.00 66.46 ? 79  ARG A NH2 1 
ATOM   620  N N   . MET A 1 80  ? -0.076  7.831   -0.700  1.00 15.94 ? 80  MET A N   1 
ATOM   621  C CA  . MET A 1 80  ? -0.284  6.502   -1.213  1.00 11.77 ? 80  MET A CA  1 
ATOM   622  C C   . MET A 1 80  ? -1.178  6.676   -2.453  1.00 12.23 ? 80  MET A C   1 
ATOM   623  O O   . MET A 1 80  ? -2.008  7.589   -2.446  1.00 12.24 ? 80  MET A O   1 
ATOM   624  C CB  . MET A 1 80  ? -1.125  5.628   -0.278  1.00 13.56 ? 80  MET A CB  1 
ATOM   625  C CG  . MET A 1 80  ? -0.232  4.811   0.637   1.00 15.40 ? 80  MET A CG  1 
ATOM   626  S SD  . MET A 1 80  ? -1.162  3.721   1.718   1.00 16.60 ? 80  MET A SD  1 
ATOM   627  C CE  . MET A 1 80  ? -1.277  2.114   0.910   1.00 18.32 ? 80  MET A CE  1 
ATOM   628  N N   . LEU A 1 81  ? -0.985  5.835   -3.454  1.00 9.61  ? 81  LEU A N   1 
ATOM   629  C CA  . LEU A 1 81  ? -1.894  5.930   -4.601  1.00 12.60 ? 81  LEU A CA  1 
ATOM   630  C C   . LEU A 1 81  ? -3.185  5.208   -4.253  1.00 10.85 ? 81  LEU A C   1 
ATOM   631  O O   . LEU A 1 81  ? -3.243  4.372   -3.302  1.00 13.47 ? 81  LEU A O   1 
ATOM   632  C CB  . LEU A 1 81  ? -1.284  5.197   -5.812  1.00 11.87 ? 81  LEU A CB  1 
ATOM   633  C CG  . LEU A 1 81  ? 0.098   5.746   -6.209  1.00 15.45 ? 81  LEU A CG  1 
ATOM   634  C CD1 . LEU A 1 81  ? 0.627   5.007   -7.428  1.00 19.32 ? 81  LEU A CD1 1 
ATOM   635  C CD2 . LEU A 1 81  ? -0.018  7.239   -6.487  1.00 15.15 ? 81  LEU A CD2 1 
ATOM   636  N N   . VAL A 1 82  ? -4.301  5.506   -4.904  1.00 12.03 ? 82  VAL A N   1 
ATOM   637  C CA  . VAL A 1 82  ? -5.604  4.839   -4.697  1.00 8.01  ? 82  VAL A CA  1 
ATOM   638  C C   . VAL A 1 82  ? -6.063  4.278   -6.060  1.00 13.49 ? 82  VAL A C   1 
ATOM   639  O O   . VAL A 1 82  ? -6.014  4.984   -7.089  1.00 12.94 ? 82  VAL A O   1 
ATOM   640  C CB  . VAL A 1 82  ? -6.655  5.796   -4.126  1.00 10.14 ? 82  VAL A CB  1 
ATOM   641  C CG1 . VAL A 1 82  ? -7.922  4.996   -3.920  1.00 7.74  ? 82  VAL A CG1 1 
ATOM   642  C CG2 . VAL A 1 82  ? -6.140  6.459   -2.845  1.00 13.43 ? 82  VAL A CG2 1 
ATOM   643  N N   . ALA A 1 83  ? -6.447  3.013   -6.157  1.00 10.49 ? 83  ALA A N   1 
ATOM   644  C CA  . ALA A 1 83  ? -6.870  2.454   -7.460  1.00 9.20  ? 83  ALA A CA  1 
ATOM   645  C C   . ALA A 1 83  ? -7.815  1.301   -7.309  1.00 10.35 ? 83  ALA A C   1 
ATOM   646  O O   . ALA A 1 83  ? -7.895  0.684   -6.219  1.00 10.90 ? 83  ALA A O   1 
ATOM   647  C CB  . ALA A 1 83  ? -5.601  2.056   -8.259  1.00 12.20 ? 83  ALA A CB  1 
ATOM   648  N N   . ASP A 1 84  ? -8.657  1.005   -8.369  1.00 6.88  ? 84  ASP A N   1 
ATOM   649  C CA  . ASP A 1 84  ? -9.563  -0.124  -8.148  1.00 10.47 ? 84  ASP A CA  1 
ATOM   650  C C   . ASP A 1 84  ? -8.844  -1.455  -8.360  1.00 14.29 ? 84  ASP A C   1 
ATOM   651  O O   . ASP A 1 84  ? -9.026  -2.081  -9.417  1.00 17.32 ? 84  ASP A O   1 
ATOM   652  C CB  . ASP A 1 84  ? -10.680 -0.097  -9.206  1.00 11.55 ? 84  ASP A CB  1 
ATOM   653  C CG  . ASP A 1 84  ? -11.697 0.967   -8.828  1.00 22.82 ? 84  ASP A CG  1 
ATOM   654  O OD1 . ASP A 1 84  ? -11.981 1.134   -7.630  1.00 21.99 ? 84  ASP A OD1 1 
ATOM   655  O OD2 . ASP A 1 84  ? -12.237 1.630   -9.740  1.00 23.33 ? 84  ASP A OD2 1 
ATOM   656  N N   . ILE A 1 85  ? -8.030  -1.872  -7.417  1.00 11.81 ? 85  ILE A N   1 
ATOM   657  C CA  . ILE A 1 85  ? -7.291  -3.117  -7.469  1.00 14.36 ? 85  ILE A CA  1 
ATOM   658  C C   . ILE A 1 85  ? -7.838  -4.015  -6.360  1.00 14.97 ? 85  ILE A C   1 
ATOM   659  O O   . ILE A 1 85  ? -8.524  -3.521  -5.485  1.00 15.96 ? 85  ILE A O   1 
ATOM   660  C CB  . ILE A 1 85  ? -5.774  -2.920  -7.429  1.00 11.10 ? 85  ILE A CB  1 
ATOM   661  C CG1 . ILE A 1 85  ? -5.280  -2.219  -6.156  1.00 14.23 ? 85  ILE A CG1 1 
ATOM   662  C CG2 . ILE A 1 85  ? -5.409  -2.051  -8.636  1.00 13.36 ? 85  ILE A CG2 1 
ATOM   663  C CD1 . ILE A 1 85  ? -3.784  -2.447  -5.900  1.00 13.95 ? 85  ILE A CD1 1 
ATOM   664  N N   . PRO A 1 86  ? -7.557  -5.319  -6.389  1.00 17.16 ? 86  PRO A N   1 
ATOM   665  C CA  . PRO A 1 86  ? -8.146  -6.253  -5.449  1.00 18.40 ? 86  PRO A CA  1 
ATOM   666  C C   . PRO A 1 86  ? -7.583  -6.206  -4.054  1.00 15.87 ? 86  PRO A C   1 
ATOM   667  O O   . PRO A 1 86  ? -8.241  -6.755  -3.180  1.00 18.68 ? 86  PRO A O   1 
ATOM   668  C CB  . PRO A 1 86  ? -7.723  -7.622  -6.059  1.00 19.87 ? 86  PRO A CB  1 
ATOM   669  C CG  . PRO A 1 86  ? -7.500  -7.259  -7.479  1.00 19.52 ? 86  PRO A CG  1 
ATOM   670  C CD  . PRO A 1 86  ? -6.798  -5.936  -7.471  1.00 19.36 ? 86  PRO A CD  1 
ATOM   671  N N   . VAL A 1 87  ? -6.375  -5.623  -3.871  1.00 12.80 ? 87  VAL A N   1 
ATOM   672  C CA  . VAL A 1 87  ? -5.873  -5.698  -2.471  1.00 12.79 ? 87  VAL A CA  1 
ATOM   673  C C   . VAL A 1 87  ? -5.020  -4.483  -2.164  1.00 10.72 ? 87  VAL A C   1 
ATOM   674  O O   . VAL A 1 87  ? -4.563  -3.868  -3.141  1.00 9.05  ? 87  VAL A O   1 
ATOM   675  C CB  . VAL A 1 87  ? -5.034  -6.999  -2.403  1.00 21.52 ? 87  VAL A CB  1 
ATOM   676  C CG1 . VAL A 1 87  ? -3.872  -6.975  -3.396  1.00 20.25 ? 87  VAL A CG1 1 
ATOM   677  C CG2 . VAL A 1 87  ? -4.464  -7.314  -1.034  1.00 24.88 ? 87  VAL A CG2 1 
ATOM   678  N N   . THR A 1 88  ? -4.827  -4.109  -0.907  1.00 8.77  ? 88  THR A N   1 
ATOM   679  C CA  . THR A 1 88  ? -4.001  -2.914  -0.652  1.00 8.37  ? 88  THR A CA  1 
ATOM   680  C C   . THR A 1 88  ? -2.579  -3.472  -0.473  1.00 9.74  ? 88  THR A C   1 
ATOM   681  O O   . THR A 1 88  ? -2.381  -4.518  0.139   1.00 9.48  ? 88  THR A O   1 
ATOM   682  C CB  . THR A 1 88  ? -4.445  -2.297  0.680   1.00 8.65  ? 88  THR A CB  1 
ATOM   683  O OG1 . THR A 1 88  ? -5.640  -1.552  0.368   1.00 12.61 ? 88  THR A OG1 1 
ATOM   684  C CG2 . THR A 1 88  ? -3.363  -1.351  1.209   1.00 5.98  ? 88  THR A CG2 1 
ATOM   685  N N   . ILE A 1 89  ? -1.703  -2.747  -1.152  1.00 8.19  ? 89  ILE A N   1 
ATOM   686  C CA  . ILE A 1 89  ? -0.277  -3.115  -1.240  1.00 10.96 ? 89  ILE A CA  1 
ATOM   687  C C   . ILE A 1 89  ? 0.680   -2.100  -0.690  1.00 8.35  ? 89  ILE A C   1 
ATOM   688  O O   . ILE A 1 89  ? 0.659   -0.898  -0.954  1.00 10.08 ? 89  ILE A O   1 
ATOM   689  C CB  . ILE A 1 89  ? -0.026  -3.249  -2.786  1.00 11.35 ? 89  ILE A CB  1 
ATOM   690  C CG1 . ILE A 1 89  ? -0.886  -4.368  -3.374  1.00 14.96 ? 89  ILE A CG1 1 
ATOM   691  C CG2 . ILE A 1 89  ? 1.459   -3.391  -3.165  1.00 15.85 ? 89  ILE A CG2 1 
ATOM   692  C CD1 . ILE A 1 89  ? -0.727  -4.548  -4.855  1.00 15.86 ? 89  ILE A CD1 1 
ATOM   693  N N   . LEU A 1 90  ? 1.577   -2.592  0.164   1.00 7.25  ? 90  LEU A N   1 
ATOM   694  C CA  . LEU A 1 90  ? 2.675   -1.809  0.667   1.00 7.76  ? 90  LEU A CA  1 
ATOM   695  C C   . LEU A 1 90  ? 3.849   -2.263  -0.262  1.00 11.60 ? 90  LEU A C   1 
ATOM   696  O O   . LEU A 1 90  ? 4.298   -3.428  -0.254  1.00 10.97 ? 90  LEU A O   1 
ATOM   697  C CB  . LEU A 1 90  ? 3.000   -2.207  2.117   1.00 11.66 ? 90  LEU A CB  1 
ATOM   698  C CG  . LEU A 1 90  ? 2.564   -1.179  3.152   1.00 23.31 ? 90  LEU A CG  1 
ATOM   699  C CD1 . LEU A 1 90  ? 1.266   -0.478  2.838   1.00 16.45 ? 90  LEU A CD1 1 
ATOM   700  C CD2 . LEU A 1 90  ? 2.614   -1.767  4.554   1.00 20.70 ? 90  LEU A CD2 1 
ATOM   701  N N   . GLY A 1 91  ? 4.321   -1.322  -1.083  1.00 7.80  ? 91  GLY A N   1 
ATOM   702  C CA  . GLY A 1 91  ? 5.426   -1.626  -1.990  1.00 9.49  ? 91  GLY A CA  1 
ATOM   703  C C   . GLY A 1 91  ? 6.747   -1.156  -1.351  1.00 9.01  ? 91  GLY A C   1 
ATOM   704  O O   . GLY A 1 91  ? 6.804   -0.713  -0.205  1.00 9.79  ? 91  GLY A O   1 
ATOM   705  N N   . ARG A 1 92  ? 7.760   -1.057  -2.201  1.00 5.34  ? 92  ARG A N   1 
ATOM   706  C CA  . ARG A 1 92  ? 9.137   -0.761  -1.786  1.00 8.85  ? 92  ARG A CA  1 
ATOM   707  C C   . ARG A 1 92  ? 9.323   0.582   -1.112  1.00 8.49  ? 92  ARG A C   1 
ATOM   708  O O   . ARG A 1 92  ? 10.191  0.686   -0.231  1.00 12.37 ? 92  ARG A O   1 
ATOM   709  C CB  . ARG A 1 92  ? 10.101  -0.967  -2.983  1.00 5.80  ? 92  ARG A CB  1 
ATOM   710  C CG  . ARG A 1 92  ? 10.191  -2.465  -3.425  1.00 4.58  ? 92  ARG A CG  1 
ATOM   711  C CD  . ARG A 1 92  ? 11.396  -2.562  -4.428  1.00 6.15  ? 92  ARG A CD  1 
ATOM   712  N NE  . ARG A 1 92  ? 11.205  -1.789  -5.641  1.00 8.51  ? 92  ARG A NE  1 
ATOM   713  C CZ  . ARG A 1 92  ? 11.663  -0.580  -5.942  1.00 11.83 ? 92  ARG A CZ  1 
ATOM   714  N NH1 . ARG A 1 92  ? 12.488  0.110   -5.108  1.00 10.03 ? 92  ARG A NH1 1 
ATOM   715  N NH2 . ARG A 1 92  ? 11.398  0.039   -7.099  1.00 13.48 ? 92  ARG A NH2 1 
ATOM   716  N N   . ASP A 1 93  ? 8.566   1.587   -1.526  1.00 10.40 ? 93  ASP A N   1 
ATOM   717  C CA  . ASP A 1 93  ? 8.704   2.893   -0.901  1.00 13.05 ? 93  ASP A CA  1 
ATOM   718  C C   . ASP A 1 93  ? 8.395   2.798   0.571   1.00 13.55 ? 93  ASP A C   1 
ATOM   719  O O   . ASP A 1 93  ? 9.234   3.218   1.361   1.00 13.92 ? 93  ASP A O   1 
ATOM   720  C CB  . ASP A 1 93  ? 7.838   3.951   -1.603  1.00 13.63 ? 93  ASP A CB  1 
ATOM   721  C CG  . ASP A 1 93  ? 6.355   3.594   -1.619  1.00 17.47 ? 93  ASP A CG  1 
ATOM   722  O OD1 . ASP A 1 93  ? 5.926   2.447   -1.493  1.00 13.96 ? 93  ASP A OD1 1 
ATOM   723  O OD2 . ASP A 1 93  ? 5.507   4.498   -1.747  1.00 32.14 ? 93  ASP A OD2 1 
ATOM   724  N N   . ILE A 1 94  ? 7.310   2.144   0.987   1.00 11.91 ? 94  ILE A N   1 
ATOM   725  C CA  . ILE A 1 94  ? 6.971   2.026   2.399   1.00 12.90 ? 94  ILE A CA  1 
ATOM   726  C C   . ILE A 1 94  ? 7.716   0.906   3.082   1.00 12.09 ? 94  ILE A C   1 
ATOM   727  O O   . ILE A 1 94  ? 8.090   0.973   4.273   1.00 15.76 ? 94  ILE A O   1 
ATOM   728  C CB  . ILE A 1 94  ? 5.424   1.917   2.532   1.00 10.30 ? 94  ILE A CB  1 
ATOM   729  C CG1 . ILE A 1 94  ? 4.845   3.284   2.211   1.00 14.62 ? 94  ILE A CG1 1 
ATOM   730  C CG2 . ILE A 1 94  ? 5.123   1.638   4.011   1.00 13.29 ? 94  ILE A CG2 1 
ATOM   731  C CD1 . ILE A 1 94  ? 3.345   3.443   2.312   1.00 20.61 ? 94  ILE A CD1 1 
ATOM   732  N N   . LEU A 1 95  ? 8.002   -0.203  2.391   1.00 10.01 ? 95  LEU A N   1 
ATOM   733  C CA  . LEU A 1 95  ? 8.793   -1.273  2.968   1.00 10.95 ? 95  LEU A CA  1 
ATOM   734  C C   . LEU A 1 95  ? 10.183  -0.780  3.404   1.00 11.41 ? 95  LEU A C   1 
ATOM   735  O O   . LEU A 1 95  ? 10.702  -1.228  4.418   1.00 14.13 ? 95  LEU A O   1 
ATOM   736  C CB  . LEU A 1 95  ? 8.931   -2.399  1.937   1.00 8.19  ? 95  LEU A CB  1 
ATOM   737  C CG  . LEU A 1 95  ? 7.675   -3.238  1.730   1.00 10.27 ? 95  LEU A CG  1 
ATOM   738  C CD1 . LEU A 1 95  ? 7.924   -4.355  0.726   1.00 15.01 ? 95  LEU A CD1 1 
ATOM   739  C CD2 . LEU A 1 95  ? 7.054   -3.804  3.004   1.00 14.11 ? 95  LEU A CD2 1 
ATOM   740  N N   . GLN A 1 96  ? 10.828  0.083   2.625   1.00 12.25 ? 96  GLN A N   1 
ATOM   741  C CA  . GLN A 1 96  ? 12.140  0.658   2.905   1.00 17.46 ? 96  GLN A CA  1 
ATOM   742  C C   . GLN A 1 96  ? 12.034  1.487   4.183   1.00 16.32 ? 96  GLN A C   1 
ATOM   743  O O   . GLN A 1 96  ? 12.860  1.399   5.124   1.00 17.14 ? 96  GLN A O   1 
ATOM   744  C CB  . GLN A 1 96  ? 12.619  1.509   1.729   1.00 22.30 ? 96  GLN A CB  1 
ATOM   745  C CG  . GLN A 1 96  ? 14.020  2.068   1.879   1.00 38.04 ? 96  GLN A CG  1 
ATOM   746  C CD  . GLN A 1 96  ? 14.491  2.915   0.703   1.00 41.26 ? 96  GLN A CD  1 
ATOM   747  O OE1 . GLN A 1 96  ? 13.819  2.989   -0.321  1.00 33.95 ? 96  GLN A OE1 1 
ATOM   748  N NE2 . GLN A 1 96  ? 15.640  3.571   0.845   1.00 41.76 ? 96  GLN A NE2 1 
ATOM   749  N N   . ASP A 1 97  ? 10.969  2.263   4.268   1.00 17.51 ? 97  ASP A N   1 
ATOM   750  C CA  . ASP A 1 97  ? 10.708  3.086   5.455   1.00 21.52 ? 97  ASP A CA  1 
ATOM   751  C C   . ASP A 1 97  ? 10.590  2.209   6.706   1.00 20.79 ? 97  ASP A C   1 
ATOM   752  O O   . ASP A 1 97  ? 11.115  2.563   7.757   1.00 21.75 ? 97  ASP A O   1 
ATOM   753  C CB  . ASP A 1 97  ? 9.398   3.884   5.371   1.00 22.46 ? 97  ASP A CB  1 
ATOM   754  C CG  . ASP A 1 97  ? 9.565   5.048   4.408   1.00 29.10 ? 97  ASP A CG  1 
ATOM   755  O OD1 . ASP A 1 97  ? 10.727  5.497   4.307   1.00 29.78 ? 97  ASP A OD1 1 
ATOM   756  O OD2 . ASP A 1 97  ? 8.609   5.498   3.739   1.00 34.54 ? 97  ASP A OD2 1 
ATOM   757  N N   . LEU A 1 98  ? 9.895   1.086   6.655   1.00 16.70 ? 98  LEU A N   1 
ATOM   758  C CA  . LEU A 1 98  ? 9.708   0.195   7.749   1.00 18.54 ? 98  LEU A CA  1 
ATOM   759  C C   . LEU A 1 98  ? 10.962  -0.657  8.002   1.00 20.05 ? 98  LEU A C   1 
ATOM   760  O O   . LEU A 1 98  ? 10.925  -1.370  9.021   1.00 21.48 ? 98  LEU A O   1 
ATOM   761  C CB  . LEU A 1 98  ? 8.534   -0.805  7.627   1.00 19.09 ? 98  LEU A CB  1 
ATOM   762  C CG  . LEU A 1 98  ? 7.165   -0.105  7.630   1.00 21.10 ? 98  LEU A CG  1 
ATOM   763  C CD1 . LEU A 1 98  ? 6.042   -1.036  7.207   1.00 20.19 ? 98  LEU A CD1 1 
ATOM   764  C CD2 . LEU A 1 98  ? 6.860   0.438   9.021   1.00 20.10 ? 98  LEU A CD2 1 
ATOM   765  N N   . GLY A 1 99  ? 11.996  -0.655  7.193   1.00 17.99 ? 99  GLY A N   1 
ATOM   766  C CA  . GLY A 1 99  ? 13.143  -1.502  7.496   1.00 14.87 ? 99  GLY A CA  1 
ATOM   767  C C   . GLY A 1 99  ? 12.962  -2.911  6.987   1.00 16.39 ? 99  GLY A C   1 
ATOM   768  O O   . GLY A 1 99  ? 13.707  -3.780  7.413   1.00 16.15 ? 99  GLY A O   1 
ATOM   769  N N   . ALA A 1 100 ? 12.023  -3.240  6.094   1.00 14.59 ? 100 ALA A N   1 
ATOM   770  C CA  . ALA A 1 100 ? 11.831  -4.609  5.625   1.00 16.86 ? 100 ALA A CA  1 
ATOM   771  C C   . ALA A 1 100 ? 12.989  -5.019  4.720   1.00 15.24 ? 100 ALA A C   1 
ATOM   772  O O   . ALA A 1 100 ? 13.630  -4.174  4.126   1.00 17.44 ? 100 ALA A O   1 
ATOM   773  C CB  . ALA A 1 100 ? 10.589  -4.736  4.725   1.00 16.18 ? 100 ALA A CB  1 
ATOM   774  N N   . LYS A 1 101 ? 13.337  -6.280  4.698   1.00 13.07 ? 101 LYS A N   1 
ATOM   775  C CA  . LYS A 1 101 ? 14.442  -6.677  3.809   1.00 13.88 ? 101 LYS A CA  1 
ATOM   776  C C   . LYS A 1 101 ? 14.094  -8.045  3.242   1.00 11.97 ? 101 LYS A C   1 
ATOM   777  O O   . LYS A 1 101 ? 13.437  -8.858  3.886   1.00 11.19 ? 101 LYS A O   1 
ATOM   778  C CB  A LYS A 1 101 ? 15.766  -6.694  4.576   0.50 16.04 ? 101 LYS A CB  1 
ATOM   779  C CB  B LYS A 1 101 ? 15.739  -6.949  4.571   0.50 19.24 ? 101 LYS A CB  1 
ATOM   780  C CG  A LYS A 1 101 ? 15.744  -7.769  5.651   0.50 15.04 ? 101 LYS A CG  1 
ATOM   781  C CG  B LYS A 1 101 ? 16.491  -5.882  5.319   0.50 20.88 ? 101 LYS A CG  1 
ATOM   782  C CD  A LYS A 1 101 ? 17.042  -7.851  6.441   0.50 21.09 ? 101 LYS A CD  1 
ATOM   783  C CD  B LYS A 1 101 ? 16.432  -4.551  4.603   0.50 27.37 ? 101 LYS A CD  1 
ATOM   784  C CE  A LYS A 1 101 ? 17.413  -6.466  6.955   0.50 19.44 ? 101 LYS A CE  1 
ATOM   785  C CE  B LYS A 1 101 ? 17.573  -3.611  4.977   0.50 27.19 ? 101 LYS A CE  1 
ATOM   786  N NZ  A LYS A 1 101 ? 18.405  -6.594  8.068   0.50 21.82 ? 101 LYS A NZ  1 
ATOM   787  N NZ  B LYS A 1 101 ? 18.867  -4.191  4.485   0.50 33.98 ? 101 LYS A NZ  1 
ATOM   788  N N   . LEU A 1 102 ? 14.520  -8.360  2.016   1.00 10.26 ? 102 LEU A N   1 
ATOM   789  C CA  . LEU A 1 102 ? 14.274  -9.672  1.454   1.00 7.74  ? 102 LEU A CA  1 
ATOM   790  C C   . LEU A 1 102 ? 15.659  -10.397 1.485   1.00 12.99 ? 102 LEU A C   1 
ATOM   791  O O   . LEU A 1 102 ? 16.639  -9.748  1.045   1.00 12.51 ? 102 LEU A O   1 
ATOM   792  C CB  . LEU A 1 102 ? 13.975  -9.529  -0.086  1.00 7.28  ? 102 LEU A CB  1 
ATOM   793  C CG  . LEU A 1 102 ? 13.680  -10.810 -0.806  1.00 10.15 ? 102 LEU A CG  1 
ATOM   794  C CD1 . LEU A 1 102 ? 12.454  -11.550 -0.289  1.00 13.02 ? 102 LEU A CD1 1 
ATOM   795  C CD2 . LEU A 1 102 ? 13.261  -10.574 -2.276  1.00 18.41 ? 102 LEU A CD2 1 
ATOM   796  N N   . VAL A 1 103 ? 15.691  -11.592 2.004   1.00 9.81  ? 103 VAL A N   1 
ATOM   797  C CA  . VAL A 1 103 ? 16.932  -12.345 2.104   1.00 15.48 ? 103 VAL A CA  1 
ATOM   798  C C   . VAL A 1 103 ? 16.877  -13.558 1.192   1.00 18.87 ? 103 VAL A C   1 
ATOM   799  O O   . VAL A 1 103 ? 15.997  -14.387 1.371   1.00 18.89 ? 103 VAL A O   1 
ATOM   800  C CB  . VAL A 1 103 ? 17.128  -12.930 3.500   1.00 14.64 ? 103 VAL A CB  1 
ATOM   801  C CG1 . VAL A 1 103 ? 18.493  -13.534 3.799   1.00 20.47 ? 103 VAL A CG1 1 
ATOM   802  C CG2 . VAL A 1 103 ? 16.932  -11.809 4.515   1.00 15.02 ? 103 VAL A CG2 1 
ATOM   803  N N   . LEU A 1 104 ? 17.890  -13.624 0.338   1.00 19.02 ? 104 LEU A N   1 
ATOM   804  C CA  . LEU A 1 104 ? 17.955  -14.779 -0.544  1.00 24.22 ? 104 LEU A CA  1 
ATOM   805  C C   . LEU A 1 104 ? 19.304  -15.440 -0.225  1.00 29.98 ? 104 LEU A C   1 
ATOM   806  O O   . LEU A 1 104 ? 19.403  -16.527 0.382   1.00 32.58 ? 104 LEU A O   1 
ATOM   807  C CB  . LEU A 1 104 ? 17.838  -14.342 -1.987  1.00 28.20 ? 104 LEU A CB  1 
ATOM   808  C CG  . LEU A 1 104 ? 17.433  -15.432 -2.990  1.00 36.20 ? 104 LEU A CG  1 
ATOM   809  C CD1 . LEU A 1 104 ? 18.345  -15.342 -4.197  1.00 44.46 ? 104 LEU A CD1 1 
ATOM   810  C CD2 . LEU A 1 104 ? 17.493  -16.848 -2.427  1.00 39.01 ? 104 LEU A CD2 1 
ATOM   811  O OXT . LEU A 1 104 ? 20.305  -14.806 -0.615  1.00 32.06 ? 104 LEU A OXT 1 
HETATM 812  S S1  A HYB B 2 .   ? 4.420   1.435   -11.898 0.50 15.61 ? 201 HYB A S1  1 
HETATM 813  S S1  B HYB B 2 .   ? -2.982  -15.256 -9.843  0.50 12.56 ? 201 HYB A S1  1 
HETATM 814  O O2  A HYB B 2 .   ? 4.044   1.401   -13.284 0.50 19.88 ? 201 HYB A O2  1 
HETATM 815  O O2  B HYB B 2 .   ? -4.207  -14.709 -10.347 0.50 17.37 ? 201 HYB A O2  1 
HETATM 816  O O3  A HYB B 2 .   ? 3.411   1.213   -10.913 0.50 19.03 ? 201 HYB A O3  1 
HETATM 817  O O3  B HYB B 2 .   ? -1.787  -15.119 -10.612 0.50 16.52 ? 201 HYB A O3  1 
HETATM 818  C C4  A HYB B 2 .   ? 7.070   -2.178  -16.616 0.50 22.25 ? 201 HYB A C4  1 
HETATM 819  C C4  B HYB B 2 .   ? -6.948  -11.245 -6.570  0.50 21.27 ? 201 HYB A C4  1 
HETATM 820  C C5  A HYB B 2 .   ? 5.900   -1.670  -16.138 0.50 22.47 ? 201 HYB A C5  1 
HETATM 821  C C5  B HYB B 2 .   ? -6.454  -11.551 -7.802  0.50 21.76 ? 201 HYB A C5  1 
HETATM 822  C C6  A HYB B 2 .   ? 5.650   -1.634  -14.709 0.50 20.42 ? 201 HYB A C6  1 
HETATM 823  C C6  B HYB B 2 .   ? -5.062  -11.928 -7.951  0.50 19.06 ? 201 HYB A C6  1 
HETATM 824  C C7  A HYB B 2 .   ? 6.577   -2.102  -13.846 0.50 16.97 ? 201 HYB A C7  1 
HETATM 825  C C7  B HYB B 2 .   ? -4.252  -11.983 -6.873  0.50 15.64 ? 201 HYB A C7  1 
HETATM 826  C C8  A HYB B 2 .   ? 7.869   -2.680  -14.339 0.50 19.85 ? 201 HYB A C8  1 
HETATM 827  C C8  B HYB B 2 .   ? -4.758  -11.639 -5.505  0.50 18.20 ? 201 HYB A C8  1 
HETATM 828  C C9  A HYB B 2 .   ? 8.074   -2.687  -15.724 0.50 22.66 ? 201 HYB A C9  1 
HETATM 829  C C9  B HYB B 2 .   ? -6.111  -11.287 -5.402  0.50 21.63 ? 201 HYB A C9  1 
HETATM 830  C C10 A HYB B 2 .   ? 9.301   -3.207  -16.261 0.50 19.04 ? 201 HYB A C10 1 
HETATM 831  C C10 B HYB B 2 .   ? -6.670  -10.969 -4.119  0.50 17.76 ? 201 HYB A C10 1 
HETATM 832  C C11 A HYB B 2 .   ? 10.254  -3.706  -15.413 0.50 18.84 ? 201 HYB A C11 1 
HETATM 833  C C11 B HYB B 2 .   ? -5.866  -10.994 -3.008  0.50 17.26 ? 201 HYB A C11 1 
HETATM 834  C C12 A HYB B 2 .   ? 10.042  -3.706  -14.006 0.50 23.42 ? 201 HYB A C12 1 
HETATM 835  C C12 B HYB B 2 .   ? -4.490  -11.341 -3.113  0.50 22.06 ? 201 HYB A C12 1 
HETATM 836  C C13 A HYB B 2 .   ? 8.853   -3.190  -13.483 0.50 17.94 ? 201 HYB A C13 1 
HETATM 837  C C13 B HYB B 2 .   ? -3.952  -11.666 -4.361  0.50 16.47 ? 201 HYB A C13 1 
HETATM 838  O O14 A HYB B 2 .   ? 5.298   -7.389  -8.943  0.50 12.26 ? 201 HYB A O14 1 
HETATM 839  O O14 B HYB B 2 .   ? 3.768   -8.139  -7.140  0.50 20.46 ? 201 HYB A O14 1 
HETATM 840  C C15 A HYB B 2 .   ? 3.921   -7.775  -9.304  0.50 8.24  ? 201 HYB A C15 1 
HETATM 841  C C15 B HYB B 2 .   ? 2.941   -7.516  -8.108  0.50 15.27 ? 201 HYB A C15 1 
HETATM 842  N N16 A HYB B 2 .   ? 3.633   -5.468  -10.012 0.50 8.13  ? 201 HYB A N16 1 
HETATM 843  N N16 B HYB B 2 .   ? 1.297   -9.371  -8.336  0.50 6.43  ? 201 HYB A N16 1 
HETATM 844  C C17 A HYB B 2 .   ? 3.550   -6.855  -10.501 0.50 9.99  ? 201 HYB A C17 1 
HETATM 845  C C17 B HYB B 2 .   ? 1.358   -7.939  -8.012  0.50 12.00 ? 201 HYB A C17 1 
HETATM 846  C C18 A HYB B 2 .   ? 4.550   -7.005  -11.673 0.50 6.21  ? 201 HYB A C18 1 
HETATM 847  C C18 B HYB B 2 .   ? 0.653   -7.390  -6.756  0.50 14.67 ? 201 HYB A C18 1 
HETATM 848  C C19 A HYB B 2 .   ? 4.216   -6.423  -13.031 0.50 6.94  ? 201 HYB A C19 1 
HETATM 849  C C19 B HYB B 2 .   ? -0.842  -7.540  -7.076  0.50 18.61 ? 201 HYB A C19 1 
HETATM 850  C C20 A HYB B 2 .   ? 4.665   -5.170  -13.463 0.50 16.39 ? 201 HYB A C20 1 
HETATM 851  C C20 B HYB B 2 .   ? -1.578  -8.665  -6.690  0.50 21.72 ? 201 HYB A C20 1 
HETATM 852  C C21 A HYB B 2 .   ? 4.399   -4.667  -14.742 0.50 20.94 ? 201 HYB A C21 1 
HETATM 853  C C21 B HYB B 2 .   ? -2.947  -8.749  -7.003  0.50 25.46 ? 201 HYB A C21 1 
HETATM 854  C C22 A HYB B 2 .   ? 3.644   -5.445  -15.628 0.50 21.72 ? 201 HYB A C22 1 
HETATM 855  C C22 B HYB B 2 .   ? -3.574  -7.729  -7.731  0.50 24.52 ? 201 HYB A C22 1 
HETATM 856  C C23 A HYB B 2 .   ? 3.207   -6.707  -15.232 0.50 17.14 ? 201 HYB A C23 1 
HETATM 857  C C23 B HYB B 2 .   ? -2.830  -6.607  -8.113  0.50 23.69 ? 201 HYB A C23 1 
HETATM 858  C C24 A HYB B 2 .   ? 3.484   -7.192  -13.951 0.50 16.26 ? 201 HYB A C24 1 
HETATM 859  C C24 B HYB B 2 .   ? -1.461  -6.515  -7.805  0.50 19.70 ? 201 HYB A C24 1 
HETATM 860  N N25 A HYB B 2 .   ? 3.595   -2.483  -10.642 0.50 9.11  ? 201 HYB A N25 1 
HETATM 861  N N25 B HYB B 2 .   ? -0.634  -11.848 -9.370  0.50 8.72  ? 201 HYB A N25 1 
HETATM 862  C C26 A HYB B 2 .   ? 2.944   -3.162  -9.492  0.50 4.80  ? 201 HYB A C26 1 
HETATM 863  C C26 B HYB B 2 .   ? 0.768   -11.447 -9.660  0.50 5.70  ? 201 HYB A C26 1 
HETATM 864  C C27 A HYB B 2 .   ? 2.575   -4.580  -10.074 0.50 7.43  ? 201 HYB A C27 1 
HETATM 865  C C27 B HYB B 2 .   ? 0.684   -9.879  -9.473  0.50 10.88 ? 201 HYB A C27 1 
HETATM 866  O O28 A HYB B 2 .   ? 1.472   -4.912  -10.479 0.50 8.24  ? 201 HYB A O28 1 
HETATM 867  O O28 B HYB B 2 .   ? 0.109   -9.163  -10.280 0.50 12.42 ? 201 HYB A O28 1 
HETATM 868  C C29 A HYB B 2 .   ? 1.721   -2.406  -8.917  0.50 7.39  ? 201 HYB A C29 1 
HETATM 869  C C29 B HYB B 2 .   ? 1.302   -11.860 -11.051 0.50 8.34  ? 201 HYB A C29 1 
HETATM 870  C C30 A HYB B 2 .   ? 0.893   -3.307  -7.986  0.50 6.71  ? 201 HYB A C30 1 
HETATM 871  C C30 B HYB B 2 .   ? 2.825   -11.639 -11.129 0.50 6.63  ? 201 HYB A C30 1 
HETATM 872  C C31 A HYB B 2 .   ? 2.272   -1.150  -8.202  0.50 7.05  ? 201 HYB A C31 1 
HETATM 873  C C31 B HYB B 2 .   ? 1.029   -13.345 -11.375 0.50 7.82  ? 201 HYB A C31 1 
HETATM 874  C C32 A HYB B 2 .   ? 4.745   -1.760  -10.552 0.50 9.72  ? 201 HYB A C32 1 
HETATM 875  C C32 B HYB B 2 .   ? -0.951  -12.843 -8.500  0.50 7.67  ? 201 HYB A C32 1 
HETATM 876  O O33 A HYB B 2 .   ? 5.378   -1.626  -9.498  0.50 12.45 ? 201 HYB A O33 1 
HETATM 877  O O33 B HYB B 2 .   ? -0.109  -13.488 -7.859  0.50 10.49 ? 201 HYB A O33 1 
HETATM 878  C C34 A HYB B 2 .   ? 5.270   -1.185  -11.884 0.50 12.18 ? 201 HYB A C34 1 
HETATM 879  C C34 B HYB B 2 .   ? -2.461  -13.070 -8.266  0.50 9.44  ? 201 HYB A C34 1 
HETATM 880  C C35 A HYB B 2 .   ? 6.412   -2.142  -12.317 0.50 12.81 ? 201 HYB A C35 1 
HETATM 881  C C35 B HYB B 2 .   ? -2.755  -12.343 -6.927  0.50 9.71  ? 201 HYB A C35 1 
HETATM 882  C C36 A HYB B 2 .   ? 5.778   0.286   -11.748 0.50 11.71 ? 201 HYB A C36 1 
HETATM 883  C C36 B HYB B 2 .   ? -2.815  -14.589 -8.194  0.50 8.01  ? 201 HYB A C36 1 
HETATM 884  C C37 A HYB B 2 .   ? 5.491   3.232   -10.031 0.50 20.06 ? 201 HYB A C37 1 
HETATM 885  C C37 B HYB B 2 .   ? -1.890  -17.762 -9.201  0.50 17.36 ? 201 HYB A C37 1 
HETATM 886  C C38 A HYB B 2 .   ? 5.131   3.094   -11.532 0.50 17.42 ? 201 HYB A C38 1 
HETATM 887  C C38 B HYB B 2 .   ? -3.211  -17.071 -9.625  0.50 14.39 ? 201 HYB A C38 1 
HETATM 888  C C39 A HYB B 2 .   ? 3.988   4.099   -11.815 0.50 16.30 ? 201 HYB A C39 1 
HETATM 889  C C39 B HYB B 2 .   ? -3.561  -17.613 -11.031 0.50 14.06 ? 201 HYB A C39 1 
HETATM 890  C C40 A HYB B 2 .   ? 6.345   3.367   -12.454 0.50 19.07 ? 201 HYB A C40 1 
HETATM 891  C C40 B HYB B 2 .   ? -4.361  -17.344 -8.624  0.50 16.43 ? 201 HYB A C40 1 
HETATM 892  O O   . HOH C 3 .   ? -0.058  -6.633  -11.728 0.50 11.38 ? 301 HOH A O   1 
HETATM 893  O O   . HOH C 3 .   ? 10.105  -3.842  -7.122  1.00 11.42 ? 302 HOH A O   1 
HETATM 894  O O   . HOH C 3 .   ? 8.511   -3.432  -9.471  1.00 11.76 ? 303 HOH A O   1 
HETATM 895  O O   . HOH C 3 .   ? -2.658  5.858   11.351  1.00 20.23 ? 304 HOH A O   1 
HETATM 896  O O   . HOH C 3 .   ? -6.206  10.365  2.950   1.00 15.26 ? 305 HOH A O   1 
HETATM 897  O O   . HOH C 3 .   ? -5.695  -5.775  1.423   1.00 18.12 ? 306 HOH A O   1 
HETATM 898  O O   . HOH C 3 .   ? 14.996  -1.719  3.791   1.00 20.85 ? 307 HOH A O   1 
HETATM 899  O O   . HOH C 3 .   ? -8.503  2.757   -10.604 1.00 18.88 ? 308 HOH A O   1 
HETATM 900  O O   . HOH C 3 .   ? -10.242 -3.841  -0.905  1.00 24.43 ? 309 HOH A O   1 
HETATM 901  O O   . HOH C 3 .   ? -8.261  -6.965  2.693   1.00 59.93 ? 310 HOH A O   1 
HETATM 902  O O   . HOH C 3 .   ? 2.592   5.419   -3.351  1.00 23.89 ? 311 HOH A O   1 
HETATM 903  O O   . HOH C 3 .   ? 4.928   8.303   -13.614 1.00 35.93 ? 312 HOH A O   1 
HETATM 904  O O   . HOH C 3 .   ? -8.178  2.988   -15.040 1.00 28.52 ? 313 HOH A O   1 
HETATM 905  O O   . HOH C 3 .   ? -15.589 0.553   1.398   1.00 22.61 ? 314 HOH A O   1 
HETATM 906  O O   . HOH C 3 .   ? 7.226   10.092  7.774   1.00 31.90 ? 315 HOH A O   1 
HETATM 907  O O   . HOH C 3 .   ? -15.102 9.273   9.494   1.00 25.27 ? 316 HOH A O   1 
HETATM 908  O O   . HOH C 3 .   ? 1.961   7.055   -11.107 1.00 29.05 ? 317 HOH A O   1 
HETATM 909  O O   . HOH C 3 .   ? 4.091   -18.676 5.744   1.00 33.79 ? 318 HOH A O   1 
HETATM 910  O O   . HOH C 3 .   ? 6.972   9.198   15.554  1.00 66.56 ? 319 HOH A O   1 
HETATM 911  O O   . HOH C 3 .   ? 4.647   -15.579 3.994   1.00 16.86 ? 320 HOH A O   1 
HETATM 912  O O   . HOH C 3 .   ? -0.787  13.120  -7.584  1.00 37.73 ? 321 HOH A O   1 
HETATM 913  O O   . HOH C 3 .   ? 15.423  0.321   5.168   1.00 29.17 ? 322 HOH A O   1 
HETATM 914  O O   . HOH C 3 .   ? 2.871   7.701   -4.093  1.00 44.12 ? 323 HOH A O   1 
HETATM 915  O O   . HOH C 3 .   ? 4.941   -14.713 9.009   1.00 34.52 ? 324 HOH A O   1 
HETATM 916  O O   . HOH C 3 .   ? 2.951   2.483   -15.723 1.00 44.85 ? 325 HOH A O   1 
HETATM 917  O O   . HOH C 3 .   ? 3.178   -2.442  15.137  1.00 33.85 ? 326 HOH A O   1 
HETATM 918  O O   . HOH C 3 .   ? 9.216   3.300   -10.200 1.00 30.92 ? 327 HOH A O   1 
HETATM 919  O O   . HOH C 3 .   ? 10.120  2.991   -4.743  1.00 32.54 ? 328 HOH A O   1 
HETATM 920  O O   . HOH C 3 .   ? -10.948 -1.771  9.337   1.00 36.76 ? 329 HOH A O   1 
HETATM 921  O O   . HOH C 3 .   ? -8.426  5.700   -8.866  1.00 33.71 ? 330 HOH A O   1 
HETATM 922  O O   . HOH C 3 .   ? -14.843 0.643   -10.515 1.00 56.05 ? 331 HOH A O   1 
HETATM 923  O O   . HOH C 3 .   ? -10.254 -8.453  -2.129  1.00 35.39 ? 332 HOH A O   1 
HETATM 924  O O   . HOH C 3 .   ? -10.631 -6.519  3.635   1.00 34.90 ? 333 HOH A O   1 
HETATM 925  O O   . HOH C 3 .   ? -10.759 15.158  2.536   1.00 34.80 ? 334 HOH A O   1 
HETATM 926  O O   . HOH C 3 .   ? 0.626   -13.354 7.186   1.00 29.49 ? 335 HOH A O   1 
HETATM 927  O O   . HOH C 3 .   ? -16.017 -1.441  2.112   1.00 30.68 ? 336 HOH A O   1 
HETATM 928  O O   . HOH C 3 .   ? 12.545  2.841   -6.339  1.00 36.36 ? 337 HOH A O   1 
HETATM 929  O O   . HOH C 3 .   ? -10.656 5.240   -7.352  1.00 41.15 ? 338 HOH A O   1 
HETATM 930  O O   . HOH C 3 .   ? 10.967  5.353   0.920   1.00 33.24 ? 339 HOH A O   1 
HETATM 931  O O   . HOH C 3 .   ? -3.764  -18.253 5.660   1.00 68.87 ? 340 HOH A O   1 
HETATM 932  O O   . HOH C 3 .   ? 0.578   12.731  5.067   1.00 30.89 ? 341 HOH A O   1 
HETATM 933  O O   . HOH C 3 .   ? -1.647  -14.332 4.215   1.00 30.89 ? 342 HOH A O   1 
HETATM 934  O O   . HOH C 3 .   ? -16.605 1.325   -0.794  1.00 34.65 ? 343 HOH A O   1 
HETATM 935  O O   . HOH C 3 .   ? -8.546  -5.142  5.894   1.00 32.46 ? 344 HOH A O   1 
HETATM 936  O O   . HOH C 3 .   ? 1.693   -10.551 10.078  1.00 40.53 ? 345 HOH A O   1 
HETATM 937  O O   . HOH C 3 .   ? -3.316  -0.361  -20.737 1.00 46.30 ? 346 HOH A O   1 
HETATM 938  O O   . HOH C 3 .   ? -13.699 -2.926  2.636   1.00 42.33 ? 347 HOH A O   1 
HETATM 939  O O   . HOH C 3 .   ? 2.233   -14.937 5.788   1.00 67.19 ? 348 HOH A O   1 
HETATM 940  O O   . HOH C 3 .   ? -8.170  15.052  -7.947  1.00 56.95 ? 349 HOH A O   1 
HETATM 941  O O   . HOH C 3 .   ? -8.975  8.066   -10.239 1.00 43.19 ? 350 HOH A O   1 
HETATM 942  O O   . HOH C 3 .   ? 1.709   10.507  -4.924  1.00 62.57 ? 351 HOH A O   1 
HETATM 943  O O   . HOH C 3 .   ? 2.251   -0.582  -18.421 1.00 48.42 ? 352 HOH A O   1 
HETATM 944  O O   . HOH C 3 .   ? -1.739  -17.168 0.903   1.00 22.88 ? 353 HOH A O   1 
HETATM 945  O O   . HOH C 3 .   ? -0.075  8.156   -10.107 1.00 32.73 ? 354 HOH A O   1 
HETATM 946  O O   . HOH C 3 .   ? -3.565  7.617   -13.909 1.00 29.50 ? 355 HOH A O   1 
HETATM 947  O O   . HOH C 3 .   ? -3.287  8.872   11.959  1.00 40.91 ? 356 HOH A O   1 
HETATM 948  O O   . HOH C 3 .   ? 5.126   11.802  -0.107  1.00 65.52 ? 357 HOH A O   1 
HETATM 949  O O   . HOH C 3 .   ? -17.229 9.322   15.701  1.00 46.80 ? 358 HOH A O   1 
HETATM 950  O O   . HOH C 3 .   ? 8.572   9.654   10.479  1.00 43.97 ? 359 HOH A O   1 
HETATM 951  O O   . HOH C 3 .   ? -10.527 8.562   -17.788 1.00 49.26 ? 360 HOH A O   1 
HETATM 952  O O   . HOH C 3 .   ? 11.362  5.560   -2.042  1.00 52.03 ? 361 HOH A O   1 
HETATM 953  O O   . HOH C 3 .   ? -8.266  9.200   -13.044 1.00 44.59 ? 362 HOH A O   1 
HETATM 954  O O   . HOH C 3 .   ? -10.273 10.151  -9.190  1.00 43.80 ? 363 HOH A O   1 
HETATM 955  O O   . HOH C 3 .   ? 13.112  3.605   -3.546  1.00 38.94 ? 364 HOH A O   1 
HETATM 956  O O   . HOH C 3 .   ? -4.083  18.274  -7.971  1.00 49.52 ? 365 HOH A O   1 
HETATM 957  O O   . HOH C 3 .   ? 6.654   6.799   0.824   1.00 65.70 ? 366 HOH A O   1 
HETATM 958  O O   . HOH C 3 .   ? 3.799   6.942   -9.444  1.00 49.40 ? 367 HOH A O   1 
HETATM 959  O O   . HOH C 3 .   ? -4.530  -13.320 1.136   1.00 41.99 ? 368 HOH A O   1 
HETATM 960  O O   . HOH C 3 .   ? 8.450   5.055   -8.198  1.00 66.87 ? 369 HOH A O   1 
HETATM 961  O O   . HOH C 3 .   ? -5.379  8.872   -13.327 1.00 40.60 ? 370 HOH A O   1 
HETATM 962  O O   . HOH C 3 .   ? 10.675  -9.469  13.950  1.00 44.10 ? 371 HOH A O   1 
HETATM 963  O O   . HOH C 3 .   ? 2.800   7.024   -13.586 1.00 37.21 ? 372 HOH A O   1 
HETATM 964  O O   . HOH C 3 .   ? 8.097   9.275   -1.829  1.00 48.94 ? 373 HOH A O   1 
HETATM 965  O O   . HOH C 3 .   ? 10.437  3.952   -7.756  1.00 53.06 ? 374 HOH A O   1 
HETATM 966  O O   . HOH C 3 .   ? 13.509  -1.311  13.972  1.00 59.12 ? 375 HOH A O   1 
HETATM 967  O O   . HOH C 3 .   ? 6.242   8.007   -6.369  1.00 67.57 ? 376 HOH A O   1 
HETATM 968  O O   . HOH C 3 .   ? -17.583 2.209   2.698   1.00 48.60 ? 377 HOH A O   1 
HETATM 969  O O   . HOH C 3 .   ? -6.341  16.037  -12.916 1.00 53.67 ? 378 HOH A O   1 
HETATM 970  O O   . HOH C 3 .   ? 10.820  4.411   9.521   1.00 65.21 ? 379 HOH A O   1 
HETATM 971  O O   . HOH C 3 .   ? 14.650  2.525   -8.183  1.00 46.61 ? 380 HOH A O   1 
HETATM 972  O O   . HOH C 3 .   ? -6.224  -7.959  7.848   1.00 32.69 ? 381 HOH A O   1 
HETATM 973  O O   . HOH C 3 .   ? -0.165  0.264   17.596  1.00 54.38 ? 382 HOH A O   1 
HETATM 974  O O   . HOH C 3 .   ? 9.274   8.019   1.069   1.00 68.71 ? 383 HOH A O   1 
HETATM 975  O O   . HOH C 3 .   ? 1.747   -3.331  -17.858 1.00 39.30 ? 384 HOH A O   1 
HETATM 976  O O   . HOH C 3 .   ? 9.564   9.547   15.562  1.00 73.68 ? 385 HOH A O   1 
HETATM 977  O O   . HOH C 3 .   ? -18.712 3.979   1.075   1.00 61.14 ? 386 HOH A O   1 
HETATM 978  O O   . HOH C 3 .   ? -2.155  16.479  -11.801 0.50 26.80 ? 387 HOH A O   1 
HETATM 979  O O   . HOH C 3 .   ? 12.368  2.006   -1.560  1.00 36.69 ? 388 HOH A O   1 
HETATM 980  O O   . HOH C 3 .   ? 0.486   4.776   -16.511 1.00 33.87 ? 389 HOH A O   1 
HETATM 981  O O   . HOH C 3 .   ? 2.625   0.364   16.056  1.00 35.92 ? 390 HOH A O   1 
HETATM 982  O O   . HOH C 3 .   ? -16.034 8.363   11.699  1.00 64.15 ? 391 HOH A O   1 
HETATM 983  O O   . HOH C 3 .   ? 4.194   -16.412 6.519   1.00 33.95 ? 392 HOH A O   1 
HETATM 984  O O   . HOH C 3 .   ? -5.536  10.689  9.586   1.00 40.13 ? 393 HOH A O   1 
HETATM 985  O O   . HOH C 3 .   ? 2.013   13.396  2.908   1.00 46.32 ? 394 HOH A O   1 
HETATM 986  O O   . HOH C 3 .   ? -14.675 1.286   -6.811  1.00 58.67 ? 395 HOH A O   1 
HETATM 987  O O   . HOH C 3 .   ? 8.397   7.312   14.214  1.00 61.42 ? 396 HOH A O   1 
HETATM 988  O O   . HOH C 3 .   ? -10.516 3.297   14.520  1.00 53.47 ? 397 HOH A O   1 
HETATM 989  O O   . HOH C 3 .   ? 3.633   7.062   15.985  1.00 57.64 ? 398 HOH A O   1 
HETATM 990  O O   . HOH C 3 .   ? 8.287   5.214   -15.602 1.00 56.61 ? 399 HOH A O   1 
HETATM 991  O O   . HOH C 3 .   ? -10.373 -13.669 1.440   1.00 41.12 ? 400 HOH A O   1 
HETATM 992  O O   . HOH C 3 .   ? 9.190   5.315   -12.712 1.00 48.48 ? 401 HOH A O   1 
HETATM 993  O O   . HOH C 3 .   ? -15.223 8.214   14.256  1.00 64.04 ? 402 HOH A O   1 
HETATM 994  O O   . HOH C 3 .   ? 0.884   -4.596  -20.321 1.00 59.53 ? 403 HOH A O   1 
HETATM 995  O O   . HOH C 3 .   ? -11.156 14.091  -0.248  1.00 52.89 ? 404 HOH A O   1 
HETATM 996  O O   . HOH C 3 .   ? -0.016  -8.268  -20.793 1.00 46.72 ? 405 HOH A O   1 
HETATM 997  O O   . HOH C 3 .   ? -12.662 12.869  2.096   1.00 50.00 ? 406 HOH A O   1 
HETATM 998  O O   . HOH C 3 .   ? -0.919  -1.560  -21.345 1.00 66.43 ? 407 HOH A O   1 
HETATM 999  O O   . HOH C 3 .   ? 5.500   10.093  -2.166  1.00 62.56 ? 408 HOH A O   1 
HETATM 1000 O O   . HOH C 3 .   ? 3.186   5.499   -0.971  1.00 76.64 ? 409 HOH A O   1 
HETATM 1001 O O   . HOH C 3 .   ? -15.089 7.691   6.823   1.00 48.41 ? 410 HOH A O   1 
HETATM 1002 O O   . HOH C 3 .   ? -4.110  -8.413  2.169   1.00 57.85 ? 411 HOH A O   1 
HETATM 1003 O O   . HOH C 3 .   ? -9.807  1.334   -13.257 1.00 55.52 ? 412 HOH A O   1 
HETATM 1004 O O   . HOH C 3 .   ? 7.379   10.342  3.687   1.00 77.95 ? 413 HOH A O   1 
HETATM 1005 O O   . HOH C 3 .   ? 5.696   13.421  3.771   1.00 61.67 ? 414 HOH A O   1 
HETATM 1006 O O   . HOH C 3 .   ? 1.387   2.484   18.407  1.00 77.24 ? 415 HOH A O   1 
HETATM 1007 O O   . HOH C 3 .   ? 16.874  -10.403 8.021   1.00 64.53 ? 416 HOH A O   1 
HETATM 1008 O O   . HOH C 3 .   ? 3.322   -1.438  17.236  1.00 61.34 ? 417 HOH A O   1 
HETATM 1009 O O   . HOH C 3 .   ? 15.983  3.144   -9.697  1.00 64.50 ? 418 HOH A O   1 
HETATM 1010 O O   . HOH C 3 .   ? 3.723   7.093   -7.195  1.00 66.66 ? 419 HOH A O   1 
HETATM 1011 O O   . HOH C 3 .   ? -10.588 4.467   -11.879 1.00 71.08 ? 420 HOH A O   1 
HETATM 1012 O O   . HOH C 3 .   ? -12.673 -4.615  0.759   1.00 71.97 ? 421 HOH A O   1 
HETATM 1013 O O   . HOH C 3 .   ? -6.077  -21.067 4.278   1.00 63.67 ? 422 HOH A O   1 
HETATM 1014 O O   . HOH C 3 .   ? -10.366 10.502  -15.369 1.00 71.79 ? 423 HOH A O   1 
HETATM 1015 O O   . HOH C 3 .   ? 2.081   5.100   -14.899 1.00 52.03 ? 424 HOH A O   1 
HETATM 1016 O O   . HOH C 3 .   ? -10.432 16.366  -2.463  1.00 67.02 ? 425 HOH A O   1 
HETATM 1017 O O   . HOH C 3 .   ? -6.345  1.762   -18.877 1.00 66.13 ? 426 HOH A O   1 
HETATM 1018 O O   . HOH C 3 .   ? -14.184 0.716   9.198   1.00 68.11 ? 427 HOH A O   1 
HETATM 1019 O O   . HOH C 3 .   ? 6.861   -17.411 8.193   1.00 67.78 ? 428 HOH A O   1 
# 
